data_1UQR
#
_entry.id   1UQR
#
_cell.length_a   129.095
_cell.length_b   131.333
_cell.length_c   161.619
_cell.angle_alpha   90.00
_cell.angle_beta   90.00
_cell.angle_gamma   90.00
#
_symmetry.space_group_name_H-M   'P 21 21 21'
#
loop_
_entity.id
_entity.type
_entity.pdbx_description
1 polymer '3-DEHYDROQUINATE DEHYDRATASE'
2 non-polymer 'SULFATE ION'
3 non-polymer 2-AMINO-2-HYDROXYMETHYL-PROPANE-1,3-DIOL
4 water water
#
_entity_poly.entity_id   1
_entity_poly.type   'polypeptide(L)'
_entity_poly.pdbx_seq_one_letter_code
;MKKILLLNGPNLNMLGKREPHIYGSQTLSDIEQHLQQSAQAQGYELDYFQANGEESLINRIHQAFQNTDFIIINPGAFTH
TSVAIRDALLAVSIPFIEVHLSNVHAREPFRHHSYLSDVAKGVICGLGAKGYDYALDFAISELQKIQLGEMMNG
;
_entity_poly.pdbx_strand_id   A,B,C,D,E,F,G,H,I,J,K,L
#
loop_
_chem_comp.id
_chem_comp.type
_chem_comp.name
_chem_comp.formula
SO4 non-polymer 'SULFATE ION' 'O4 S -2'
TRS non-polymer 2-AMINO-2-HYDROXYMETHYL-PROPANE-1,3-DIOL 'C4 H12 N O3 1'
#
# COMPACT_ATOMS: atom_id res chain seq x y z
N MET A 1 -37.58 5.86 -35.05
CA MET A 1 -37.78 5.34 -33.66
C MET A 1 -36.44 5.17 -32.96
N LYS A 2 -36.28 5.77 -31.79
CA LYS A 2 -35.05 5.66 -31.03
C LYS A 2 -34.87 4.23 -30.52
N LYS A 3 -33.63 3.80 -30.38
CA LYS A 3 -33.36 2.43 -29.93
C LYS A 3 -32.47 2.35 -28.69
N ILE A 4 -32.84 1.45 -27.80
CA ILE A 4 -32.10 1.22 -26.57
C ILE A 4 -31.60 -0.23 -26.62
N LEU A 5 -30.39 -0.47 -26.14
CA LEU A 5 -29.83 -1.82 -26.14
C LEU A 5 -29.53 -2.27 -24.71
N LEU A 6 -30.08 -3.42 -24.34
CA LEU A 6 -29.87 -4.00 -23.01
C LEU A 6 -28.81 -5.09 -23.17
N LEU A 7 -27.76 -5.02 -22.36
CA LEU A 7 -26.66 -5.99 -22.40
C LEU A 7 -26.48 -6.62 -21.03
N ASN A 8 -26.34 -7.93 -21.00
CA ASN A 8 -26.12 -8.64 -19.75
C ASN A 8 -24.89 -9.51 -19.95
N GLY A 9 -23.98 -9.44 -18.97
CA GLY A 9 -22.73 -10.18 -19.04
C GLY A 9 -22.74 -11.62 -18.56
N PRO A 10 -21.54 -12.17 -18.29
CA PRO A 10 -21.45 -13.57 -17.85
C PRO A 10 -22.30 -14.00 -16.66
N ASN A 11 -22.81 -15.23 -16.76
CA ASN A 11 -23.62 -15.88 -15.73
C ASN A 11 -25.03 -15.32 -15.51
N LEU A 12 -25.34 -14.17 -16.10
CA LEU A 12 -26.68 -13.61 -15.91
C LEU A 12 -27.73 -14.47 -16.61
N ASN A 13 -27.30 -15.30 -17.56
CA ASN A 13 -28.20 -16.21 -18.26
C ASN A 13 -28.71 -17.27 -17.28
N MET A 14 -28.01 -17.43 -16.15
CA MET A 14 -28.38 -18.44 -15.16
C MET A 14 -29.41 -18.00 -14.13
N LEU A 15 -29.90 -16.76 -14.24
CA LEU A 15 -30.88 -16.25 -13.29
C LEU A 15 -32.10 -17.17 -13.14
N GLY A 16 -32.62 -17.25 -11.91
CA GLY A 16 -33.79 -18.08 -11.66
C GLY A 16 -33.49 -19.43 -11.07
N LYS A 17 -32.33 -19.99 -11.40
CA LYS A 17 -31.93 -21.30 -10.91
C LYS A 17 -33.00 -22.36 -11.20
N ARG A 18 -33.21 -23.28 -10.26
CA ARG A 18 -34.20 -24.35 -10.44
C ARG A 18 -35.65 -23.86 -10.34
N GLU A 19 -36.49 -24.31 -11.26
CA GLU A 19 -37.90 -23.94 -11.30
C GLU A 19 -38.14 -22.51 -10.79
N PRO A 20 -37.76 -21.51 -11.60
CA PRO A 20 -37.93 -20.09 -11.25
C PRO A 20 -39.36 -19.63 -10.98
N HIS A 21 -40.30 -20.12 -11.80
CA HIS A 21 -41.70 -19.73 -11.67
C HIS A 21 -42.52 -20.48 -10.63
N ILE A 22 -41.87 -21.01 -9.61
CA ILE A 22 -42.58 -21.74 -8.58
C ILE A 22 -42.75 -20.95 -7.28
N TYR A 23 -41.97 -19.88 -7.12
CA TYR A 23 -42.10 -19.07 -5.92
C TYR A 23 -41.85 -17.57 -6.11
N GLY A 24 -42.03 -17.07 -7.32
CA GLY A 24 -41.82 -15.65 -7.54
C GLY A 24 -40.44 -15.23 -8.03
N SER A 25 -39.60 -16.19 -8.40
CA SER A 25 -38.28 -15.86 -8.89
C SER A 25 -38.42 -15.64 -10.39
N GLN A 26 -37.38 -15.13 -11.04
CA GLN A 26 -37.47 -14.92 -12.48
C GLN A 26 -36.18 -15.19 -13.24
N THR A 27 -36.36 -15.51 -14.52
CA THR A 27 -35.27 -15.82 -15.42
C THR A 27 -34.84 -14.56 -16.16
N LEU A 28 -33.74 -14.65 -16.90
CA LEU A 28 -33.28 -13.52 -17.67
C LEU A 28 -34.28 -13.32 -18.81
N SER A 29 -34.84 -14.42 -19.30
CA SER A 29 -35.83 -14.37 -20.38
C SER A 29 -37.02 -13.52 -19.94
N ASP A 30 -37.45 -13.69 -18.70
CA ASP A 30 -38.58 -12.93 -18.15
C ASP A 30 -38.27 -11.44 -18.15
N ILE A 31 -37.08 -11.10 -17.67
CA ILE A 31 -36.64 -9.70 -17.58
C ILE A 31 -36.53 -9.05 -18.95
N GLU A 32 -35.95 -9.77 -19.90
CA GLU A 32 -35.79 -9.27 -21.25
C GLU A 32 -37.16 -9.00 -21.91
N GLN A 33 -38.10 -9.93 -21.75
CA GLN A 33 -39.43 -9.76 -22.33
C GLN A 33 -40.12 -8.54 -21.71
N HIS A 34 -40.03 -8.43 -20.38
CA HIS A 34 -40.63 -7.33 -19.62
C HIS A 34 -40.13 -5.96 -20.09
N LEU A 35 -38.82 -5.82 -20.18
CA LEU A 35 -38.22 -4.55 -20.61
C LEU A 35 -38.52 -4.23 -22.06
N GLN A 36 -38.48 -5.24 -22.92
CA GLN A 36 -38.74 -5.07 -24.35
C GLN A 36 -40.17 -4.55 -24.55
N GLN A 37 -41.13 -5.22 -23.93
CA GLN A 37 -42.55 -4.83 -24.04
C GLN A 37 -42.81 -3.45 -23.46
N SER A 38 -42.18 -3.17 -22.32
CA SER A 38 -42.36 -1.89 -21.65
C SER A 38 -41.81 -0.74 -22.48
N ALA A 39 -40.68 -0.96 -23.15
CA ALA A 39 -40.09 0.08 -24.00
C ALA A 39 -40.98 0.31 -25.21
N GLN A 40 -41.51 -0.78 -25.77
CA GLN A 40 -42.37 -0.72 -26.94
C GLN A 40 -43.66 0.04 -26.65
N ALA A 41 -44.18 -0.13 -25.43
CA ALA A 41 -45.40 0.55 -25.03
C ALA A 41 -45.21 2.06 -24.98
N GLN A 42 -43.96 2.50 -24.87
CA GLN A 42 -43.66 3.93 -24.82
C GLN A 42 -43.21 4.44 -26.19
N GLY A 43 -43.25 3.57 -27.19
CA GLY A 43 -42.86 3.96 -28.53
C GLY A 43 -41.38 3.86 -28.85
N TYR A 44 -40.66 3.05 -28.08
CA TYR A 44 -39.22 2.88 -28.29
C TYR A 44 -38.90 1.43 -28.61
N GLU A 45 -37.81 1.23 -29.35
CA GLU A 45 -37.39 -0.12 -29.69
C GLU A 45 -36.29 -0.50 -28.71
N LEU A 46 -36.34 -1.73 -28.19
CA LEU A 46 -35.31 -2.16 -27.27
C LEU A 46 -34.82 -3.53 -27.70
N ASP A 47 -33.52 -3.63 -27.94
CA ASP A 47 -32.91 -4.90 -28.31
C ASP A 47 -32.21 -5.37 -27.04
N TYR A 48 -31.95 -6.67 -26.95
CA TYR A 48 -31.24 -7.21 -25.79
C TYR A 48 -30.28 -8.31 -26.23
N PHE A 49 -29.26 -8.55 -25.40
CA PHE A 49 -28.25 -9.55 -25.72
C PHE A 49 -27.54 -9.97 -24.44
N GLN A 50 -27.13 -11.23 -24.37
CA GLN A 50 -26.40 -11.74 -23.21
C GLN A 50 -25.30 -12.67 -23.72
N ALA A 51 -24.14 -12.61 -23.09
CA ALA A 51 -23.04 -13.51 -23.48
C ALA A 51 -22.08 -13.67 -22.31
N ASN A 52 -21.33 -14.77 -22.33
CA ASN A 52 -20.38 -15.07 -21.27
C ASN A 52 -18.92 -14.76 -21.59
N GLY A 53 -18.67 -14.06 -22.69
CA GLY A 53 -17.29 -13.73 -23.05
C GLY A 53 -17.16 -12.33 -23.59
N GLU A 54 -15.96 -11.77 -23.47
CA GLU A 54 -15.70 -10.41 -23.96
C GLU A 54 -15.86 -10.27 -25.47
N GLU A 55 -15.41 -11.25 -26.25
CA GLU A 55 -15.54 -11.09 -27.70
C GLU A 55 -17.00 -10.95 -28.13
N SER A 56 -17.87 -11.81 -27.62
CA SER A 56 -19.29 -11.74 -27.97
C SER A 56 -19.93 -10.41 -27.58
N LEU A 57 -19.64 -9.95 -26.36
CA LEU A 57 -20.20 -8.69 -25.87
C LEU A 57 -19.65 -7.49 -26.63
N ILE A 58 -18.34 -7.49 -26.88
CA ILE A 58 -17.70 -6.38 -27.58
C ILE A 58 -18.21 -6.29 -29.02
N ASN A 59 -18.39 -7.43 -29.66
CA ASN A 59 -18.90 -7.44 -31.03
C ASN A 59 -20.31 -6.86 -31.07
N ARG A 60 -21.13 -7.17 -30.06
CA ARG A 60 -22.50 -6.63 -30.04
C ARG A 60 -22.47 -5.12 -29.82
N ILE A 61 -21.53 -4.65 -29.00
CA ILE A 61 -21.42 -3.23 -28.72
C ILE A 61 -21.00 -2.51 -30.01
N HIS A 62 -20.07 -3.09 -30.76
CA HIS A 62 -19.63 -2.48 -32.03
C HIS A 62 -20.79 -2.46 -33.03
N GLN A 63 -21.62 -3.49 -33.01
CA GLN A 63 -22.76 -3.58 -33.92
C GLN A 63 -23.81 -2.49 -33.65
N ALA A 64 -23.82 -1.96 -32.43
CA ALA A 64 -24.77 -0.94 -32.03
C ALA A 64 -24.34 0.46 -32.49
N PHE A 65 -23.09 0.58 -32.91
CA PHE A 65 -22.54 1.86 -33.36
C PHE A 65 -23.39 2.51 -34.45
N GLN A 66 -23.78 3.77 -34.21
CA GLN A 66 -24.56 4.57 -35.15
C GLN A 66 -26.01 4.17 -35.37
N ASN A 67 -26.53 3.21 -34.61
CA ASN A 67 -27.92 2.82 -34.76
C ASN A 67 -28.62 2.68 -33.42
N THR A 68 -27.84 2.76 -32.34
CA THR A 68 -28.38 2.64 -30.99
C THR A 68 -28.13 3.95 -30.23
N ASP A 69 -29.15 4.41 -29.52
CA ASP A 69 -29.07 5.69 -28.81
C ASP A 69 -28.77 5.65 -27.32
N PHE A 70 -28.93 4.48 -26.69
CA PHE A 70 -28.64 4.39 -25.26
C PHE A 70 -28.46 2.93 -24.90
N ILE A 71 -27.59 2.67 -23.92
CA ILE A 71 -27.33 1.30 -23.49
C ILE A 71 -27.57 1.12 -22.00
N ILE A 72 -28.14 -0.02 -21.63
CA ILE A 72 -28.37 -0.37 -20.23
C ILE A 72 -27.53 -1.65 -20.11
N ILE A 73 -26.54 -1.66 -19.22
CA ILE A 73 -25.70 -2.84 -19.13
C ILE A 73 -25.38 -3.34 -17.72
N ASN A 74 -25.51 -4.65 -17.54
CA ASN A 74 -25.13 -5.30 -16.28
C ASN A 74 -24.01 -6.20 -16.79
N PRO A 75 -22.75 -5.77 -16.64
CA PRO A 75 -21.65 -6.59 -17.13
C PRO A 75 -21.29 -7.83 -16.31
N GLY A 76 -21.99 -8.03 -15.21
CA GLY A 76 -21.67 -9.20 -14.38
C GLY A 76 -20.25 -9.07 -13.87
N ALA A 77 -19.55 -10.19 -13.76
CA ALA A 77 -18.17 -10.17 -13.27
C ALA A 77 -17.22 -9.29 -14.08
N PHE A 78 -17.52 -9.09 -15.37
CA PHE A 78 -16.67 -8.27 -16.22
C PHE A 78 -16.61 -6.81 -15.75
N THR A 79 -17.49 -6.46 -14.83
CA THR A 79 -17.50 -5.13 -14.24
C THR A 79 -16.15 -4.88 -13.59
N HIS A 80 -15.63 -5.91 -12.94
CA HIS A 80 -14.38 -5.83 -12.21
C HIS A 80 -13.13 -6.18 -12.98
N THR A 81 -13.29 -6.80 -14.14
CA THR A 81 -12.13 -7.23 -14.89
C THR A 81 -11.93 -6.75 -16.32
N SER A 82 -13.01 -6.31 -16.97
CA SER A 82 -12.90 -5.96 -18.37
C SER A 82 -12.64 -4.52 -18.82
N VAL A 83 -11.37 -4.21 -19.05
CA VAL A 83 -10.98 -2.90 -19.56
C VAL A 83 -11.41 -2.90 -21.04
N ALA A 84 -11.42 -4.09 -21.66
CA ALA A 84 -11.80 -4.19 -23.07
C ALA A 84 -13.24 -3.77 -23.31
N ILE A 85 -14.16 -4.11 -22.41
CA ILE A 85 -15.55 -3.71 -22.59
C ILE A 85 -15.70 -2.21 -22.35
N ARG A 86 -14.95 -1.68 -21.38
CA ARG A 86 -14.97 -0.25 -21.10
C ARG A 86 -14.58 0.48 -22.39
N ASP A 87 -13.50 0.03 -23.02
CA ASP A 87 -13.02 0.67 -24.23
C ASP A 87 -13.96 0.50 -25.43
N ALA A 88 -14.73 -0.58 -25.45
CA ALA A 88 -15.69 -0.80 -26.52
C ALA A 88 -16.82 0.23 -26.38
N LEU A 89 -17.28 0.43 -25.16
CA LEU A 89 -18.36 1.40 -24.91
C LEU A 89 -17.89 2.81 -25.22
N LEU A 90 -16.63 3.11 -24.88
CA LEU A 90 -16.08 4.43 -25.16
C LEU A 90 -15.89 4.64 -26.66
N ALA A 91 -15.52 3.57 -27.37
CA ALA A 91 -15.30 3.65 -28.80
C ALA A 91 -16.55 3.95 -29.61
N VAL A 92 -17.71 3.48 -29.16
CA VAL A 92 -18.96 3.72 -29.89
C VAL A 92 -19.71 4.98 -29.48
N SER A 93 -19.23 5.64 -28.43
CA SER A 93 -19.83 6.89 -27.95
C SER A 93 -21.33 6.85 -27.69
N ILE A 94 -21.81 5.78 -27.06
CA ILE A 94 -23.23 5.67 -26.73
C ILE A 94 -23.34 5.75 -25.22
N PRO A 95 -24.15 6.69 -24.71
CA PRO A 95 -24.30 6.81 -23.26
C PRO A 95 -24.88 5.54 -22.66
N PHE A 96 -24.46 5.20 -21.44
CA PHE A 96 -24.99 4.00 -20.81
C PHE A 96 -25.15 4.11 -19.30
N ILE A 97 -26.00 3.24 -18.76
CA ILE A 97 -26.23 3.18 -17.33
C ILE A 97 -25.81 1.76 -16.95
N GLU A 98 -25.08 1.65 -15.84
CA GLU A 98 -24.59 0.37 -15.35
C GLU A 98 -25.54 -0.12 -14.25
N VAL A 99 -25.96 -1.39 -14.35
CA VAL A 99 -26.88 -1.95 -13.36
C VAL A 99 -26.35 -3.24 -12.75
N HIS A 100 -26.53 -3.38 -11.43
CA HIS A 100 -26.13 -4.59 -10.72
C HIS A 100 -27.32 -5.00 -9.86
N LEU A 101 -27.72 -6.26 -9.95
CA LEU A 101 -28.85 -6.76 -9.17
C LEU A 101 -28.55 -6.75 -7.67
N SER A 102 -27.38 -7.25 -7.29
CA SER A 102 -27.00 -7.30 -5.88
C SER A 102 -26.18 -6.07 -5.55
N ASN A 103 -25.98 -5.83 -4.26
CA ASN A 103 -25.19 -4.69 -3.79
C ASN A 103 -23.71 -5.10 -3.79
N VAL A 104 -22.99 -4.73 -4.85
CA VAL A 104 -21.58 -5.08 -4.99
C VAL A 104 -20.70 -4.60 -3.84
N HIS A 105 -21.08 -3.49 -3.23
CA HIS A 105 -20.31 -2.93 -2.12
C HIS A 105 -20.40 -3.77 -0.86
N ALA A 106 -21.41 -4.63 -0.79
CA ALA A 106 -21.61 -5.47 0.39
C ALA A 106 -20.96 -6.85 0.22
N ARG A 107 -20.34 -7.07 -0.93
CA ARG A 107 -19.70 -8.36 -1.21
C ARG A 107 -18.18 -8.27 -1.04
N GLU A 108 -17.44 -9.18 -1.66
CA GLU A 108 -15.98 -9.18 -1.54
C GLU A 108 -15.35 -7.88 -2.03
N PRO A 109 -14.21 -7.49 -1.43
CA PRO A 109 -13.51 -6.28 -1.83
C PRO A 109 -13.20 -6.17 -3.32
N PHE A 110 -12.93 -7.29 -3.98
CA PHE A 110 -12.62 -7.21 -5.41
C PHE A 110 -13.82 -6.79 -6.26
N ARG A 111 -15.01 -6.80 -5.68
CA ARG A 111 -16.21 -6.41 -6.40
C ARG A 111 -16.50 -4.92 -6.18
N HIS A 112 -15.68 -4.27 -5.36
CA HIS A 112 -15.88 -2.84 -5.07
C HIS A 112 -15.36 -1.93 -6.18
N HIS A 113 -14.63 -2.50 -7.13
CA HIS A 113 -14.09 -1.72 -8.24
C HIS A 113 -14.74 -2.04 -9.57
N SER A 114 -15.04 -1.00 -10.35
CA SER A 114 -15.67 -1.16 -11.64
C SER A 114 -14.92 -0.40 -12.73
N TYR A 115 -14.72 -1.05 -13.88
CA TYR A 115 -14.04 -0.41 -15.01
C TYR A 115 -15.05 0.35 -15.85
N LEU A 116 -16.30 0.38 -15.41
CA LEU A 116 -17.34 1.11 -16.15
C LEU A 116 -17.96 2.28 -15.40
N SER A 117 -18.07 2.18 -14.10
CA SER A 117 -18.71 3.23 -13.29
C SER A 117 -18.29 4.66 -13.54
N ASP A 118 -16.98 4.92 -13.66
CA ASP A 118 -16.53 6.28 -13.86
C ASP A 118 -16.88 6.91 -15.21
N VAL A 119 -17.23 6.09 -16.20
CA VAL A 119 -17.59 6.61 -17.51
C VAL A 119 -19.06 6.39 -17.86
N ALA A 120 -19.81 5.82 -16.92
CA ALA A 120 -21.23 5.58 -17.10
C ALA A 120 -21.99 6.87 -16.78
N LYS A 121 -23.19 7.00 -17.34
CA LYS A 121 -24.03 8.18 -17.05
C LYS A 121 -24.39 8.06 -15.57
N GLY A 122 -24.70 6.84 -15.16
CA GLY A 122 -25.06 6.59 -13.78
C GLY A 122 -24.99 5.11 -13.46
N VAL A 123 -25.15 4.78 -12.19
CA VAL A 123 -25.09 3.39 -11.76
C VAL A 123 -26.17 3.08 -10.72
N ILE A 124 -26.79 1.92 -10.84
CA ILE A 124 -27.83 1.48 -9.90
C ILE A 124 -27.40 0.11 -9.40
N CYS A 125 -27.23 -0.02 -8.09
CA CYS A 125 -26.74 -1.28 -7.53
C CYS A 125 -27.54 -1.73 -6.31
N GLY A 126 -27.89 -3.02 -6.29
CA GLY A 126 -28.60 -3.59 -5.15
C GLY A 126 -30.11 -3.63 -5.13
N LEU A 127 -30.74 -3.10 -6.17
CA LEU A 127 -32.21 -3.06 -6.20
C LEU A 127 -32.87 -4.18 -6.99
N GLY A 128 -32.10 -5.24 -7.26
CA GLY A 128 -32.65 -6.34 -8.01
C GLY A 128 -33.04 -5.96 -9.43
N ALA A 129 -33.98 -6.71 -9.99
CA ALA A 129 -34.44 -6.49 -11.35
C ALA A 129 -35.09 -5.11 -11.56
N LYS A 130 -35.60 -4.53 -10.49
CA LYS A 130 -36.23 -3.20 -10.61
C LYS A 130 -35.20 -2.19 -11.10
N GLY A 131 -33.92 -2.47 -10.86
CA GLY A 131 -32.88 -1.57 -11.32
C GLY A 131 -32.90 -1.37 -12.83
N TYR A 132 -33.27 -2.41 -13.57
CA TYR A 132 -33.35 -2.32 -15.02
C TYR A 132 -34.52 -1.39 -15.39
N ASP A 133 -35.61 -1.51 -14.64
CA ASP A 133 -36.79 -0.68 -14.88
C ASP A 133 -36.45 0.80 -14.77
N TYR A 134 -35.74 1.17 -13.70
CA TYR A 134 -35.36 2.56 -13.50
C TYR A 134 -34.41 3.02 -14.59
N ALA A 135 -33.49 2.15 -15.00
CA ALA A 135 -32.54 2.47 -16.05
C ALA A 135 -33.28 2.75 -17.36
N LEU A 136 -34.34 1.98 -17.62
CA LEU A 136 -35.11 2.16 -18.84
C LEU A 136 -35.85 3.50 -18.81
N ASP A 137 -36.43 3.82 -17.65
CA ASP A 137 -37.14 5.08 -17.50
C ASP A 137 -36.19 6.23 -17.74
N PHE A 138 -34.97 6.13 -17.20
CA PHE A 138 -34.00 7.20 -17.39
C PHE A 138 -33.53 7.31 -18.83
N ALA A 139 -33.28 6.17 -19.46
CA ALA A 139 -32.84 6.15 -20.86
C ALA A 139 -33.85 6.90 -21.73
N ILE A 140 -35.12 6.58 -21.56
CA ILE A 140 -36.18 7.22 -22.33
C ILE A 140 -36.24 8.71 -22.06
N SER A 141 -36.07 9.11 -20.80
CA SER A 141 -36.10 10.53 -20.46
C SER A 141 -34.97 11.28 -21.14
N GLU A 142 -33.83 10.60 -21.30
CA GLU A 142 -32.68 11.21 -21.96
C GLU A 142 -32.93 11.35 -23.45
N LEU A 143 -33.54 10.32 -24.04
CA LEU A 143 -33.84 10.33 -25.47
C LEU A 143 -34.91 11.37 -25.78
N GLN A 144 -35.78 11.62 -24.82
CA GLN A 144 -36.83 12.61 -24.99
C GLN A 144 -36.25 14.02 -25.04
N LYS A 145 -35.23 14.25 -24.22
CA LYS A 145 -34.59 15.56 -24.15
C LYS A 145 -33.75 15.91 -25.37
N ILE A 146 -33.92 15.16 -26.46
CA ILE A 146 -33.17 15.43 -27.67
C ILE A 146 -34.08 15.45 -28.89
N MET B 1 -25.33 -40.05 -12.77
CA MET B 1 -24.72 -40.99 -11.78
C MET B 1 -23.21 -40.85 -11.71
N LYS B 2 -22.67 -40.72 -10.49
CA LYS B 2 -21.23 -40.61 -10.26
C LYS B 2 -20.50 -40.00 -11.46
N LYS B 3 -20.70 -38.69 -11.67
CA LYS B 3 -20.06 -38.01 -12.80
C LYS B 3 -19.07 -36.94 -12.37
N ILE B 4 -17.87 -37.00 -12.93
CA ILE B 4 -16.82 -36.04 -12.62
C ILE B 4 -16.40 -35.32 -13.90
N LEU B 5 -16.16 -34.01 -13.79
CA LEU B 5 -15.76 -33.23 -14.94
C LEU B 5 -14.38 -32.62 -14.73
N LEU B 6 -13.49 -32.88 -15.68
CA LEU B 6 -12.14 -32.33 -15.64
C LEU B 6 -12.10 -31.15 -16.60
N LEU B 7 -11.69 -29.99 -16.08
CA LEU B 7 -11.60 -28.79 -16.90
C LEU B 7 -10.19 -28.21 -16.89
N ASN B 8 -9.70 -27.85 -18.06
CA ASN B 8 -8.39 -27.24 -18.18
C ASN B 8 -8.53 -25.94 -18.95
N GLY B 9 -7.85 -24.92 -18.44
CA GLY B 9 -7.88 -23.58 -19.01
C GLY B 9 -6.95 -23.29 -20.15
N PRO B 10 -6.76 -21.99 -20.45
CA PRO B 10 -5.88 -21.58 -21.55
C PRO B 10 -4.45 -22.08 -21.51
N ASN B 11 -3.95 -22.40 -22.70
CA ASN B 11 -2.58 -22.84 -22.94
C ASN B 11 -2.21 -24.24 -22.48
N LEU B 12 -3.08 -24.89 -21.71
CA LEU B 12 -2.75 -26.25 -21.26
C LEU B 12 -2.69 -27.23 -22.44
N ASN B 13 -3.28 -26.87 -23.57
CA ASN B 13 -3.22 -27.72 -24.75
C ASN B 13 -1.79 -27.79 -25.29
N MET B 14 -0.94 -26.86 -24.85
CA MET B 14 0.44 -26.80 -25.33
C MET B 14 1.40 -27.69 -24.54
N LEU B 15 0.88 -28.35 -23.51
CA LEU B 15 1.72 -29.23 -22.70
C LEU B 15 2.52 -30.21 -23.55
N GLY B 16 3.82 -30.28 -23.28
CA GLY B 16 4.69 -31.19 -24.01
C GLY B 16 4.88 -30.94 -25.48
N LYS B 17 4.51 -29.75 -25.95
CA LYS B 17 4.66 -29.43 -27.37
C LYS B 17 5.82 -28.48 -27.64
N GLN B 26 4.61 -34.83 -20.33
CA GLN B 26 3.43 -35.50 -20.85
C GLN B 26 2.56 -34.45 -21.55
N THR B 27 1.58 -34.91 -22.32
CA THR B 27 0.69 -33.99 -23.02
C THR B 27 -0.62 -33.85 -22.26
N LEU B 28 -1.43 -32.87 -22.65
CA LEU B 28 -2.73 -32.69 -22.00
C LEU B 28 -3.58 -33.95 -22.23
N SER B 29 -3.56 -34.46 -23.45
CA SER B 29 -4.33 -35.66 -23.78
C SER B 29 -3.92 -36.83 -22.88
N ASP B 30 -2.63 -36.95 -22.60
CA ASP B 30 -2.16 -38.04 -21.72
C ASP B 30 -2.86 -37.94 -20.38
N ILE B 31 -2.94 -36.73 -19.84
CA ILE B 31 -3.56 -36.51 -18.55
C ILE B 31 -5.08 -36.76 -18.59
N GLU B 32 -5.73 -36.24 -19.62
CA GLU B 32 -7.18 -36.45 -19.75
C GLU B 32 -7.51 -37.93 -19.83
N GLN B 33 -6.78 -38.65 -20.68
CA GLN B 33 -7.02 -40.08 -20.87
C GLN B 33 -6.72 -40.88 -19.61
N HIS B 34 -5.68 -40.51 -18.88
CA HIS B 34 -5.33 -41.22 -17.66
C HIS B 34 -6.40 -41.04 -16.57
N LEU B 35 -6.94 -39.84 -16.45
CA LEU B 35 -7.97 -39.62 -15.44
C LEU B 35 -9.26 -40.34 -15.81
N GLN B 36 -9.57 -40.39 -17.10
CA GLN B 36 -10.78 -41.07 -17.53
C GLN B 36 -10.59 -42.57 -17.24
N GLN B 37 -9.40 -43.06 -17.56
CA GLN B 37 -9.07 -44.47 -17.34
C GLN B 37 -9.20 -44.83 -15.86
N SER B 38 -8.60 -44.01 -15.00
CA SER B 38 -8.65 -44.26 -13.56
C SER B 38 -10.06 -44.11 -12.99
N ALA B 39 -10.82 -43.13 -13.50
CA ALA B 39 -12.18 -42.95 -13.01
C ALA B 39 -13.01 -44.20 -13.33
N GLN B 40 -12.88 -44.69 -14.55
CA GLN B 40 -13.59 -45.88 -15.00
C GLN B 40 -13.23 -47.09 -14.15
N ALA B 41 -11.96 -47.19 -13.77
CA ALA B 41 -11.50 -48.31 -12.96
C ALA B 41 -12.20 -48.38 -11.61
N GLN B 42 -12.75 -47.24 -11.16
CA GLN B 42 -13.43 -47.20 -9.88
C GLN B 42 -14.95 -47.10 -9.97
N GLY B 43 -15.48 -47.22 -11.18
CA GLY B 43 -16.91 -47.17 -11.37
C GLY B 43 -17.50 -45.77 -11.57
N TYR B 44 -16.65 -44.81 -11.92
CA TYR B 44 -17.11 -43.44 -12.14
C TYR B 44 -16.97 -43.04 -13.61
N GLU B 45 -17.79 -42.09 -14.04
CA GLU B 45 -17.70 -41.60 -15.41
C GLU B 45 -17.03 -40.24 -15.35
N LEU B 46 -16.07 -40.00 -16.23
CA LEU B 46 -15.39 -38.72 -16.24
C LEU B 46 -15.36 -38.12 -17.63
N ASP B 47 -15.75 -36.85 -17.72
CA ASP B 47 -15.72 -36.12 -18.98
C ASP B 47 -14.59 -35.11 -18.82
N TYR B 48 -14.07 -34.62 -19.94
CA TYR B 48 -13.01 -33.61 -19.88
C TYR B 48 -13.21 -32.58 -20.97
N PHE B 49 -12.67 -31.39 -20.73
CA PHE B 49 -12.80 -30.28 -21.66
C PHE B 49 -11.67 -29.27 -21.42
N GLN B 50 -11.21 -28.64 -22.50
CA GLN B 50 -10.17 -27.62 -22.38
C GLN B 50 -10.49 -26.54 -23.41
N ALA B 51 -10.24 -25.29 -23.04
CA ALA B 51 -10.49 -24.18 -23.97
C ALA B 51 -9.64 -22.98 -23.57
N ASN B 52 -9.47 -22.05 -24.49
CA ASN B 52 -8.63 -20.89 -24.25
C ASN B 52 -9.35 -19.58 -23.97
N GLY B 53 -10.66 -19.65 -23.72
CA GLY B 53 -11.43 -18.46 -23.42
C GLY B 53 -12.49 -18.66 -22.35
N GLU B 54 -12.83 -17.56 -21.68
CA GLU B 54 -13.85 -17.60 -20.64
C GLU B 54 -15.21 -18.04 -21.14
N GLU B 55 -15.66 -17.55 -22.29
CA GLU B 55 -16.97 -17.96 -22.77
C GLU B 55 -17.09 -19.47 -22.95
N SER B 56 -16.09 -20.08 -23.59
CA SER B 56 -16.11 -21.52 -23.81
C SER B 56 -16.09 -22.29 -22.48
N LEU B 57 -15.24 -21.87 -21.56
CA LEU B 57 -15.16 -22.54 -20.25
C LEU B 57 -16.41 -22.36 -19.42
N ILE B 58 -16.95 -21.13 -19.41
CA ILE B 58 -18.16 -20.87 -18.65
C ILE B 58 -19.34 -21.65 -19.22
N ASN B 59 -19.45 -21.72 -20.54
CA ASN B 59 -20.53 -22.46 -21.15
C ASN B 59 -20.46 -23.94 -20.75
N ARG B 60 -19.25 -24.51 -20.70
CA ARG B 60 -19.10 -25.91 -20.31
C ARG B 60 -19.50 -26.12 -18.86
N ILE B 61 -19.17 -25.16 -18.00
CA ILE B 61 -19.51 -25.22 -16.58
C ILE B 61 -21.04 -25.18 -16.43
N HIS B 62 -21.68 -24.26 -17.14
CA HIS B 62 -23.15 -24.18 -17.08
C HIS B 62 -23.79 -25.48 -17.56
N GLN B 63 -23.21 -26.08 -18.59
CA GLN B 63 -23.73 -27.31 -19.16
C GLN B 63 -23.67 -28.46 -18.16
N ALA B 64 -22.80 -28.34 -17.16
CA ALA B 64 -22.67 -29.38 -16.13
C ALA B 64 -23.70 -29.25 -15.00
N PHE B 65 -24.42 -28.13 -14.95
CA PHE B 65 -25.39 -27.88 -13.90
C PHE B 65 -26.39 -29.05 -13.74
N GLN B 66 -26.51 -29.54 -12.52
CA GLN B 66 -27.43 -30.63 -12.18
C GLN B 66 -27.17 -32.00 -12.82
N ASN B 67 -26.02 -32.20 -13.45
CA ASN B 67 -25.74 -33.51 -14.04
C ASN B 67 -24.32 -33.98 -13.77
N THR B 68 -23.54 -33.13 -13.12
CA THR B 68 -22.16 -33.42 -12.77
C THR B 68 -22.01 -33.26 -11.27
N ASP B 69 -21.32 -34.22 -10.63
CA ASP B 69 -21.16 -34.22 -9.18
C ASP B 69 -19.89 -33.65 -8.57
N PHE B 70 -18.84 -33.53 -9.36
CA PHE B 70 -17.59 -32.96 -8.86
C PHE B 70 -16.75 -32.46 -10.02
N ILE B 71 -16.04 -31.36 -9.80
CA ILE B 71 -15.19 -30.79 -10.84
C ILE B 71 -13.73 -30.69 -10.41
N ILE B 72 -12.84 -31.05 -11.34
CA ILE B 72 -11.41 -30.93 -11.11
C ILE B 72 -11.01 -29.88 -12.14
N ILE B 73 -10.49 -28.74 -11.68
CA ILE B 73 -10.13 -27.69 -12.62
C ILE B 73 -8.77 -27.04 -12.45
N ASN B 74 -8.08 -26.90 -13.59
CA ASN B 74 -6.80 -26.20 -13.65
C ASN B 74 -7.17 -25.05 -14.58
N PRO B 75 -7.48 -23.86 -14.03
CA PRO B 75 -7.86 -22.72 -14.87
C PRO B 75 -6.73 -22.06 -15.64
N GLY B 76 -5.50 -22.50 -15.44
CA GLY B 76 -4.41 -21.86 -16.13
C GLY B 76 -4.33 -20.39 -15.73
N ALA B 77 -3.95 -19.52 -16.66
CA ALA B 77 -3.85 -18.10 -16.37
C ALA B 77 -5.13 -17.50 -15.77
N PHE B 78 -6.28 -18.07 -16.12
CA PHE B 78 -7.55 -17.54 -15.62
C PHE B 78 -7.68 -17.64 -14.10
N THR B 79 -6.82 -18.47 -13.49
CA THR B 79 -6.84 -18.57 -12.05
C THR B 79 -6.65 -17.18 -11.43
N HIS B 80 -5.81 -16.39 -12.06
CA HIS B 80 -5.45 -15.06 -11.55
C HIS B 80 -6.28 -13.90 -12.07
N THR B 81 -7.07 -14.14 -13.11
CA THR B 81 -7.83 -13.05 -13.72
C THR B 81 -9.34 -13.20 -13.83
N SER B 82 -9.85 -14.43 -13.81
CA SER B 82 -11.27 -14.65 -14.03
C SER B 82 -12.28 -14.75 -12.89
N VAL B 83 -12.89 -13.60 -12.58
CA VAL B 83 -13.93 -13.56 -11.58
C VAL B 83 -15.14 -14.24 -12.23
N ALA B 84 -15.25 -14.14 -13.56
CA ALA B 84 -16.37 -14.74 -14.29
C ALA B 84 -16.43 -16.25 -14.12
N ILE B 85 -15.27 -16.91 -14.15
CA ILE B 85 -15.25 -18.37 -13.98
C ILE B 85 -15.59 -18.74 -12.54
N ARG B 86 -15.11 -17.95 -11.59
CA ARG B 86 -15.44 -18.16 -10.18
C ARG B 86 -16.95 -18.11 -10.06
N ASP B 87 -17.56 -17.09 -10.65
CA ASP B 87 -19.01 -16.97 -10.55
C ASP B 87 -19.78 -18.07 -11.26
N ALA B 88 -19.20 -18.64 -12.31
CA ALA B 88 -19.85 -19.72 -13.04
C ALA B 88 -19.86 -20.97 -12.13
N LEU B 89 -18.75 -21.23 -11.46
CA LEU B 89 -18.67 -22.39 -10.56
C LEU B 89 -19.63 -22.24 -9.39
N LEU B 90 -19.71 -21.03 -8.84
CA LEU B 90 -20.60 -20.78 -7.72
C LEU B 90 -22.06 -20.89 -8.16
N ALA B 91 -22.32 -20.49 -9.40
CA ALA B 91 -23.68 -20.56 -9.94
C ALA B 91 -24.22 -21.99 -10.06
N VAL B 92 -23.36 -22.94 -10.39
CA VAL B 92 -23.79 -24.33 -10.55
C VAL B 92 -23.73 -25.18 -9.29
N SER B 93 -23.15 -24.63 -8.22
CA SER B 93 -23.07 -25.30 -6.94
C SER B 93 -22.47 -26.72 -7.00
N ILE B 94 -21.40 -26.87 -7.75
CA ILE B 94 -20.73 -28.17 -7.85
C ILE B 94 -19.40 -28.04 -7.13
N PRO B 95 -19.13 -28.92 -6.14
CA PRO B 95 -17.85 -28.81 -5.43
C PRO B 95 -16.69 -29.05 -6.39
N PHE B 96 -15.56 -28.38 -6.15
CA PHE B 96 -14.42 -28.57 -7.02
C PHE B 96 -13.08 -28.44 -6.32
N ILE B 97 -12.06 -28.99 -6.97
CA ILE B 97 -10.69 -28.92 -6.49
C ILE B 97 -9.87 -28.22 -7.58
N GLU B 98 -9.03 -27.30 -7.15
CA GLU B 98 -8.17 -26.52 -8.05
C GLU B 98 -6.81 -27.21 -8.13
N VAL B 99 -6.30 -27.39 -9.34
CA VAL B 99 -5.00 -28.04 -9.57
C VAL B 99 -4.08 -27.24 -10.48
N HIS B 100 -2.79 -27.21 -10.14
CA HIS B 100 -1.80 -26.55 -10.96
C HIS B 100 -0.59 -27.47 -11.05
N LEU B 101 -0.08 -27.67 -12.26
CA LEU B 101 1.09 -28.52 -12.47
C LEU B 101 2.33 -27.92 -11.79
N SER B 102 2.55 -26.64 -12.02
CA SER B 102 3.70 -25.93 -11.46
C SER B 102 3.36 -25.36 -10.09
N ASN B 103 4.39 -24.95 -9.35
CA ASN B 103 4.20 -24.35 -8.03
C ASN B 103 4.00 -22.85 -8.25
N VAL B 104 2.74 -22.41 -8.26
CA VAL B 104 2.42 -21.00 -8.49
C VAL B 104 3.08 -20.04 -7.50
N HIS B 105 3.31 -20.50 -6.29
CA HIS B 105 3.92 -19.67 -5.26
C HIS B 105 5.40 -19.37 -5.53
N ALA B 106 6.03 -20.17 -6.38
CA ALA B 106 7.44 -19.98 -6.72
C ALA B 106 7.61 -19.12 -7.97
N ARG B 107 6.49 -18.67 -8.54
CA ARG B 107 6.54 -17.88 -9.77
C ARG B 107 6.29 -16.39 -9.49
N GLU B 108 5.98 -15.62 -10.52
CA GLU B 108 5.75 -14.18 -10.34
C GLU B 108 4.65 -13.90 -9.33
N PRO B 109 4.77 -12.79 -8.58
CA PRO B 109 3.79 -12.40 -7.58
C PRO B 109 2.35 -12.37 -8.07
N PHE B 110 2.12 -11.99 -9.32
CA PHE B 110 0.74 -11.93 -9.79
C PHE B 110 0.11 -13.32 -9.86
N ARG B 111 0.92 -14.37 -9.78
CA ARG B 111 0.39 -15.73 -9.82
C ARG B 111 0.09 -16.25 -8.42
N HIS B 112 0.38 -15.45 -7.40
CA HIS B 112 0.15 -15.85 -6.02
C HIS B 112 -1.30 -15.68 -5.57
N HIS B 113 -2.13 -15.09 -6.42
CA HIS B 113 -3.54 -14.91 -6.08
C HIS B 113 -4.46 -15.69 -7.02
N SER B 114 -5.49 -16.31 -6.43
CA SER B 114 -6.44 -17.10 -7.18
C SER B 114 -7.88 -16.69 -6.89
N TYR B 115 -8.69 -16.55 -7.93
CA TYR B 115 -10.08 -16.19 -7.75
C TYR B 115 -10.90 -17.44 -7.45
N LEU B 116 -10.24 -18.60 -7.36
CA LEU B 116 -10.94 -19.84 -7.09
C LEU B 116 -10.58 -20.47 -5.75
N SER B 117 -9.33 -20.32 -5.33
CA SER B 117 -8.87 -20.95 -4.09
C SER B 117 -9.76 -20.86 -2.86
N ASP B 118 -10.29 -19.68 -2.55
CA ASP B 118 -11.12 -19.57 -1.37
C ASP B 118 -12.48 -20.27 -1.42
N VAL B 119 -12.97 -20.61 -2.61
CA VAL B 119 -14.25 -21.29 -2.72
C VAL B 119 -14.12 -22.74 -3.19
N ALA B 120 -12.88 -23.18 -3.38
CA ALA B 120 -12.61 -24.55 -3.79
C ALA B 120 -12.58 -25.41 -2.54
N LYS B 121 -12.83 -26.71 -2.70
CA LYS B 121 -12.78 -27.62 -1.57
C LYS B 121 -11.31 -27.66 -1.11
N GLY B 122 -10.42 -27.64 -2.09
CA GLY B 122 -8.99 -27.65 -1.79
C GLY B 122 -8.16 -27.33 -3.02
N VAL B 123 -6.85 -27.20 -2.83
CA VAL B 123 -5.95 -26.88 -3.93
C VAL B 123 -4.67 -27.73 -3.89
N ILE B 124 -4.22 -28.18 -5.05
CA ILE B 124 -2.99 -28.96 -5.19
C ILE B 124 -2.10 -28.24 -6.19
N CYS B 125 -0.92 -27.85 -5.76
CA CYS B 125 -0.04 -27.08 -6.63
C CYS B 125 1.41 -27.58 -6.62
N GLY B 126 1.98 -27.74 -7.81
CA GLY B 126 3.38 -28.15 -7.92
C GLY B 126 3.75 -29.60 -8.08
N LEU B 127 2.77 -30.50 -8.07
CA LEU B 127 3.09 -31.93 -8.19
C LEU B 127 2.93 -32.50 -9.61
N GLY B 128 2.99 -31.62 -10.60
CA GLY B 128 2.85 -32.06 -11.98
C GLY B 128 1.57 -32.82 -12.24
N ALA B 129 1.64 -33.78 -13.15
CA ALA B 129 0.46 -34.59 -13.52
C ALA B 129 -0.11 -35.39 -12.34
N LYS B 130 0.73 -35.73 -11.38
CA LYS B 130 0.26 -36.50 -10.21
C LYS B 130 -0.82 -35.72 -9.46
N GLY B 131 -0.74 -34.40 -9.50
CA GLY B 131 -1.73 -33.59 -8.82
C GLY B 131 -3.14 -33.90 -9.30
N TYR B 132 -3.29 -34.17 -10.59
CA TYR B 132 -4.59 -34.50 -11.16
C TYR B 132 -5.05 -35.87 -10.64
N ASP B 133 -4.09 -36.78 -10.46
CA ASP B 133 -4.40 -38.12 -9.95
C ASP B 133 -4.98 -38.01 -8.54
N TYR B 134 -4.35 -37.20 -7.70
CA TYR B 134 -4.79 -37.03 -6.33
C TYR B 134 -6.14 -36.32 -6.31
N ALA B 135 -6.32 -35.35 -7.19
CA ALA B 135 -7.58 -34.63 -7.26
C ALA B 135 -8.73 -35.58 -7.56
N LEU B 136 -8.49 -36.54 -8.46
CA LEU B 136 -9.51 -37.52 -8.81
C LEU B 136 -9.80 -38.42 -7.61
N ASP B 137 -8.74 -38.85 -6.91
CA ASP B 137 -8.94 -39.70 -5.74
C ASP B 137 -9.80 -38.99 -4.70
N PHE B 138 -9.51 -37.71 -4.50
CA PHE B 138 -10.26 -36.91 -3.54
C PHE B 138 -11.72 -36.77 -3.95
N ALA B 139 -11.96 -36.48 -5.23
CA ALA B 139 -13.32 -36.34 -5.75
C ALA B 139 -14.13 -37.59 -5.45
N ILE B 140 -13.55 -38.74 -5.78
CA ILE B 140 -14.24 -40.01 -5.54
C ILE B 140 -14.51 -40.21 -4.05
N SER B 141 -13.53 -39.90 -3.21
CA SER B 141 -13.70 -40.06 -1.77
C SER B 141 -14.81 -39.15 -1.25
N GLU B 142 -14.92 -37.96 -1.83
CA GLU B 142 -15.97 -37.02 -1.42
C GLU B 142 -17.34 -37.51 -1.85
N LEU B 143 -17.41 -38.07 -3.05
CA LEU B 143 -18.68 -38.56 -3.58
C LEU B 143 -19.16 -39.81 -2.85
N GLN B 144 -18.22 -40.60 -2.33
CA GLN B 144 -18.59 -41.81 -1.59
C GLN B 144 -19.17 -41.44 -0.23
N LYS B 145 -18.77 -40.28 0.29
CA LYS B 145 -19.27 -39.82 1.58
C LYS B 145 -20.73 -39.43 1.42
N ILE B 146 -21.03 -38.73 0.33
CA ILE B 146 -22.38 -38.30 0.04
C ILE B 146 -23.26 -39.51 -0.20
N MET C 1 11.98 -18.77 -46.45
CA MET C 1 10.75 -17.93 -46.42
C MET C 1 10.31 -17.68 -44.97
N LYS C 2 10.86 -16.64 -44.35
CA LYS C 2 10.51 -16.29 -42.99
C LYS C 2 9.13 -15.65 -42.96
N LYS C 3 8.47 -15.72 -41.80
CA LYS C 3 7.13 -15.17 -41.67
C LYS C 3 6.91 -14.34 -40.41
N ILE C 4 6.16 -13.26 -40.57
CA ILE C 4 5.85 -12.37 -39.46
C ILE C 4 4.33 -12.36 -39.28
N LEU C 5 3.88 -12.36 -38.03
CA LEU C 5 2.45 -12.33 -37.75
C LEU C 5 2.06 -11.04 -37.04
N LEU C 6 1.11 -10.32 -37.62
CA LEU C 6 0.61 -9.07 -37.04
C LEU C 6 -0.70 -9.40 -36.32
N LEU C 7 -0.75 -9.10 -35.04
CA LEU C 7 -1.94 -9.35 -34.23
C LEU C 7 -2.48 -8.07 -33.63
N ASN C 8 -3.79 -7.88 -33.73
CA ASN C 8 -4.43 -6.72 -33.15
C ASN C 8 -5.55 -7.20 -32.24
N GLY C 9 -5.62 -6.59 -31.06
CA GLY C 9 -6.61 -6.96 -30.05
C GLY C 9 -7.95 -6.26 -30.10
N PRO C 10 -8.68 -6.28 -28.98
CA PRO C 10 -10.00 -5.66 -28.89
C PRO C 10 -10.10 -4.19 -29.27
N ASN C 11 -11.19 -3.88 -29.97
CA ASN C 11 -11.51 -2.54 -30.40
C ASN C 11 -10.64 -1.92 -31.49
N LEU C 12 -9.59 -2.60 -31.92
CA LEU C 12 -8.74 -2.04 -32.98
C LEU C 12 -9.47 -1.95 -34.33
N ASN C 13 -10.53 -2.74 -34.48
CA ASN C 13 -11.32 -2.73 -35.71
C ASN C 13 -12.12 -1.44 -35.84
N MET C 14 -12.15 -0.65 -34.77
CA MET C 14 -12.89 0.62 -34.77
C MET C 14 -12.05 1.78 -35.31
N LEU C 15 -10.79 1.52 -35.65
CA LEU C 15 -9.91 2.57 -36.14
C LEU C 15 -10.45 3.27 -37.39
N GLY C 16 -10.49 4.61 -37.34
CA GLY C 16 -10.96 5.39 -38.46
C GLY C 16 -12.46 5.40 -38.66
N LYS C 17 -13.20 4.79 -37.74
CA LYS C 17 -14.65 4.74 -37.86
C LYS C 17 -15.35 5.77 -36.97
N ARG C 18 -14.64 6.26 -35.97
CA ARG C 18 -15.16 7.24 -35.02
C ARG C 18 -15.28 8.64 -35.62
N SER C 25 -8.73 8.98 -40.51
CA SER C 25 -9.47 8.31 -41.57
C SER C 25 -8.92 6.90 -41.81
N GLN C 26 -7.65 6.70 -41.50
CA GLN C 26 -7.01 5.40 -41.69
C GLN C 26 -7.72 4.33 -40.86
N THR C 27 -7.99 3.19 -41.49
CA THR C 27 -8.68 2.08 -40.83
C THR C 27 -7.70 0.96 -40.49
N LEU C 28 -8.18 -0.03 -39.75
CA LEU C 28 -7.33 -1.17 -39.40
C LEU C 28 -6.92 -1.91 -40.68
N SER C 29 -7.88 -2.10 -41.59
CA SER C 29 -7.59 -2.79 -42.84
C SER C 29 -6.51 -2.03 -43.61
N ASP C 30 -6.54 -0.70 -43.56
CA ASP C 30 -5.54 0.11 -44.25
C ASP C 30 -4.15 -0.24 -43.69
N ILE C 31 -4.07 -0.38 -42.37
CA ILE C 31 -2.81 -0.69 -41.71
C ILE C 31 -2.34 -2.12 -42.03
N GLU C 32 -3.26 -3.08 -41.94
CA GLU C 32 -2.93 -4.47 -42.23
C GLU C 32 -2.40 -4.62 -43.66
N GLN C 33 -3.12 -4.05 -44.62
CA GLN C 33 -2.72 -4.13 -46.02
C GLN C 33 -1.37 -3.46 -46.25
N HIS C 34 -1.17 -2.30 -45.64
CA HIS C 34 0.08 -1.57 -45.77
C HIS C 34 1.27 -2.38 -45.26
N LEU C 35 1.14 -2.92 -44.05
CA LEU C 35 2.24 -3.70 -43.47
C LEU C 35 2.54 -4.98 -44.26
N GLN C 36 1.50 -5.66 -44.74
CA GLN C 36 1.69 -6.88 -45.50
C GLN C 36 2.43 -6.58 -46.80
N GLN C 37 2.04 -5.49 -47.45
CA GLN C 37 2.68 -5.10 -48.71
C GLN C 37 4.14 -4.74 -48.47
N SER C 38 4.41 -4.03 -47.39
CA SER C 38 5.76 -3.62 -47.06
C SER C 38 6.66 -4.80 -46.76
N ALA C 39 6.14 -5.74 -45.97
CA ALA C 39 6.91 -6.92 -45.61
C ALA C 39 7.18 -7.79 -46.84
N GLN C 40 6.13 -8.07 -47.61
CA GLN C 40 6.27 -8.93 -48.76
C GLN C 40 7.09 -8.31 -49.89
N ALA C 41 7.25 -6.99 -49.87
CA ALA C 41 8.04 -6.31 -50.88
C ALA C 41 9.51 -6.51 -50.51
N GLN C 42 9.74 -6.84 -49.25
CA GLN C 42 11.08 -7.07 -48.73
C GLN C 42 11.40 -8.56 -48.68
N GLY C 43 10.48 -9.38 -49.18
CA GLY C 43 10.71 -10.81 -49.21
C GLY C 43 10.24 -11.60 -48.00
N TYR C 44 9.48 -10.93 -47.12
CA TYR C 44 8.99 -11.59 -45.92
C TYR C 44 7.48 -11.79 -45.97
N GLU C 45 7.03 -12.99 -45.61
CA GLU C 45 5.60 -13.28 -45.60
C GLU C 45 5.01 -12.68 -44.34
N LEU C 46 3.83 -12.10 -44.44
CA LEU C 46 3.18 -11.53 -43.27
C LEU C 46 1.71 -11.87 -43.24
N ASP C 47 1.27 -12.42 -42.11
CA ASP C 47 -0.12 -12.76 -41.90
C ASP C 47 -0.64 -11.75 -40.90
N TYR C 48 -1.94 -11.46 -40.93
CA TYR C 48 -2.50 -10.54 -39.95
C TYR C 48 -3.81 -11.10 -39.43
N PHE C 49 -4.16 -10.68 -38.22
CA PHE C 49 -5.38 -11.16 -37.57
C PHE C 49 -5.81 -10.17 -36.50
N GLN C 50 -7.12 -10.05 -36.31
CA GLN C 50 -7.65 -9.19 -35.27
C GLN C 50 -8.88 -9.85 -34.68
N ALA C 51 -9.02 -9.74 -33.37
CA ALA C 51 -10.18 -10.30 -32.67
C ALA C 51 -10.40 -9.57 -31.36
N ASN C 52 -11.63 -9.65 -30.86
CA ASN C 52 -11.99 -8.96 -29.64
C ASN C 52 -12.04 -9.84 -28.39
N GLY C 53 -11.48 -11.04 -28.49
CA GLY C 53 -11.47 -11.93 -27.35
C GLY C 53 -10.20 -12.74 -27.20
N GLU C 54 -9.91 -13.14 -25.96
CA GLU C 54 -8.72 -13.94 -25.65
C GLU C 54 -8.67 -15.27 -26.38
N GLU C 55 -9.77 -16.02 -26.42
CA GLU C 55 -9.73 -17.32 -27.09
C GLU C 55 -9.31 -17.22 -28.54
N SER C 56 -9.91 -16.28 -29.29
CA SER C 56 -9.55 -16.12 -30.69
C SER C 56 -8.08 -15.75 -30.88
N LEU C 57 -7.61 -14.82 -30.06
CA LEU C 57 -6.21 -14.38 -30.14
C LEU C 57 -5.25 -15.49 -29.75
N ILE C 58 -5.58 -16.19 -28.66
CA ILE C 58 -4.73 -17.29 -28.19
C ILE C 58 -4.68 -18.42 -29.22
N ASN C 59 -5.82 -18.78 -29.78
CA ASN C 59 -5.86 -19.83 -30.79
C ASN C 59 -4.97 -19.45 -31.97
N ARG C 60 -4.97 -18.17 -32.35
CA ARG C 60 -4.16 -17.73 -33.48
C ARG C 60 -2.68 -17.78 -33.14
N ILE C 61 -2.34 -17.47 -31.89
CA ILE C 61 -0.95 -17.50 -31.44
C ILE C 61 -0.46 -18.96 -31.45
N HIS C 62 -1.27 -19.89 -30.93
CA HIS C 62 -0.87 -21.30 -30.95
C HIS C 62 -0.68 -21.79 -32.38
N GLN C 63 -1.52 -21.32 -33.30
CA GLN C 63 -1.42 -21.74 -34.69
C GLN C 63 -0.12 -21.27 -35.35
N ALA C 64 0.50 -20.25 -34.79
CA ALA C 64 1.75 -19.69 -35.31
C ALA C 64 2.95 -20.53 -34.90
N PHE C 65 2.76 -21.36 -33.88
CA PHE C 65 3.84 -22.21 -33.37
C PHE C 65 4.56 -22.98 -34.47
N GLN C 66 5.89 -22.86 -34.49
CA GLN C 66 6.75 -23.55 -35.45
C GLN C 66 6.67 -23.13 -36.92
N ASN C 67 5.93 -22.07 -37.23
CA ASN C 67 5.85 -21.63 -38.62
C ASN C 67 5.98 -20.11 -38.73
N THR C 68 6.03 -19.43 -37.60
CA THR C 68 6.15 -17.98 -37.55
C THR C 68 7.42 -17.56 -36.81
N ASP C 69 8.15 -16.59 -37.36
CA ASP C 69 9.41 -16.17 -36.78
C ASP C 69 9.42 -14.91 -35.92
N PHE C 70 8.37 -14.10 -36.01
CA PHE C 70 8.31 -12.89 -35.20
C PHE C 70 6.87 -12.44 -35.13
N ILE C 71 6.49 -11.84 -34.01
CA ILE C 71 5.13 -11.36 -33.83
C ILE C 71 5.10 -9.87 -33.47
N ILE C 72 4.20 -9.14 -34.12
CA ILE C 72 4.03 -7.72 -33.83
C ILE C 72 2.60 -7.71 -33.29
N ILE C 73 2.44 -7.27 -32.04
CA ILE C 73 1.11 -7.27 -31.44
C ILE C 73 0.69 -6.02 -30.70
N ASN C 74 -0.51 -5.54 -31.03
CA ASN C 74 -1.11 -4.42 -30.32
C ASN C 74 -2.25 -5.15 -29.64
N PRO C 75 -2.07 -5.50 -28.36
CA PRO C 75 -3.09 -6.22 -27.60
C PRO C 75 -4.28 -5.38 -27.14
N GLY C 76 -4.26 -4.09 -27.41
CA GLY C 76 -5.38 -3.27 -26.95
C GLY C 76 -5.45 -3.33 -25.44
N ALA C 77 -6.68 -3.32 -24.90
CA ALA C 77 -6.89 -3.34 -23.46
C ALA C 77 -6.37 -4.61 -22.79
N PHE C 78 -6.20 -5.68 -23.56
CA PHE C 78 -5.71 -6.94 -22.99
C PHE C 78 -4.28 -6.83 -22.45
N THR C 79 -3.54 -5.79 -22.84
CA THR C 79 -2.20 -5.69 -22.28
C THR C 79 -2.27 -5.51 -20.76
N HIS C 80 -3.37 -4.91 -20.28
CA HIS C 80 -3.53 -4.67 -18.85
C HIS C 80 -4.21 -5.80 -18.09
N THR C 81 -4.88 -6.69 -18.80
CA THR C 81 -5.64 -7.75 -18.14
C THR C 81 -5.33 -9.19 -18.49
N SER C 82 -4.71 -9.44 -19.64
CA SER C 82 -4.50 -10.82 -20.09
C SER C 82 -3.24 -11.60 -19.77
N VAL C 83 -3.27 -12.31 -18.65
CA VAL C 83 -2.15 -13.18 -18.30
C VAL C 83 -2.23 -14.34 -19.30
N ALA C 84 -3.44 -14.67 -19.74
CA ALA C 84 -3.62 -15.77 -20.70
C ALA C 84 -2.87 -15.54 -22.02
N ILE C 85 -2.88 -14.30 -22.52
CA ILE C 85 -2.18 -14.02 -23.76
C ILE C 85 -0.67 -14.03 -23.52
N ARG C 86 -0.25 -13.54 -22.35
CA ARG C 86 1.15 -13.55 -21.99
C ARG C 86 1.64 -15.00 -22.08
N ASP C 87 0.93 -15.89 -21.41
CA ASP C 87 1.33 -17.30 -21.41
C ASP C 87 1.27 -17.99 -22.78
N ALA C 88 0.38 -17.53 -23.65
CA ALA C 88 0.29 -18.08 -24.99
C ALA C 88 1.55 -17.69 -25.76
N LEU C 89 1.94 -16.41 -25.65
CA LEU C 89 3.14 -15.95 -26.35
C LEU C 89 4.39 -16.66 -25.83
N LEU C 90 4.46 -16.87 -24.51
CA LEU C 90 5.62 -17.57 -23.93
C LEU C 90 5.62 -19.04 -24.34
N ALA C 91 4.43 -19.63 -24.44
CA ALA C 91 4.33 -21.04 -24.81
C ALA C 91 4.84 -21.38 -26.21
N VAL C 92 4.72 -20.44 -27.15
CA VAL C 92 5.16 -20.70 -28.52
C VAL C 92 6.59 -20.26 -28.80
N SER C 93 7.22 -19.59 -27.84
CA SER C 93 8.61 -19.14 -27.97
C SER C 93 8.91 -18.34 -29.23
N ILE C 94 8.06 -17.36 -29.52
CA ILE C 94 8.27 -16.50 -30.68
C ILE C 94 8.47 -15.10 -30.13
N PRO C 95 9.59 -14.44 -30.48
CA PRO C 95 9.83 -13.08 -29.98
C PRO C 95 8.76 -12.13 -30.50
N PHE C 96 8.37 -11.16 -29.69
CA PHE C 96 7.34 -10.20 -30.11
C PHE C 96 7.60 -8.77 -29.66
N ILE C 97 7.01 -7.83 -30.40
CA ILE C 97 7.12 -6.43 -30.05
C ILE C 97 5.70 -5.97 -29.78
N GLU C 98 5.51 -5.26 -28.67
CA GLU C 98 4.18 -4.75 -28.31
C GLU C 98 4.04 -3.33 -28.81
N VAL C 99 2.94 -3.03 -29.49
CA VAL C 99 2.69 -1.71 -30.05
C VAL C 99 1.37 -1.11 -29.58
N HIS C 100 1.38 0.19 -29.30
CA HIS C 100 0.17 0.90 -28.90
C HIS C 100 0.15 2.22 -29.64
N LEU C 101 -0.99 2.54 -30.25
CA LEU C 101 -1.12 3.80 -30.99
C LEU C 101 -1.01 5.01 -30.07
N SER C 102 -1.69 4.94 -28.94
CA SER C 102 -1.69 6.03 -27.97
C SER C 102 -0.63 5.77 -26.90
N ASN C 103 -0.30 6.81 -26.13
CA ASN C 103 0.67 6.72 -25.04
C ASN C 103 -0.05 6.20 -23.80
N VAL C 104 0.10 4.91 -23.51
CA VAL C 104 -0.57 4.31 -22.36
C VAL C 104 -0.20 4.94 -21.03
N HIS C 105 0.97 5.57 -20.94
CA HIS C 105 1.39 6.18 -19.70
C HIS C 105 0.80 7.57 -19.45
N ALA C 106 0.15 8.12 -20.48
CA ALA C 106 -0.45 9.44 -20.36
C ALA C 106 -1.94 9.37 -20.08
N ARG C 107 -2.42 8.16 -19.74
CA ARG C 107 -3.84 7.96 -19.47
C ARG C 107 -4.11 7.57 -18.01
N GLU C 108 -5.17 6.81 -17.77
CA GLU C 108 -5.50 6.42 -16.40
C GLU C 108 -4.40 5.55 -15.79
N PRO C 109 -4.23 5.63 -14.47
CA PRO C 109 -3.20 4.84 -13.77
C PRO C 109 -3.26 3.35 -14.04
N PHE C 110 -4.45 2.79 -14.23
CA PHE C 110 -4.53 1.35 -14.48
C PHE C 110 -3.93 0.91 -15.81
N ARG C 111 -3.67 1.87 -16.71
CA ARG C 111 -3.07 1.53 -18.00
C ARG C 111 -1.54 1.51 -17.92
N HIS C 112 -1.01 1.82 -16.74
CA HIS C 112 0.43 1.83 -16.53
C HIS C 112 0.99 0.41 -16.35
N HIS C 113 0.13 -0.54 -16.00
CA HIS C 113 0.55 -1.92 -15.80
C HIS C 113 0.24 -2.82 -16.98
N SER C 114 1.17 -3.72 -17.28
CA SER C 114 1.01 -4.65 -18.39
C SER C 114 1.47 -6.05 -18.05
N TYR C 115 0.80 -7.05 -18.61
CA TYR C 115 1.17 -8.44 -18.39
C TYR C 115 2.00 -8.92 -19.59
N LEU C 116 2.26 -8.02 -20.53
CA LEU C 116 3.02 -8.40 -21.71
C LEU C 116 4.37 -7.70 -21.87
N SER C 117 4.43 -6.44 -21.45
CA SER C 117 5.65 -5.65 -21.61
C SER C 117 6.97 -6.25 -21.10
N ASP C 118 6.93 -6.88 -19.94
CA ASP C 118 8.17 -7.44 -19.39
C ASP C 118 8.74 -8.64 -20.15
N VAL C 119 7.91 -9.32 -20.94
CA VAL C 119 8.42 -10.47 -21.71
C VAL C 119 8.50 -10.19 -23.20
N ALA C 120 8.21 -8.95 -23.58
CA ALA C 120 8.29 -8.55 -24.98
C ALA C 120 9.75 -8.22 -25.29
N LYS C 121 10.14 -8.34 -26.56
CA LYS C 121 11.49 -7.98 -26.96
C LYS C 121 11.60 -6.47 -26.73
N GLY C 122 10.55 -5.75 -27.11
CA GLY C 122 10.52 -4.31 -26.94
C GLY C 122 9.10 -3.77 -27.01
N VAL C 123 8.92 -2.51 -26.64
CA VAL C 123 7.60 -1.90 -26.66
C VAL C 123 7.65 -0.52 -27.33
N ILE C 124 6.64 -0.22 -28.14
CA ILE C 124 6.55 1.07 -28.83
C ILE C 124 5.16 1.62 -28.49
N CYS C 125 5.14 2.75 -27.81
CA CYS C 125 3.86 3.29 -27.36
C CYS C 125 3.69 4.80 -27.61
N GLY C 126 2.58 5.16 -28.24
CA GLY C 126 2.29 6.58 -28.48
C GLY C 126 2.70 7.17 -29.81
N LEU C 127 3.21 6.35 -30.73
CA LEU C 127 3.65 6.87 -32.04
C LEU C 127 2.65 6.69 -33.17
N GLY C 128 1.38 6.45 -32.83
CA GLY C 128 0.37 6.25 -33.85
C GLY C 128 0.60 5.01 -34.69
N ALA C 129 0.02 5.00 -35.89
CA ALA C 129 0.14 3.88 -36.80
C ALA C 129 1.57 3.59 -37.24
N LYS C 130 2.42 4.61 -37.23
CA LYS C 130 3.80 4.42 -37.65
C LYS C 130 4.53 3.47 -36.70
N GLY C 131 3.98 3.27 -35.51
CA GLY C 131 4.60 2.35 -34.57
C GLY C 131 4.68 0.95 -35.15
N TYR C 132 3.67 0.57 -35.94
CA TYR C 132 3.65 -0.76 -36.55
C TYR C 132 4.78 -0.85 -37.57
N ASP C 133 5.06 0.24 -38.27
CA ASP C 133 6.11 0.25 -39.27
C ASP C 133 7.47 0.04 -38.61
N TYR C 134 7.70 0.69 -37.48
CA TYR C 134 8.97 0.56 -36.78
C TYR C 134 9.12 -0.86 -36.25
N ALA C 135 8.03 -1.43 -35.76
CA ALA C 135 8.05 -2.80 -35.23
C ALA C 135 8.41 -3.77 -36.37
N LEU C 136 7.83 -3.55 -37.54
CA LEU C 136 8.11 -4.39 -38.70
C LEU C 136 9.56 -4.24 -39.11
N ASP C 137 10.06 -3.01 -39.09
CA ASP C 137 11.46 -2.80 -39.48
C ASP C 137 12.38 -3.54 -38.53
N PHE C 138 12.06 -3.52 -37.24
CA PHE C 138 12.89 -4.21 -36.26
C PHE C 138 12.88 -5.72 -36.47
N ALA C 139 11.68 -6.27 -36.67
CA ALA C 139 11.53 -7.71 -36.88
C ALA C 139 12.37 -8.15 -38.08
N ILE C 140 12.26 -7.41 -39.17
CA ILE C 140 13.00 -7.72 -40.38
C ILE C 140 14.51 -7.57 -40.16
N SER C 141 14.91 -6.55 -39.40
CA SER C 141 16.33 -6.32 -39.14
C SER C 141 16.92 -7.53 -38.41
N GLU C 142 16.17 -8.04 -37.43
CA GLU C 142 16.61 -9.20 -36.66
C GLU C 142 16.74 -10.42 -37.57
N LEU C 143 15.72 -10.66 -38.38
CA LEU C 143 15.73 -11.79 -39.29
C LEU C 143 16.84 -11.69 -40.33
N GLN C 144 17.13 -10.47 -40.78
CA GLN C 144 18.18 -10.28 -41.77
C GLN C 144 19.55 -10.59 -41.19
N LYS C 145 19.77 -10.27 -39.92
CA LYS C 145 21.05 -10.57 -39.29
C LYS C 145 21.17 -12.09 -39.14
N ILE C 146 20.06 -12.74 -38.80
CA ILE C 146 20.09 -14.19 -38.64
C ILE C 146 20.40 -14.88 -39.96
N GLN C 147 19.78 -14.40 -41.04
CA GLN C 147 20.00 -15.01 -42.36
C GLN C 147 21.44 -14.84 -42.83
N LEU C 148 22.03 -13.67 -42.61
CA LEU C 148 23.40 -13.45 -43.05
C LEU C 148 24.31 -14.35 -42.21
N GLY C 149 23.98 -14.51 -40.93
CA GLY C 149 24.78 -15.36 -40.07
C GLY C 149 24.79 -16.78 -40.62
N GLU C 150 23.63 -17.25 -41.04
CA GLU C 150 23.51 -18.60 -41.58
C GLU C 150 24.31 -18.75 -42.86
N MET C 151 24.36 -17.70 -43.67
CA MET C 151 25.13 -17.75 -44.91
C MET C 151 26.62 -17.87 -44.59
N MET C 152 27.10 -17.03 -43.69
CA MET C 152 28.50 -17.02 -43.32
C MET C 152 28.93 -18.18 -42.44
N ASN C 153 28.03 -19.11 -42.19
CA ASN C 153 28.36 -20.27 -41.38
C ASN C 153 28.26 -21.52 -42.24
N GLY C 154 29.29 -22.21 -42.40
N MET D 1 -50.40 3.76 9.03
CA MET D 1 -49.84 4.02 7.68
C MET D 1 -48.31 3.99 7.72
N LYS D 2 -47.70 3.47 6.65
CA LYS D 2 -46.25 3.39 6.57
C LYS D 2 -45.66 4.76 6.24
N LYS D 3 -44.46 5.02 6.76
CA LYS D 3 -43.81 6.32 6.54
C LYS D 3 -42.38 6.24 6.02
N ILE D 4 -42.05 7.17 5.13
CA ILE D 4 -40.72 7.24 4.53
C ILE D 4 -40.06 8.55 4.96
N LEU D 5 -38.76 8.50 5.27
CA LEU D 5 -38.03 9.69 5.65
C LEU D 5 -36.99 10.01 4.60
N LEU D 6 -37.05 11.23 4.07
CA LEU D 6 -36.08 11.69 3.08
C LEU D 6 -35.04 12.52 3.82
N LEU D 7 -33.78 12.12 3.71
CA LEU D 7 -32.68 12.83 4.37
C LEU D 7 -31.66 13.34 3.37
N ASN D 8 -31.28 14.61 3.50
CA ASN D 8 -30.28 15.18 2.63
C ASN D 8 -29.17 15.77 3.49
N GLY D 9 -27.94 15.50 3.09
CA GLY D 9 -26.78 15.95 3.86
C GLY D 9 -26.22 17.31 3.55
N PRO D 10 -24.97 17.56 3.98
CA PRO D 10 -24.31 18.84 3.75
C PRO D 10 -24.26 19.35 2.31
N ASN D 11 -24.49 20.65 2.21
CA ASN D 11 -24.46 21.39 0.96
C ASN D 11 -25.60 21.14 -0.03
N LEU D 12 -26.47 20.18 0.24
CA LEU D 12 -27.58 19.92 -0.67
C LEU D 12 -28.54 21.10 -0.73
N ASN D 13 -28.50 21.96 0.28
CA ASN D 13 -29.37 23.14 0.31
C ASN D 13 -28.95 24.15 -0.76
N MET D 14 -27.78 23.95 -1.34
CA MET D 14 -27.26 24.84 -2.38
C MET D 14 -27.75 24.50 -3.79
N LEU D 15 -28.58 23.46 -3.91
CA LEU D 15 -29.10 23.05 -5.21
C LEU D 15 -29.90 24.17 -5.88
N GLY D 16 -29.58 24.44 -7.15
CA GLY D 16 -30.29 25.47 -7.89
C GLY D 16 -29.91 26.90 -7.50
N LYS D 17 -28.98 27.04 -6.58
CA LYS D 17 -28.57 28.36 -6.13
C LYS D 17 -27.34 28.86 -6.87
N ARG D 18 -26.53 27.92 -7.37
CA ARG D 18 -25.33 28.28 -8.12
C ARG D 18 -25.83 28.93 -9.41
N GLU D 19 -25.18 30.00 -9.85
CA GLU D 19 -25.64 30.67 -11.06
C GLU D 19 -25.50 29.78 -12.30
N PRO D 20 -24.27 29.52 -12.77
CA PRO D 20 -24.16 28.66 -13.96
C PRO D 20 -24.58 27.23 -13.60
N HIS D 21 -25.88 27.07 -13.35
CA HIS D 21 -26.47 25.78 -12.97
C HIS D 21 -25.79 24.52 -13.48
N ILE D 22 -25.74 23.53 -12.60
CA ILE D 22 -25.14 22.23 -12.90
C ILE D 22 -26.25 21.23 -13.22
N TYR D 23 -27.36 21.34 -12.49
CA TYR D 23 -28.49 20.46 -12.69
C TYR D 23 -29.67 21.23 -13.26
N GLY D 24 -29.67 22.55 -13.03
CA GLY D 24 -30.75 23.38 -13.54
C GLY D 24 -31.25 24.41 -12.54
N SER D 25 -32.54 24.69 -12.60
CA SER D 25 -33.16 25.66 -11.71
C SER D 25 -33.78 25.00 -10.50
N GLN D 26 -33.93 23.68 -10.54
CA GLN D 26 -34.54 22.94 -9.45
C GLN D 26 -33.77 23.12 -8.13
N THR D 27 -34.52 23.30 -7.06
CA THR D 27 -33.93 23.49 -5.74
C THR D 27 -34.20 22.26 -4.88
N LEU D 28 -33.57 22.21 -3.71
CA LEU D 28 -33.79 21.09 -2.80
C LEU D 28 -35.26 21.08 -2.39
N SER D 29 -35.80 22.26 -2.14
CA SER D 29 -37.21 22.37 -1.75
C SER D 29 -38.13 21.78 -2.82
N ASP D 30 -37.78 21.99 -4.09
CA ASP D 30 -38.59 21.45 -5.18
C ASP D 30 -38.62 19.93 -5.11
N ILE D 31 -37.44 19.34 -4.89
CA ILE D 31 -37.32 17.90 -4.79
C ILE D 31 -38.09 17.36 -3.59
N GLU D 32 -37.91 18.01 -2.44
CA GLU D 32 -38.61 17.60 -1.22
C GLU D 32 -40.12 17.65 -1.41
N GLN D 33 -40.62 18.76 -1.94
CA GLN D 33 -42.06 18.89 -2.16
C GLN D 33 -42.58 17.85 -3.14
N HIS D 34 -41.83 17.64 -4.22
CA HIS D 34 -42.19 16.67 -5.25
C HIS D 34 -42.31 15.27 -4.68
N LEU D 35 -41.31 14.85 -3.92
CA LEU D 35 -41.31 13.50 -3.34
C LEU D 35 -42.43 13.33 -2.31
N GLN D 36 -42.66 14.33 -1.48
CA GLN D 36 -43.69 14.23 -0.47
C GLN D 36 -45.07 14.10 -1.13
N GLN D 37 -45.30 14.91 -2.15
CA GLN D 37 -46.58 14.87 -2.86
C GLN D 37 -46.78 13.52 -3.55
N SER D 38 -45.71 12.99 -4.12
CA SER D 38 -45.78 11.69 -4.79
C SER D 38 -46.08 10.58 -3.80
N ALA D 39 -45.44 10.62 -2.64
CA ALA D 39 -45.67 9.60 -1.62
C ALA D 39 -47.11 9.63 -1.12
N GLN D 40 -47.59 10.82 -0.76
CA GLN D 40 -48.95 10.97 -0.26
C GLN D 40 -49.98 10.52 -1.29
N ALA D 41 -49.70 10.81 -2.56
CA ALA D 41 -50.61 10.43 -3.65
C ALA D 41 -50.74 8.92 -3.75
N GLN D 42 -49.77 8.20 -3.20
CA GLN D 42 -49.81 6.75 -3.24
C GLN D 42 -50.24 6.12 -1.92
N GLY D 43 -50.69 6.97 -1.01
CA GLY D 43 -51.17 6.49 0.28
C GLY D 43 -50.11 6.33 1.36
N TYR D 44 -48.97 6.97 1.19
CA TYR D 44 -47.89 6.87 2.17
C TYR D 44 -47.50 8.22 2.74
N GLU D 45 -46.95 8.20 3.94
CA GLU D 45 -46.49 9.42 4.59
C GLU D 45 -45.00 9.58 4.32
N LEU D 46 -44.56 10.83 4.17
CA LEU D 46 -43.15 11.10 3.93
C LEU D 46 -42.73 12.40 4.58
N ASP D 47 -41.67 12.30 5.38
CA ASP D 47 -41.11 13.47 6.05
C ASP D 47 -39.79 13.75 5.35
N TYR D 48 -39.29 14.97 5.47
CA TYR D 48 -38.02 15.30 4.85
C TYR D 48 -37.21 16.20 5.77
N PHE D 49 -35.89 16.10 5.66
CA PHE D 49 -35.00 16.88 6.52
C PHE D 49 -33.66 17.04 5.82
N GLN D 50 -33.01 18.18 6.06
CA GLN D 50 -31.69 18.46 5.50
C GLN D 50 -30.89 19.22 6.53
N ALA D 51 -29.62 18.87 6.68
CA ALA D 51 -28.75 19.55 7.64
C ALA D 51 -27.29 19.41 7.16
N ASN D 52 -26.42 20.28 7.66
CA ASN D 52 -25.03 20.29 7.25
C ASN D 52 -24.08 19.72 8.29
N GLY D 53 -24.62 19.01 9.27
CA GLY D 53 -23.78 18.43 10.32
C GLY D 53 -24.22 17.05 10.77
N GLU D 54 -23.28 16.27 11.30
CA GLU D 54 -23.60 14.93 11.78
C GLU D 54 -24.60 14.90 12.94
N GLU D 55 -24.44 15.79 13.92
CA GLU D 55 -25.36 15.77 15.05
C GLU D 55 -26.81 15.99 14.62
N SER D 56 -27.06 16.98 13.77
CA SER D 56 -28.42 17.22 13.31
C SER D 56 -28.99 16.03 12.56
N LEU D 57 -28.21 15.46 11.66
CA LEU D 57 -28.65 14.31 10.88
C LEU D 57 -28.85 13.08 11.75
N ILE D 58 -27.93 12.83 12.67
CA ILE D 58 -28.05 11.67 13.54
C ILE D 58 -29.25 11.80 14.48
N ASN D 59 -29.48 13.00 15.02
CA ASN D 59 -30.63 13.19 15.89
C ASN D 59 -31.93 12.92 15.14
N ARG D 60 -31.98 13.32 13.87
CA ARG D 60 -33.20 13.10 13.07
C ARG D 60 -33.39 11.61 12.80
N ILE D 61 -32.29 10.90 12.60
CA ILE D 61 -32.35 9.46 12.36
C ILE D 61 -32.85 8.76 13.62
N HIS D 62 -32.32 9.14 14.78
CA HIS D 62 -32.76 8.53 16.04
C HIS D 62 -34.24 8.83 16.27
N GLN D 63 -34.67 10.05 15.93
CA GLN D 63 -36.07 10.43 16.12
C GLN D 63 -37.00 9.57 15.25
N ALA D 64 -36.47 9.04 14.15
CA ALA D 64 -37.26 8.21 13.24
C ALA D 64 -37.45 6.78 13.75
N PHE D 65 -36.68 6.41 14.76
CA PHE D 65 -36.74 5.07 15.34
C PHE D 65 -38.17 4.68 15.77
N GLN D 66 -38.63 3.54 15.28
CA GLN D 66 -39.96 3.00 15.60
C GLN D 66 -41.18 3.72 15.03
N ASN D 67 -40.98 4.66 14.12
CA ASN D 67 -42.12 5.35 13.50
C ASN D 67 -41.89 5.53 12.00
N THR D 68 -40.67 5.28 11.56
CA THR D 68 -40.33 5.40 10.14
C THR D 68 -39.98 4.01 9.61
N ASP D 69 -40.48 3.68 8.42
CA ASP D 69 -40.27 2.35 7.85
C ASP D 69 -39.21 2.22 6.77
N PHE D 70 -38.79 3.33 6.18
CA PHE D 70 -37.77 3.29 5.14
C PHE D 70 -37.15 4.67 5.02
N ILE D 71 -35.87 4.70 4.67
CA ILE D 71 -35.15 5.97 4.54
C ILE D 71 -34.50 6.11 3.17
N ILE D 72 -34.60 7.31 2.61
CA ILE D 72 -33.97 7.64 1.34
C ILE D 72 -32.99 8.72 1.76
N ILE D 73 -31.70 8.46 1.55
CA ILE D 73 -30.71 9.43 1.98
C ILE D 73 -29.62 9.77 0.97
N ASN D 74 -29.38 11.08 0.82
CA ASN D 74 -28.29 11.56 -0.02
C ASN D 74 -27.43 12.21 1.06
N PRO D 75 -26.42 11.48 1.56
CA PRO D 75 -25.51 11.96 2.60
C PRO D 75 -24.53 13.05 2.20
N GLY D 76 -24.46 13.36 0.91
CA GLY D 76 -23.53 14.38 0.47
C GLY D 76 -22.12 13.91 0.78
N ALA D 77 -21.25 14.83 1.18
CA ALA D 77 -19.86 14.51 1.49
C ALA D 77 -19.71 13.50 2.63
N PHE D 78 -20.72 13.41 3.50
CA PHE D 78 -20.63 12.48 4.63
C PHE D 78 -20.61 11.01 4.24
N THR D 79 -20.95 10.68 2.99
CA THR D 79 -20.91 9.27 2.61
C THR D 79 -19.45 8.79 2.68
N HIS D 80 -18.51 9.70 2.46
CA HIS D 80 -17.09 9.35 2.46
C HIS D 80 -16.41 9.49 3.82
N THR D 81 -17.06 10.17 4.76
CA THR D 81 -16.44 10.41 6.05
C THR D 81 -17.18 9.99 7.31
N SER D 82 -18.49 9.82 7.22
CA SER D 82 -19.28 9.55 8.42
C SER D 82 -19.59 8.14 8.90
N VAL D 83 -18.69 7.60 9.73
CA VAL D 83 -18.95 6.29 10.31
C VAL D 83 -20.09 6.50 11.32
N ALA D 84 -20.19 7.71 11.87
CA ALA D 84 -21.24 8.04 12.85
C ALA D 84 -22.64 7.90 12.27
N ILE D 85 -22.84 8.37 11.04
CA ILE D 85 -24.15 8.25 10.41
C ILE D 85 -24.42 6.79 10.05
N ARG D 86 -23.38 6.07 9.64
CA ARG D 86 -23.53 4.65 9.32
C ARG D 86 -24.09 3.95 10.55
N ASP D 87 -23.43 4.17 11.69
CA ASP D 87 -23.85 3.54 12.94
C ASP D 87 -25.22 3.98 13.43
N ALA D 88 -25.64 5.19 13.08
CA ALA D 88 -26.97 5.66 13.49
C ALA D 88 -28.02 4.87 12.70
N LEU D 89 -27.80 4.73 11.39
CA LEU D 89 -28.73 4.00 10.55
C LEU D 89 -28.82 2.53 10.98
N LEU D 90 -27.68 1.95 11.36
CA LEU D 90 -27.68 0.56 11.81
C LEU D 90 -28.36 0.41 13.16
N ALA D 91 -28.17 1.41 14.02
CA ALA D 91 -28.75 1.40 15.36
C ALA D 91 -30.27 1.43 15.36
N VAL D 92 -30.87 2.15 14.40
CA VAL D 92 -32.32 2.24 14.35
C VAL D 92 -32.95 1.13 13.50
N SER D 93 -32.10 0.38 12.82
CA SER D 93 -32.53 -0.74 12.00
C SER D 93 -33.62 -0.42 10.98
N ILE D 94 -33.47 0.70 10.29
CA ILE D 94 -34.42 1.10 9.26
C ILE D 94 -33.68 0.95 7.93
N PRO D 95 -34.24 0.17 6.99
CA PRO D 95 -33.58 -0.02 5.69
C PRO D 95 -33.51 1.30 4.93
N PHE D 96 -32.45 1.49 4.15
CA PHE D 96 -32.29 2.73 3.40
C PHE D 96 -31.64 2.58 2.04
N ILE D 97 -31.87 3.58 1.19
CA ILE D 97 -31.26 3.60 -0.13
C ILE D 97 -30.44 4.88 -0.20
N GLU D 98 -29.23 4.77 -0.70
CA GLU D 98 -28.31 5.90 -0.83
C GLU D 98 -28.45 6.49 -2.23
N VAL D 99 -28.63 7.80 -2.29
CA VAL D 99 -28.78 8.49 -3.57
C VAL D 99 -27.79 9.63 -3.73
N HIS D 100 -27.27 9.78 -4.94
CA HIS D 100 -26.34 10.86 -5.27
C HIS D 100 -26.71 11.42 -6.65
N LEU D 101 -26.84 12.73 -6.74
CA LEU D 101 -27.20 13.39 -8.00
C LEU D 101 -26.13 13.18 -9.06
N SER D 102 -24.87 13.42 -8.69
CA SER D 102 -23.74 13.28 -9.61
C SER D 102 -23.19 11.87 -9.50
N ASN D 103 -22.34 11.48 -10.45
CA ASN D 103 -21.71 10.17 -10.46
C ASN D 103 -20.44 10.25 -9.60
N VAL D 104 -20.51 9.73 -8.37
CA VAL D 104 -19.40 9.79 -7.44
C VAL D 104 -18.15 9.08 -7.93
N HIS D 105 -18.33 8.11 -8.82
CA HIS D 105 -17.22 7.34 -9.36
C HIS D 105 -16.43 8.07 -10.45
N ALA D 106 -16.99 9.17 -10.96
CA ALA D 106 -16.33 9.93 -12.01
C ALA D 106 -15.57 11.14 -11.47
N ARG D 107 -15.50 11.26 -10.15
CA ARG D 107 -14.82 12.38 -9.51
C ARG D 107 -13.50 11.95 -8.87
N GLU D 108 -13.06 12.66 -7.84
CA GLU D 108 -11.79 12.31 -7.18
C GLU D 108 -11.82 10.91 -6.59
N PRO D 109 -10.65 10.26 -6.54
CA PRO D 109 -10.53 8.91 -5.99
C PRO D 109 -11.09 8.73 -4.58
N PHE D 110 -10.95 9.76 -3.74
CA PHE D 110 -11.45 9.66 -2.38
C PHE D 110 -12.97 9.55 -2.31
N ARG D 111 -13.66 9.90 -3.40
CA ARG D 111 -15.11 9.81 -3.42
C ARG D 111 -15.57 8.40 -3.81
N HIS D 112 -14.62 7.53 -4.10
CA HIS D 112 -14.93 6.16 -4.48
C HIS D 112 -15.29 5.29 -3.28
N HIS D 113 -14.93 5.76 -2.09
CA HIS D 113 -15.21 5.02 -0.86
C HIS D 113 -16.39 5.58 -0.08
N SER D 114 -17.21 4.68 0.45
CA SER D 114 -18.39 5.08 1.22
C SER D 114 -18.55 4.25 2.48
N TYR D 115 -18.99 4.89 3.55
CA TYR D 115 -19.23 4.21 4.81
C TYR D 115 -20.69 3.77 4.92
N LEU D 116 -21.46 4.01 3.86
CA LEU D 116 -22.87 3.66 3.85
C LEU D 116 -23.27 2.64 2.79
N SER D 117 -22.64 2.69 1.63
CA SER D 117 -23.00 1.79 0.53
C SER D 117 -23.10 0.32 0.87
N ASP D 118 -22.15 -0.20 1.63
CA ASP D 118 -22.17 -1.63 1.96
C ASP D 118 -23.30 -2.09 2.87
N VAL D 119 -23.93 -1.16 3.59
CA VAL D 119 -25.04 -1.54 4.45
C VAL D 119 -26.39 -1.00 3.96
N ALA D 120 -26.36 -0.31 2.82
CA ALA D 120 -27.59 0.22 2.24
C ALA D 120 -28.27 -0.91 1.47
N LYS D 121 -29.59 -0.80 1.29
CA LYS D 121 -30.32 -1.80 0.52
C LYS D 121 -29.79 -1.68 -0.91
N GLY D 122 -29.59 -0.44 -1.35
CA GLY D 122 -29.09 -0.19 -2.68
C GLY D 122 -28.55 1.23 -2.82
N VAL D 123 -27.94 1.53 -3.97
CA VAL D 123 -27.37 2.85 -4.22
C VAL D 123 -27.66 3.27 -5.66
N ILE D 124 -28.04 4.53 -5.83
CA ILE D 124 -28.34 5.10 -7.15
C ILE D 124 -27.46 6.33 -7.28
N CYS D 125 -26.62 6.37 -8.31
CA CYS D 125 -25.67 7.48 -8.45
C CYS D 125 -25.59 8.04 -9.88
N GLY D 126 -25.60 9.36 -10.00
CA GLY D 126 -25.46 9.99 -11.30
C GLY D 126 -26.69 10.26 -12.15
N LEU D 127 -27.88 9.96 -11.64
CA LEU D 127 -29.11 10.17 -12.41
C LEU D 127 -29.88 11.44 -12.04
N GLY D 128 -29.19 12.37 -11.38
CA GLY D 128 -29.82 13.60 -10.97
C GLY D 128 -31.01 13.41 -10.05
N ALA D 129 -31.95 14.35 -10.10
CA ALA D 129 -33.14 14.29 -9.25
C ALA D 129 -33.99 13.05 -9.45
N LYS D 130 -33.94 12.49 -10.66
CA LYS D 130 -34.70 11.28 -10.99
C LYS D 130 -34.31 10.15 -10.03
N GLY D 131 -33.07 10.20 -9.54
CA GLY D 131 -32.62 9.18 -8.62
C GLY D 131 -33.50 9.07 -7.39
N TYR D 132 -33.98 10.21 -6.90
CA TYR D 132 -34.84 10.22 -5.73
C TYR D 132 -36.19 9.57 -6.06
N ASP D 133 -36.68 9.77 -7.28
CA ASP D 133 -37.95 9.18 -7.68
C ASP D 133 -37.85 7.65 -7.68
N TYR D 134 -36.74 7.14 -8.21
CA TYR D 134 -36.54 5.69 -8.24
C TYR D 134 -36.42 5.15 -6.82
N ALA D 135 -35.72 5.88 -5.96
CA ALA D 135 -35.56 5.46 -4.57
C ALA D 135 -36.93 5.39 -3.90
N LEU D 136 -37.78 6.38 -4.16
CA LEU D 136 -39.11 6.39 -3.58
C LEU D 136 -39.92 5.20 -4.09
N ASP D 137 -39.81 4.92 -5.39
CA ASP D 137 -40.53 3.80 -5.96
C ASP D 137 -40.10 2.50 -5.30
N PHE D 138 -38.79 2.33 -5.11
CA PHE D 138 -38.32 1.10 -4.49
C PHE D 138 -38.76 1.04 -3.04
N ALA D 139 -38.66 2.16 -2.33
CA ALA D 139 -39.06 2.21 -0.92
C ALA D 139 -40.51 1.75 -0.79
N ILE D 140 -41.38 2.27 -1.65
CA ILE D 140 -42.78 1.88 -1.59
C ILE D 140 -42.97 0.39 -1.87
N SER D 141 -42.20 -0.17 -2.80
CA SER D 141 -42.33 -1.59 -3.11
C SER D 141 -41.97 -2.44 -1.89
N GLU D 142 -40.98 -1.98 -1.12
CA GLU D 142 -40.55 -2.69 0.06
C GLU D 142 -41.61 -2.58 1.15
N LEU D 143 -42.19 -1.39 1.31
CA LEU D 143 -43.20 -1.18 2.31
C LEU D 143 -44.43 -2.03 2.02
N GLN D 144 -44.72 -2.24 0.74
CA GLN D 144 -45.87 -3.05 0.34
C GLN D 144 -45.68 -4.49 0.81
N LYS D 145 -44.46 -5.00 0.70
CA LYS D 145 -44.18 -6.36 1.13
C LYS D 145 -44.29 -6.47 2.65
N ILE D 146 -43.92 -5.41 3.35
CA ILE D 146 -44.01 -5.38 4.80
C ILE D 146 -45.47 -5.40 5.23
N GLN D 147 -46.28 -4.56 4.59
CA GLN D 147 -47.70 -4.49 4.91
C GLN D 147 -48.36 -5.86 4.71
N LEU D 148 -47.99 -6.54 3.63
CA LEU D 148 -48.55 -7.86 3.35
C LEU D 148 -48.11 -8.87 4.39
N GLY D 149 -46.87 -8.73 4.86
CA GLY D 149 -46.36 -9.64 5.87
C GLY D 149 -47.04 -9.46 7.22
N GLU D 150 -47.57 -8.27 7.45
CA GLU D 150 -48.25 -7.95 8.71
C GLU D 150 -49.69 -8.45 8.72
N MET D 151 -50.16 -8.93 7.57
CA MET D 151 -51.52 -9.44 7.45
C MET D 151 -51.73 -10.82 8.07
N MET D 152 -50.74 -11.57 8.15
N MET E 1 -17.28 48.21 -1.77
CA MET E 1 -16.53 47.64 -0.62
C MET E 1 -16.39 46.13 -0.72
N LYS E 2 -15.17 45.67 -0.96
CA LYS E 2 -14.90 44.24 -1.05
C LYS E 2 -14.82 43.69 0.37
N LYS E 3 -15.39 42.50 0.58
CA LYS E 3 -15.41 41.89 1.91
C LYS E 3 -14.58 40.62 2.00
N ILE E 4 -13.88 40.46 3.12
CA ILE E 4 -13.05 39.29 3.38
C ILE E 4 -13.60 38.59 4.60
N LEU E 5 -13.65 37.25 4.57
CA LEU E 5 -14.16 36.49 5.70
C LEU E 5 -13.05 35.63 6.31
N LEU E 6 -12.82 35.81 7.61
CA LEU E 6 -11.80 35.03 8.33
C LEU E 6 -12.53 33.91 9.06
N LEU E 7 -12.15 32.67 8.75
CA LEU E 7 -12.77 31.51 9.37
C LEU E 7 -11.74 30.71 10.15
N ASN E 8 -12.11 30.33 11.37
CA ASN E 8 -11.23 29.52 12.21
C ASN E 8 -11.99 28.28 12.67
N GLY E 9 -11.35 27.13 12.52
CA GLY E 9 -11.97 25.86 12.88
C GLY E 9 -11.86 25.38 14.31
N PRO E 10 -12.14 24.08 14.53
CA PRO E 10 -12.08 23.52 15.88
C PRO E 10 -10.79 23.77 16.65
N ASN E 11 -10.97 24.03 17.95
CA ASN E 11 -9.88 24.26 18.90
C ASN E 11 -9.07 25.55 18.80
N LEU E 12 -9.32 26.35 17.77
CA LEU E 12 -8.59 27.61 17.63
C LEU E 12 -8.94 28.60 18.73
N ASN E 13 -10.09 28.40 19.36
CA ASN E 13 -10.52 29.27 20.45
C ASN E 13 -9.64 29.05 21.69
N MET E 14 -8.83 27.99 21.68
CA MET E 14 -7.94 27.70 22.80
C MET E 14 -6.62 28.47 22.74
N LEU E 15 -6.40 29.21 21.66
CA LEU E 15 -5.16 29.97 21.51
C LEU E 15 -4.87 30.91 22.68
N GLY E 16 -3.66 30.81 23.22
CA GLY E 16 -3.26 31.65 24.34
C GLY E 16 -3.86 31.27 25.67
N LYS E 17 -4.56 30.15 25.73
CA LYS E 17 -5.20 29.73 26.97
C LYS E 17 -4.44 28.62 27.70
N ARG E 18 -3.65 27.86 26.95
CA ARG E 18 -2.90 26.73 27.50
C ARG E 18 -1.69 27.13 28.34
N ILE E 22 2.52 27.65 23.49
CA ILE E 22 3.13 27.28 22.22
C ILE E 22 3.41 28.51 21.35
N TYR E 23 2.42 29.42 21.29
CA TYR E 23 2.56 30.62 20.48
C TYR E 23 2.70 31.89 21.31
N GLY E 24 2.05 31.92 22.47
CA GLY E 24 2.14 33.09 23.31
C GLY E 24 0.83 33.52 23.94
N SER E 25 0.87 34.65 24.64
CA SER E 25 -0.29 35.21 25.32
C SER E 25 -1.42 35.58 24.36
N GLN E 26 -1.07 35.79 23.10
CA GLN E 26 -2.06 36.18 22.09
C GLN E 26 -3.21 35.17 21.96
N THR E 27 -4.43 35.69 21.95
CA THR E 27 -5.62 34.86 21.85
C THR E 27 -6.22 34.93 20.45
N LEU E 28 -7.24 34.10 20.20
CA LEU E 28 -7.90 34.09 18.91
C LEU E 28 -8.55 35.46 18.68
N SER E 29 -9.16 36.00 19.73
CA SER E 29 -9.81 37.30 19.64
C SER E 29 -8.80 38.37 19.24
N ASP E 30 -7.59 38.30 19.81
CA ASP E 30 -6.53 39.24 19.49
C ASP E 30 -6.28 39.25 17.98
N ILE E 31 -6.15 38.05 17.40
CA ILE E 31 -5.91 37.90 15.98
C ILE E 31 -7.08 38.40 15.13
N GLU E 32 -8.30 38.06 15.54
CA GLU E 32 -9.48 38.50 14.80
C GLU E 32 -9.57 40.02 14.76
N GLN E 33 -9.41 40.64 15.92
CA GLN E 33 -9.47 42.10 16.01
C GLN E 33 -8.35 42.76 15.21
N HIS E 34 -7.14 42.23 15.33
CA HIS E 34 -6.00 42.77 14.61
C HIS E 34 -6.17 42.69 13.10
N LEU E 35 -6.72 41.57 12.63
CA LEU E 35 -6.91 41.39 11.21
C LEU E 35 -8.03 42.29 10.69
N GLN E 36 -9.08 42.45 11.49
CA GLN E 36 -10.20 43.29 11.08
C GLN E 36 -9.74 44.75 11.02
N GLN E 37 -9.02 45.18 12.03
CA GLN E 37 -8.51 46.55 12.07
C GLN E 37 -7.66 46.84 10.84
N SER E 38 -6.74 45.93 10.55
CA SER E 38 -5.84 46.08 9.41
C SER E 38 -6.58 46.15 8.09
N ALA E 39 -7.62 45.32 7.93
CA ALA E 39 -8.39 45.30 6.70
C ALA E 39 -9.15 46.61 6.50
N GLN E 40 -9.80 47.09 7.56
CA GLN E 40 -10.55 48.33 7.48
C GLN E 40 -9.64 49.53 7.20
N ALA E 41 -8.46 49.50 7.79
CA ALA E 41 -7.49 50.59 7.61
C ALA E 41 -7.03 50.67 6.16
N GLN E 42 -7.36 49.64 5.38
CA GLN E 42 -6.98 49.59 3.97
C GLN E 42 -8.17 49.74 3.03
N GLY E 43 -9.33 50.04 3.58
CA GLY E 43 -10.52 50.22 2.76
C GLY E 43 -11.30 48.96 2.47
N TYR E 44 -11.13 47.93 3.30
CA TYR E 44 -11.83 46.67 3.11
C TYR E 44 -12.65 46.30 4.33
N GLU E 45 -13.69 45.50 4.13
CA GLU E 45 -14.52 45.04 5.23
C GLU E 45 -14.09 43.62 5.52
N LEU E 46 -14.08 43.24 6.79
CA LEU E 46 -13.69 41.89 7.16
C LEU E 46 -14.54 41.36 8.30
N ASP E 47 -15.13 40.18 8.09
CA ASP E 47 -15.93 39.55 9.11
C ASP E 47 -15.10 38.36 9.59
N TYR E 48 -15.38 37.87 10.79
CA TYR E 48 -14.67 36.71 11.32
C TYR E 48 -15.64 35.78 12.03
N PHE E 49 -15.27 34.50 12.08
CA PHE E 49 -16.13 33.50 12.70
C PHE E 49 -15.28 32.30 13.11
N GLN E 50 -15.65 31.66 14.22
CA GLN E 50 -14.93 30.46 14.67
C GLN E 50 -15.94 29.48 15.26
N ALA E 51 -15.77 28.20 14.97
CA ALA E 51 -16.66 27.19 15.51
C ALA E 51 -15.96 25.85 15.55
N ASN E 52 -16.45 24.95 16.40
CA ASN E 52 -15.85 23.63 16.55
C ASN E 52 -16.58 22.51 15.84
N GLY E 53 -17.52 22.85 14.95
CA GLY E 53 -18.25 21.84 14.22
C GLY E 53 -18.44 22.15 12.76
N GLU E 54 -18.66 21.11 11.95
CA GLU E 54 -18.85 21.28 10.51
C GLU E 54 -20.12 22.04 10.18
N GLU E 55 -21.22 21.76 10.88
CA GLU E 55 -22.48 22.44 10.59
C GLU E 55 -22.36 23.95 10.74
N SER E 56 -21.81 24.40 11.86
CA SER E 56 -21.65 25.84 12.11
C SER E 56 -20.76 26.50 11.05
N LEU E 57 -19.64 25.86 10.72
CA LEU E 57 -18.72 26.41 9.72
C LEU E 57 -19.32 26.42 8.32
N ILE E 58 -20.00 25.33 7.95
CA ILE E 58 -20.60 25.23 6.63
C ILE E 58 -21.71 26.27 6.49
N ASN E 59 -22.52 26.44 7.54
CA ASN E 59 -23.59 27.43 7.48
C ASN E 59 -23.02 28.84 7.30
N ARG E 60 -21.89 29.11 7.96
CA ARG E 60 -21.28 30.44 7.82
C ARG E 60 -20.73 30.64 6.41
N ILE E 61 -20.20 29.57 5.83
CA ILE E 61 -19.66 29.63 4.48
C ILE E 61 -20.80 29.88 3.48
N HIS E 62 -21.93 29.21 3.69
CA HIS E 62 -23.08 29.39 2.81
C HIS E 62 -23.60 30.83 2.91
N GLN E 63 -23.55 31.38 4.12
CA GLN E 63 -24.03 32.74 4.34
C GLN E 63 -23.17 33.78 3.63
N ALA E 64 -21.92 33.42 3.33
CA ALA E 64 -21.00 34.33 2.66
C ALA E 64 -21.20 34.32 1.14
N PHE E 65 -22.05 33.42 0.67
CA PHE E 65 -22.34 33.30 -0.77
C PHE E 65 -22.84 34.61 -1.36
N GLN E 66 -22.17 35.06 -2.42
CA GLN E 66 -22.53 36.30 -3.13
C GLN E 66 -22.32 37.64 -2.43
N ASN E 67 -21.70 37.63 -1.25
CA ASN E 67 -21.46 38.89 -0.55
C ASN E 67 -20.03 38.99 -0.03
N THR E 68 -19.29 37.89 -0.13
CA THR E 68 -17.90 37.84 0.34
C THR E 68 -17.00 37.55 -0.85
N ASP E 69 -15.89 38.28 -0.95
CA ASP E 69 -14.98 38.13 -2.07
C ASP E 69 -13.74 37.27 -1.88
N PHE E 70 -13.37 36.99 -0.62
CA PHE E 70 -12.20 36.17 -0.36
C PHE E 70 -12.27 35.60 1.05
N ILE E 71 -11.78 34.37 1.21
CA ILE E 71 -11.79 33.71 2.52
C ILE E 71 -10.40 33.33 3.00
N ILE E 72 -10.15 33.58 4.27
CA ILE E 72 -8.89 33.20 4.91
C ILE E 72 -9.36 32.17 5.93
N ILE E 73 -8.89 30.94 5.81
CA ILE E 73 -9.35 29.92 6.74
C ILE E 73 -8.28 29.03 7.35
N ASN E 74 -8.37 28.85 8.66
CA ASN E 74 -7.49 27.91 9.37
C ASN E 74 -8.54 26.90 9.82
N PRO E 75 -8.68 25.80 9.08
CA PRO E 75 -9.66 24.75 9.39
C PRO E 75 -9.31 23.87 10.58
N GLY E 76 -8.14 24.07 11.14
CA GLY E 76 -7.74 23.24 12.26
C GLY E 76 -7.71 21.81 11.79
N ALA E 77 -8.10 20.87 12.66
CA ALA E 77 -8.11 19.45 12.33
C ALA E 77 -9.01 19.07 11.16
N PHE E 78 -10.02 19.89 10.86
CA PHE E 78 -10.91 19.58 9.75
C PHE E 78 -10.22 19.56 8.40
N THR E 79 -9.01 20.09 8.31
CA THR E 79 -8.33 20.07 7.02
C THR E 79 -8.04 18.62 6.64
N HIS E 80 -7.89 17.75 7.65
CA HIS E 80 -7.59 16.35 7.38
C HIS E 80 -8.82 15.45 7.26
N THR E 81 -9.97 15.92 7.75
CA THR E 81 -11.16 15.09 7.75
C THR E 81 -12.41 15.58 7.05
N SER E 82 -12.52 16.89 6.82
CA SER E 82 -13.75 17.42 6.26
C SER E 82 -13.92 17.62 4.76
N VAL E 83 -14.53 16.65 4.12
CA VAL E 83 -14.82 16.73 2.70
C VAL E 83 -16.05 17.67 2.60
N ALA E 84 -16.86 17.71 3.65
CA ALA E 84 -18.05 18.55 3.67
C ALA E 84 -17.70 20.04 3.57
N ILE E 85 -16.67 20.46 4.30
CA ILE E 85 -16.25 21.86 4.26
C ILE E 85 -15.60 22.15 2.90
N ARG E 86 -14.88 21.17 2.36
CA ARG E 86 -14.27 21.33 1.05
C ARG E 86 -15.39 21.64 0.05
N ASP E 87 -16.44 20.83 0.11
CA ASP E 87 -17.56 21.00 -0.81
C ASP E 87 -18.36 22.29 -0.57
N ALA E 88 -18.37 22.77 0.67
CA ALA E 88 -19.07 24.01 0.97
C ALA E 88 -18.32 25.16 0.31
N LEU E 89 -17.00 25.15 0.44
CA LEU E 89 -16.17 26.20 -0.16
C LEU E 89 -16.29 26.19 -1.68
N LEU E 90 -16.35 25.00 -2.27
CA LEU E 90 -16.46 24.89 -3.71
C LEU E 90 -17.84 25.33 -4.18
N ALA E 91 -18.86 25.03 -3.39
CA ALA E 91 -20.23 25.38 -3.75
C ALA E 91 -20.49 26.88 -3.83
N VAL E 92 -19.81 27.67 -3.00
CA VAL E 92 -20.02 29.12 -3.02
C VAL E 92 -19.06 29.88 -3.93
N SER E 93 -18.11 29.15 -4.52
CA SER E 93 -17.14 29.72 -5.45
C SER E 93 -16.40 30.97 -4.96
N ILE E 94 -15.86 30.91 -3.74
CA ILE E 94 -15.10 32.02 -3.19
C ILE E 94 -13.67 31.56 -2.98
N PRO E 95 -12.70 32.23 -3.61
CA PRO E 95 -11.29 31.83 -3.44
C PRO E 95 -10.86 31.91 -1.98
N PHE E 96 -10.00 30.99 -1.56
CA PHE E 96 -9.53 31.01 -0.19
C PHE E 96 -8.07 30.59 -0.04
N ILE E 97 -7.50 30.99 1.09
CA ILE E 97 -6.13 30.65 1.41
C ILE E 97 -6.21 29.89 2.74
N GLU E 98 -5.49 28.79 2.83
CA GLU E 98 -5.49 27.96 4.04
C GLU E 98 -4.29 28.33 4.92
N VAL E 99 -4.54 28.55 6.20
CA VAL E 99 -3.49 28.92 7.14
C VAL E 99 -3.43 28.00 8.36
N HIS E 100 -2.22 27.66 8.77
CA HIS E 100 -1.99 26.84 9.96
C HIS E 100 -0.85 27.46 10.74
N LEU E 101 -1.01 27.57 12.05
CA LEU E 101 0.00 28.14 12.93
C LEU E 101 1.26 27.25 13.00
N SER E 102 1.03 25.95 13.20
CA SER E 102 2.13 24.99 13.29
C SER E 102 2.42 24.39 11.92
N ASN E 103 3.59 23.75 11.77
CA ASN E 103 3.96 23.11 10.51
C ASN E 103 3.32 21.71 10.51
N VAL E 104 2.27 21.54 9.73
CA VAL E 104 1.55 20.26 9.67
C VAL E 104 2.39 19.11 9.13
N HIS E 105 3.44 19.42 8.39
CA HIS E 105 4.30 18.39 7.82
C HIS E 105 5.32 17.85 8.81
N ALA E 106 5.48 18.55 9.93
CA ALA E 106 6.46 18.14 10.95
C ALA E 106 5.81 17.36 12.09
N ARG E 107 4.57 16.91 11.88
CA ARG E 107 3.87 16.18 12.92
C ARG E 107 3.57 14.75 12.47
N GLU E 108 2.48 14.17 12.95
CA GLU E 108 2.12 12.79 12.58
C GLU E 108 1.84 12.64 11.10
N PRO E 109 2.08 11.45 10.55
CA PRO E 109 1.85 11.17 9.13
C PRO E 109 0.43 11.51 8.66
N PHE E 110 -0.57 11.33 9.51
CA PHE E 110 -1.93 11.62 9.09
C PHE E 110 -2.23 13.10 8.85
N ARG E 111 -1.36 13.98 9.34
CA ARG E 111 -1.57 15.42 9.14
C ARG E 111 -1.00 15.88 7.81
N HIS E 112 -0.38 14.96 7.07
CA HIS E 112 0.20 15.26 5.77
C HIS E 112 -0.86 15.31 4.67
N HIS E 113 -2.04 14.78 4.95
CA HIS E 113 -3.13 14.75 3.97
C HIS E 113 -4.18 15.83 4.26
N SER E 114 -4.68 16.45 3.20
CA SER E 114 -5.68 17.51 3.36
C SER E 114 -6.76 17.44 2.29
N TYR E 115 -7.98 17.79 2.68
CA TYR E 115 -9.11 17.81 1.75
C TYR E 115 -9.35 19.24 1.29
N LEU E 116 -8.50 20.17 1.73
CA LEU E 116 -8.67 21.57 1.36
C LEU E 116 -7.50 22.16 0.58
N SER E 117 -6.29 21.76 0.93
CA SER E 117 -5.10 22.29 0.28
C SER E 117 -5.08 22.31 -1.24
N ASP E 118 -5.56 21.24 -1.88
CA ASP E 118 -5.54 21.17 -3.34
C ASP E 118 -6.52 22.11 -4.05
N VAL E 119 -7.51 22.64 -3.33
CA VAL E 119 -8.47 23.54 -3.95
C VAL E 119 -8.31 24.98 -3.45
N ALA E 120 -7.35 25.18 -2.55
CA ALA E 120 -7.09 26.52 -2.02
C ALA E 120 -6.22 27.25 -3.04
N LYS E 121 -6.18 28.58 -2.94
CA LYS E 121 -5.36 29.38 -3.83
C LYS E 121 -3.92 29.08 -3.42
N GLY E 122 -3.70 29.04 -2.11
CA GLY E 122 -2.38 28.76 -1.58
C GLY E 122 -2.47 28.35 -0.13
N VAL E 123 -1.35 27.94 0.45
CA VAL E 123 -1.33 27.51 1.84
C VAL E 123 -0.10 28.09 2.55
N ILE E 124 -0.30 28.47 3.81
CA ILE E 124 0.77 29.01 4.65
C ILE E 124 0.78 28.17 5.93
N CYS E 125 1.88 27.49 6.20
CA CYS E 125 1.90 26.59 7.35
C CYS E 125 3.20 26.74 8.17
N GLY E 126 3.03 26.83 9.49
CA GLY E 126 4.19 26.92 10.37
C GLY E 126 4.74 28.27 10.79
N LEU E 127 4.10 29.36 10.35
CA LEU E 127 4.58 30.69 10.69
C LEU E 127 3.82 31.41 11.81
N GLY E 128 3.09 30.63 12.61
CA GLY E 128 2.36 31.21 13.71
C GLY E 128 1.29 32.20 13.26
N ALA E 129 0.96 33.14 14.15
CA ALA E 129 -0.05 34.15 13.89
C ALA E 129 0.26 35.06 12.71
N LYS E 130 1.54 35.22 12.39
CA LYS E 130 1.92 36.07 11.27
C LYS E 130 1.41 35.49 9.96
N GLY E 131 1.11 34.19 9.96
CA GLY E 131 0.58 33.57 8.76
C GLY E 131 -0.72 34.22 8.33
N TYR E 132 -1.51 34.66 9.32
CA TYR E 132 -2.79 35.31 9.04
C TYR E 132 -2.56 36.68 8.39
N ASP E 133 -1.50 37.36 8.83
CA ASP E 133 -1.15 38.68 8.29
C ASP E 133 -0.81 38.53 6.81
N TYR E 134 -0.01 37.53 6.48
CA TYR E 134 0.38 37.31 5.09
C TYR E 134 -0.83 36.94 4.25
N ALA E 135 -1.74 36.15 4.82
CA ALA E 135 -2.93 35.73 4.11
C ALA E 135 -3.79 36.95 3.75
N LEU E 136 -3.91 37.88 4.68
CA LEU E 136 -4.69 39.10 4.46
C LEU E 136 -4.04 39.92 3.35
N ASP E 137 -2.71 40.04 3.42
CA ASP E 137 -1.98 40.79 2.41
C ASP E 137 -2.25 40.21 1.03
N PHE E 138 -2.22 38.88 0.93
CA PHE E 138 -2.46 38.23 -0.34
C PHE E 138 -3.90 38.43 -0.81
N ALA E 139 -4.86 38.28 0.10
CA ALA E 139 -6.27 38.44 -0.24
C ALA E 139 -6.48 39.82 -0.85
N ILE E 140 -5.97 40.85 -0.20
CA ILE E 140 -6.11 42.22 -0.69
C ILE E 140 -5.45 42.38 -2.05
N SER E 141 -4.23 41.85 -2.20
CA SER E 141 -3.52 41.95 -3.47
C SER E 141 -4.33 41.30 -4.59
N GLU E 142 -5.02 40.20 -4.27
CA GLU E 142 -5.83 39.50 -5.25
C GLU E 142 -7.06 40.32 -5.61
N LEU E 143 -7.69 40.91 -4.60
CA LEU E 143 -8.88 41.72 -4.82
C LEU E 143 -8.56 42.98 -5.62
N GLN E 144 -7.31 43.43 -5.53
CA GLN E 144 -6.89 44.62 -6.27
C GLN E 144 -6.87 44.29 -7.76
N LYS E 145 -6.70 43.01 -8.08
CA LYS E 145 -6.67 42.57 -9.46
C LYS E 145 -8.04 42.86 -10.07
N ILE E 146 -9.09 42.48 -9.34
CA ILE E 146 -10.45 42.72 -9.77
C ILE E 146 -10.72 44.20 -9.54
N MET F 1 -13.17 20.41 43.55
CA MET F 1 -12.16 19.47 44.09
C MET F 1 -11.51 18.71 42.93
N LYS F 2 -11.43 17.39 43.05
CA LYS F 2 -10.87 16.55 42.01
C LYS F 2 -12.09 15.98 41.28
N LYS F 3 -12.24 16.35 40.01
CA LYS F 3 -13.41 15.92 39.24
C LYS F 3 -13.10 15.05 38.02
N ILE F 4 -14.03 14.14 37.71
CA ILE F 4 -13.88 13.25 36.58
C ILE F 4 -15.03 13.47 35.60
N LEU F 5 -14.73 13.44 34.31
CA LEU F 5 -15.76 13.64 33.29
C LEU F 5 -15.93 12.43 32.39
N LEU F 6 -17.15 11.90 32.36
CA LEU F 6 -17.49 10.77 31.50
C LEU F 6 -18.09 11.34 30.21
N LEU F 7 -17.50 10.98 29.09
CA LEU F 7 -17.97 11.43 27.79
C LEU F 7 -18.33 10.26 26.90
N ASN F 8 -19.52 10.31 26.31
CA ASN F 8 -19.96 9.26 25.41
C ASN F 8 -20.29 9.91 24.08
N GLY F 9 -19.81 9.30 23.02
CA GLY F 9 -20.00 9.80 21.67
C GLY F 9 -21.29 9.46 20.98
N PRO F 10 -21.32 9.61 19.64
CA PRO F 10 -22.53 9.32 18.87
C PRO F 10 -23.13 7.92 18.99
N ASN F 11 -24.46 7.89 19.00
CA ASN F 11 -25.25 6.67 19.07
C ASN F 11 -25.27 5.91 20.38
N LEU F 12 -24.44 6.30 21.34
CA LEU F 12 -24.45 5.60 22.63
C LEU F 12 -25.79 5.79 23.35
N ASN F 13 -26.54 6.83 22.98
CA ASN F 13 -27.83 7.06 23.62
C ASN F 13 -28.84 5.98 23.19
N MET F 14 -28.49 5.20 22.18
CA MET F 14 -29.37 4.14 21.69
C MET F 14 -29.22 2.83 22.47
N LEU F 15 -28.31 2.79 23.44
CA LEU F 15 -28.10 1.57 24.22
C LEU F 15 -29.36 1.07 24.92
N GLY F 16 -29.65 -0.21 24.73
CA GLY F 16 -30.82 -0.83 25.36
C GLY F 16 -32.17 -0.46 24.78
N LYS F 17 -32.19 0.25 23.66
CA LYS F 17 -33.45 0.68 23.07
C LYS F 17 -34.02 -0.20 21.96
N ARG F 18 -33.19 -1.01 21.32
CA ARG F 18 -33.67 -1.87 20.25
C ARG F 18 -33.69 -3.34 20.67
N SER F 25 -30.78 -4.76 28.02
CA SER F 25 -31.73 -3.91 28.73
C SER F 25 -31.06 -2.64 29.27
N GLN F 26 -29.79 -2.74 29.65
CA GLN F 26 -29.08 -1.59 30.21
C GLN F 26 -29.02 -0.44 29.22
N THR F 27 -29.35 0.76 29.70
CA THR F 27 -29.35 1.95 28.88
C THR F 27 -28.15 2.82 29.21
N LEU F 28 -27.94 3.86 28.41
CA LEU F 28 -26.84 4.79 28.66
C LEU F 28 -27.06 5.46 30.00
N SER F 29 -28.30 5.84 30.28
CA SER F 29 -28.61 6.49 31.55
C SER F 29 -28.28 5.58 32.73
N ASP F 30 -28.56 4.29 32.60
CA ASP F 30 -28.26 3.33 33.66
C ASP F 30 -26.76 3.38 33.96
N ILE F 31 -25.95 3.38 32.90
CA ILE F 31 -24.50 3.42 33.05
C ILE F 31 -24.01 4.74 33.66
N GLU F 32 -24.53 5.86 33.16
CA GLU F 32 -24.15 7.17 33.67
C GLU F 32 -24.45 7.30 35.16
N GLN F 33 -25.66 6.95 35.57
CA GLN F 33 -26.06 7.06 36.97
C GLN F 33 -25.24 6.12 37.85
N HIS F 34 -25.05 4.88 37.38
CA HIS F 34 -24.28 3.90 38.13
C HIS F 34 -22.85 4.38 38.37
N LEU F 35 -22.21 4.85 37.31
CA LEU F 35 -20.82 5.32 37.42
C LEU F 35 -20.71 6.55 38.32
N GLN F 36 -21.68 7.45 38.20
CA GLN F 36 -21.67 8.66 39.01
C GLN F 36 -21.83 8.32 40.50
N GLN F 37 -22.69 7.35 40.80
CA GLN F 37 -22.91 6.97 42.18
C GLN F 37 -21.69 6.22 42.72
N SER F 38 -21.08 5.40 41.86
CA SER F 38 -19.89 4.65 42.26
C SER F 38 -18.76 5.62 42.58
N ALA F 39 -18.57 6.62 41.73
CA ALA F 39 -17.53 7.62 41.94
C ALA F 39 -17.80 8.37 43.23
N GLN F 40 -19.07 8.73 43.47
CA GLN F 40 -19.43 9.46 44.67
C GLN F 40 -19.13 8.64 45.92
N ALA F 41 -19.43 7.34 45.86
CA ALA F 41 -19.17 6.46 47.00
C ALA F 41 -17.68 6.39 47.30
N GLN F 42 -16.86 6.53 46.25
CA GLN F 42 -15.42 6.48 46.40
C GLN F 42 -14.83 7.85 46.73
N GLY F 43 -15.72 8.84 46.87
CA GLY F 43 -15.30 10.19 47.23
C GLY F 43 -14.99 11.16 46.09
N TYR F 44 -15.47 10.88 44.89
CA TYR F 44 -15.18 11.74 43.75
C TYR F 44 -16.42 12.22 43.02
N GLU F 45 -16.33 13.42 42.47
CA GLU F 45 -17.42 14.02 41.70
C GLU F 45 -17.25 13.71 40.23
N LEU F 46 -18.24 13.05 39.64
CA LEU F 46 -18.18 12.70 38.23
C LEU F 46 -19.31 13.37 37.46
N ASP F 47 -18.96 14.04 36.37
CA ASP F 47 -19.95 14.68 35.50
C ASP F 47 -20.04 13.78 34.28
N TYR F 48 -21.16 13.83 33.56
CA TYR F 48 -21.27 13.01 32.36
C TYR F 48 -21.94 13.83 31.26
N PHE F 49 -21.69 13.43 30.02
CA PHE F 49 -22.24 14.11 28.87
C PHE F 49 -22.18 13.18 27.67
N GLN F 50 -23.19 13.27 26.79
CA GLN F 50 -23.24 12.46 25.59
C GLN F 50 -23.80 13.35 24.50
N ALA F 51 -23.27 13.20 23.29
CA ALA F 51 -23.73 13.99 22.14
C ALA F 51 -23.39 13.27 20.86
N ASN F 52 -24.09 13.62 19.79
CA ASN F 52 -23.88 12.97 18.51
C ASN F 52 -23.07 13.77 17.49
N GLY F 53 -22.42 14.84 17.96
CA GLY F 53 -21.63 15.67 17.06
C GLY F 53 -20.35 16.17 17.66
N GLU F 54 -19.38 16.48 16.80
CA GLU F 54 -18.09 16.98 17.27
C GLU F 54 -18.17 18.33 17.97
N GLU F 55 -18.97 19.27 17.44
CA GLU F 55 -19.04 20.56 18.11
C GLU F 55 -19.50 20.44 19.56
N SER F 56 -20.59 19.71 19.80
CA SER F 56 -21.09 19.53 21.15
C SER F 56 -20.07 18.88 22.08
N LEU F 57 -19.41 17.83 21.57
CA LEU F 57 -18.41 17.11 22.38
C LEU F 57 -17.17 17.96 22.65
N ILE F 58 -16.68 18.64 21.62
CA ILE F 58 -15.51 19.50 21.75
C ILE F 58 -15.80 20.65 22.70
N ASN F 59 -17.01 21.22 22.60
CA ASN F 59 -17.33 22.31 23.50
C ASN F 59 -17.35 21.83 24.96
N ARG F 60 -17.83 20.62 25.19
CA ARG F 60 -17.86 20.09 26.55
C ARG F 60 -16.45 19.84 27.06
N ILE F 61 -15.56 19.41 26.16
CA ILE F 61 -14.17 19.16 26.53
C ILE F 61 -13.49 20.49 26.90
N HIS F 62 -13.76 21.53 26.11
CA HIS F 62 -13.19 22.83 26.40
C HIS F 62 -13.69 23.35 27.75
N GLN F 63 -14.96 23.10 28.04
CA GLN F 63 -15.55 23.54 29.31
C GLN F 63 -14.91 22.84 30.50
N ALA F 64 -14.37 21.66 30.28
CA ALA F 64 -13.73 20.89 31.35
C ALA F 64 -12.33 21.41 31.69
N PHE F 65 -11.77 22.21 30.80
CA PHE F 65 -10.43 22.78 30.98
C PHE F 65 -10.28 23.50 32.32
N GLN F 66 -9.24 23.11 33.06
CA GLN F 66 -8.92 23.70 34.36
C GLN F 66 -9.82 23.37 35.56
N ASN F 67 -10.85 22.55 35.35
CA ASN F 67 -11.71 22.18 36.46
C ASN F 67 -11.90 20.66 36.53
N THR F 68 -11.54 19.96 35.46
CA THR F 68 -11.66 18.51 35.42
C THR F 68 -10.28 17.89 35.37
N ASP F 69 -10.06 16.85 36.19
CA ASP F 69 -8.76 16.21 36.27
C ASP F 69 -8.54 14.91 35.50
N PHE F 70 -9.61 14.26 35.06
CA PHE F 70 -9.48 13.02 34.30
C PHE F 70 -10.75 12.80 33.48
N ILE F 71 -10.58 12.22 32.30
CA ILE F 71 -11.70 11.94 31.41
C ILE F 71 -11.79 10.46 31.03
N ILE F 72 -13.01 9.94 31.03
CA ILE F 72 -13.26 8.56 30.62
C ILE F 72 -14.10 8.78 29.38
N ILE F 73 -13.63 8.31 28.23
CA ILE F 73 -14.39 8.55 27.01
C ILE F 73 -14.61 7.37 26.08
N ASN F 74 -15.85 7.20 25.66
CA ASN F 74 -16.20 6.20 24.66
C ASN F 74 -16.66 7.10 23.53
N PRO F 75 -15.78 7.34 22.55
CA PRO F 75 -16.05 8.20 21.40
C PRO F 75 -16.99 7.64 20.36
N GLY F 76 -17.39 6.38 20.51
CA GLY F 76 -18.26 5.78 19.50
C GLY F 76 -17.54 5.81 18.16
N ALA F 77 -18.29 6.05 17.09
CA ALA F 77 -17.70 6.08 15.75
C ALA F 77 -16.61 7.14 15.57
N PHE F 78 -16.65 8.20 16.38
CA PHE F 78 -15.65 9.26 16.26
C PHE F 78 -14.24 8.78 16.57
N THR F 79 -14.12 7.60 17.17
CA THR F 79 -12.81 7.06 17.48
C THR F 79 -12.02 6.92 16.17
N HIS F 80 -12.74 6.54 15.11
CA HIS F 80 -12.12 6.29 13.83
C HIS F 80 -12.06 7.49 12.89
N THR F 81 -12.78 8.55 13.22
CA THR F 81 -12.83 9.70 12.31
C THR F 81 -12.44 11.07 12.83
N SER F 82 -12.54 11.28 14.13
CA SER F 82 -12.30 12.61 14.70
C SER F 82 -10.94 13.09 15.19
N VAL F 83 -10.19 13.70 14.30
CA VAL F 83 -8.90 14.29 14.65
C VAL F 83 -9.23 15.51 15.51
N ALA F 84 -10.39 16.12 15.26
CA ALA F 84 -10.79 17.30 16.03
C ALA F 84 -10.95 17.02 17.52
N ILE F 85 -11.54 15.88 17.87
CA ILE F 85 -11.72 15.53 19.28
C ILE F 85 -10.36 15.17 19.88
N ARG F 86 -9.50 14.51 19.11
CA ARG F 86 -8.15 14.19 19.57
C ARG F 86 -7.47 15.50 19.96
N ASP F 87 -7.51 16.47 19.06
CA ASP F 87 -6.88 17.76 19.31
C ASP F 87 -7.51 18.54 20.45
N ALA F 88 -8.80 18.33 20.70
CA ALA F 88 -9.48 19.02 21.80
C ALA F 88 -8.94 18.46 23.12
N LEU F 89 -8.83 17.13 23.19
CA LEU F 89 -8.32 16.50 24.41
C LEU F 89 -6.88 16.91 24.68
N LEU F 90 -6.08 17.00 23.62
CA LEU F 90 -4.68 17.39 23.75
C LEU F 90 -4.57 18.86 24.15
N ALA F 91 -5.47 19.69 23.62
CA ALA F 91 -5.45 21.12 23.93
C ALA F 91 -5.75 21.42 25.40
N VAL F 92 -6.61 20.64 26.02
CA VAL F 92 -6.94 20.88 27.43
C VAL F 92 -6.01 20.16 28.40
N SER F 93 -5.16 19.29 27.87
CA SER F 93 -4.20 18.56 28.69
C SER F 93 -4.80 17.77 29.86
N ILE F 94 -5.89 17.08 29.59
CA ILE F 94 -6.52 16.27 30.62
C ILE F 94 -6.31 14.81 30.22
N PRO F 95 -5.70 14.02 31.10
CA PRO F 95 -5.45 12.60 30.76
C PRO F 95 -6.78 11.87 30.61
N PHE F 96 -6.80 10.87 29.73
CA PHE F 96 -8.03 10.10 29.51
C PHE F 96 -7.84 8.65 29.17
N ILE F 97 -8.89 7.87 29.40
CA ILE F 97 -8.91 6.45 29.08
C ILE F 97 -10.02 6.27 28.06
N GLU F 98 -9.72 5.54 27.00
CA GLU F 98 -10.66 5.26 25.93
C GLU F 98 -11.37 3.94 26.24
N VAL F 99 -12.70 3.95 26.17
CA VAL F 99 -13.49 2.75 26.44
C VAL F 99 -14.45 2.39 25.31
N HIS F 100 -14.57 1.09 25.04
CA HIS F 100 -15.49 0.57 24.04
C HIS F 100 -16.18 -0.65 24.62
N LEU F 101 -17.50 -0.70 24.48
CA LEU F 101 -18.28 -1.83 25.01
C LEU F 101 -17.98 -3.10 24.24
N SER F 102 -17.96 -3.01 22.92
CA SER F 102 -17.69 -4.13 22.03
C SER F 102 -16.21 -4.21 21.75
N ASN F 103 -15.75 -5.34 21.20
CA ASN F 103 -14.34 -5.53 20.85
C ASN F 103 -14.14 -4.96 19.44
N VAL F 104 -13.58 -3.76 19.35
CA VAL F 104 -13.38 -3.11 18.05
C VAL F 104 -12.51 -3.90 17.09
N HIS F 105 -11.58 -4.69 17.63
CA HIS F 105 -10.68 -5.47 16.79
C HIS F 105 -11.35 -6.66 16.12
N ALA F 106 -12.55 -7.01 16.59
CA ALA F 106 -13.28 -8.14 16.02
C ALA F 106 -14.30 -7.70 14.97
N ARG F 107 -14.32 -6.40 14.67
CA ARG F 107 -15.27 -5.88 13.69
C ARG F 107 -14.59 -5.52 12.36
N GLU F 108 -15.19 -4.61 11.60
CA GLU F 108 -14.60 -4.23 10.31
C GLU F 108 -13.21 -3.63 10.45
N PRO F 109 -12.35 -3.82 9.44
CA PRO F 109 -10.98 -3.31 9.45
C PRO F 109 -10.88 -1.81 9.73
N PHE F 110 -11.84 -1.01 9.25
CA PHE F 110 -11.76 0.42 9.49
C PHE F 110 -11.91 0.79 10.96
N ARG F 111 -12.45 -0.13 11.76
CA ARG F 111 -12.61 0.15 13.18
C ARG F 111 -11.34 -0.20 13.96
N HIS F 112 -10.33 -0.71 13.27
CA HIS F 112 -9.07 -1.07 13.91
C HIS F 112 -8.16 0.14 14.14
N HIS F 113 -8.52 1.27 13.55
CA HIS F 113 -7.71 2.47 13.70
C HIS F 113 -8.42 3.51 14.57
N SER F 114 -7.66 4.14 15.45
CA SER F 114 -8.21 5.14 16.37
C SER F 114 -7.35 6.40 16.39
N TYR F 115 -8.02 7.55 16.41
CA TYR F 115 -7.32 8.81 16.47
C TYR F 115 -7.11 9.22 17.92
N LEU F 116 -7.49 8.34 18.84
CA LEU F 116 -7.34 8.62 20.27
C LEU F 116 -6.43 7.66 21.01
N SER F 117 -6.42 6.39 20.60
CA SER F 117 -5.62 5.39 21.31
C SER F 117 -4.16 5.72 21.62
N ASP F 118 -3.43 6.24 20.63
CA ASP F 118 -2.03 6.55 20.86
C ASP F 118 -1.74 7.66 21.86
N VAL F 119 -2.73 8.51 22.16
CA VAL F 119 -2.52 9.59 23.12
C VAL F 119 -3.30 9.38 24.42
N ALA F 120 -4.01 8.26 24.50
CA ALA F 120 -4.78 7.93 25.69
C ALA F 120 -3.81 7.33 26.70
N LYS F 121 -4.18 7.41 27.97
CA LYS F 121 -3.36 6.83 29.04
C LYS F 121 -3.48 5.31 28.82
N GLY F 122 -4.69 4.87 28.50
CA GLY F 122 -4.95 3.47 28.25
C GLY F 122 -6.26 3.24 27.50
N VAL F 123 -6.49 2.00 27.07
CA VAL F 123 -7.70 1.65 26.34
C VAL F 123 -8.25 0.32 26.83
N ILE F 124 -9.57 0.26 26.98
CA ILE F 124 -10.29 -0.95 27.42
C ILE F 124 -11.35 -1.24 26.37
N CYS F 125 -11.28 -2.42 25.77
CA CYS F 125 -12.21 -2.75 24.70
C CYS F 125 -12.81 -4.15 24.84
N GLY F 126 -14.13 -4.26 24.66
CA GLY F 126 -14.79 -5.56 24.70
C GLY F 126 -15.34 -6.11 26.00
N LEU F 127 -15.23 -5.37 27.09
CA LEU F 127 -15.71 -5.85 28.39
C LEU F 127 -17.06 -5.25 28.79
N GLY F 128 -17.80 -4.78 27.79
CA GLY F 128 -19.11 -4.19 28.07
C GLY F 128 -19.04 -3.03 29.04
N ALA F 129 -20.14 -2.81 29.77
CA ALA F 129 -20.24 -1.72 30.72
C ALA F 129 -19.18 -1.77 31.83
N LYS F 130 -18.71 -2.96 32.18
CA LYS F 130 -17.68 -3.07 33.21
C LYS F 130 -16.43 -2.30 32.83
N GLY F 131 -16.19 -2.14 31.54
CA GLY F 131 -15.03 -1.39 31.08
C GLY F 131 -15.02 0.00 31.69
N TYR F 132 -16.21 0.60 31.85
CA TYR F 132 -16.29 1.93 32.45
C TYR F 132 -15.90 1.88 33.93
N ASP F 133 -16.28 0.81 34.62
CA ASP F 133 -15.94 0.66 36.04
C ASP F 133 -14.42 0.63 36.22
N TYR F 134 -13.73 -0.13 35.37
CA TYR F 134 -12.28 -0.25 35.44
C TYR F 134 -11.64 1.11 35.14
N ALA F 135 -12.15 1.80 34.14
CA ALA F 135 -11.61 3.12 33.79
C ALA F 135 -11.77 4.08 34.97
N LEU F 136 -12.91 3.99 35.66
CA LEU F 136 -13.18 4.85 36.81
C LEU F 136 -12.20 4.53 37.93
N ASP F 137 -11.96 3.24 38.15
CA ASP F 137 -11.04 2.84 39.20
C ASP F 137 -9.66 3.40 38.92
N PHE F 138 -9.20 3.28 37.68
CA PHE F 138 -7.88 3.78 37.33
C PHE F 138 -7.83 5.30 37.45
N ALA F 139 -8.87 5.97 36.98
CA ALA F 139 -8.91 7.43 37.06
C ALA F 139 -8.74 7.89 38.50
N ILE F 140 -9.47 7.26 39.41
CA ILE F 140 -9.39 7.60 40.82
C ILE F 140 -7.99 7.37 41.37
N SER F 141 -7.35 6.28 40.97
CA SER F 141 -6.00 6.00 41.45
C SER F 141 -5.04 7.10 41.01
N GLU F 142 -5.23 7.59 39.80
CA GLU F 142 -4.37 8.67 39.27
C GLU F 142 -4.63 9.98 40.01
N LEU F 143 -5.89 10.27 40.30
CA LEU F 143 -6.22 11.51 41.01
C LEU F 143 -5.69 11.50 42.43
N GLN F 144 -5.67 10.32 43.05
CA GLN F 144 -5.16 10.21 44.41
C GLN F 144 -3.69 10.62 44.43
N LYS F 145 -2.92 10.16 43.45
CA LYS F 145 -1.52 10.51 43.36
C LYS F 145 -1.36 12.02 43.14
N ILE F 146 -2.24 12.60 42.33
CA ILE F 146 -2.19 14.03 42.07
C ILE F 146 -2.44 14.83 43.34
N GLN F 147 -3.48 14.45 44.08
CA GLN F 147 -3.84 15.13 45.32
C GLN F 147 -2.68 15.10 46.30
N LEU F 148 -2.04 13.94 46.43
CA LEU F 148 -0.91 13.78 47.34
C LEU F 148 0.30 14.57 46.86
N GLY F 149 0.48 14.61 45.54
CA GLY F 149 1.60 15.34 44.97
C GLY F 149 1.52 16.84 45.18
N GLU F 150 0.31 17.38 45.17
CA GLU F 150 0.12 18.81 45.37
C GLU F 150 0.13 19.13 46.86
N MET F 151 -0.12 18.08 47.65
CA MET F 151 -0.14 18.20 49.10
C MET F 151 1.22 18.67 49.62
N MET F 152 2.22 17.99 49.35
N MET G 1 38.53 -8.86 32.39
CA MET G 1 37.71 -7.87 33.14
C MET G 1 36.37 -7.67 32.44
N LYS G 2 36.38 -6.92 31.34
CA LYS G 2 35.16 -6.69 30.58
C LYS G 2 34.80 -7.96 29.83
N LYS G 3 33.51 -8.20 29.66
CA LYS G 3 33.07 -9.40 28.98
C LYS G 3 32.20 -9.14 27.76
N ILE G 4 32.39 -9.97 26.74
CA ILE G 4 31.64 -9.87 25.49
C ILE G 4 30.91 -11.19 25.29
N LEU G 5 29.67 -11.10 24.82
CA LEU G 5 28.87 -12.29 24.56
C LEU G 5 28.59 -12.40 23.07
N LEU G 6 28.97 -13.54 22.50
CA LEU G 6 28.74 -13.81 21.09
C LEU G 6 27.49 -14.69 21.01
N LEU G 7 26.48 -14.23 20.29
CA LEU G 7 25.24 -14.99 20.14
C LEU G 7 24.98 -15.33 18.67
N ASN G 8 24.57 -16.56 18.43
CA ASN G 8 24.26 -16.99 17.07
C ASN G 8 22.89 -17.63 17.07
N GLY G 9 22.07 -17.26 16.08
CA GLY G 9 20.73 -17.76 15.98
C GLY G 9 20.48 -19.04 15.22
N PRO G 10 19.21 -19.30 14.85
CA PRO G 10 18.84 -20.51 14.12
C PRO G 10 19.63 -20.82 12.86
N ASN G 11 19.93 -22.10 12.71
CA ASN G 11 20.65 -22.64 11.57
C ASN G 11 22.13 -22.29 11.40
N LEU G 12 22.67 -21.45 12.27
CA LEU G 12 24.08 -21.10 12.17
C LEU G 12 24.96 -22.32 12.47
N ASN G 13 24.40 -23.29 13.19
CA ASN G 13 25.15 -24.50 13.51
C ASN G 13 25.42 -25.35 12.27
N MET G 14 24.71 -25.04 11.18
CA MET G 14 24.88 -25.78 9.93
C MET G 14 26.01 -25.25 9.06
N LEU G 15 26.68 -24.19 9.50
CA LEU G 15 27.78 -23.60 8.76
C LEU G 15 28.88 -24.62 8.46
N GLY G 16 29.29 -24.69 7.20
CA GLY G 16 30.34 -25.61 6.80
C GLY G 16 29.93 -27.07 6.73
N LYS G 17 28.65 -27.35 6.88
CA LYS G 17 28.16 -28.73 6.84
C LYS G 17 27.45 -29.04 5.53
N ARG G 18 27.33 -28.03 4.67
CA ARG G 18 26.64 -28.21 3.39
C ARG G 18 27.60 -28.35 2.22
N SER G 25 34.20 -24.70 4.34
CA SER G 25 34.88 -25.59 5.27
C SER G 25 34.73 -25.13 6.71
N GLN G 26 34.94 -23.83 6.94
CA GLN G 26 34.83 -23.26 8.27
C GLN G 26 33.44 -23.47 8.86
N THR G 27 33.41 -23.87 10.13
CA THR G 27 32.16 -24.13 10.84
C THR G 27 31.90 -23.04 11.88
N LEU G 28 30.77 -23.17 12.57
CA LEU G 28 30.42 -22.20 13.60
C LEU G 28 31.44 -22.31 14.73
N SER G 29 31.81 -23.55 15.06
CA SER G 29 32.78 -23.79 16.12
C SER G 29 34.08 -23.05 15.86
N ASP G 30 34.55 -23.07 14.62
CA ASP G 30 35.78 -22.38 14.26
C ASP G 30 35.68 -20.90 14.54
N ILE G 31 34.52 -20.31 14.25
CA ILE G 31 34.30 -18.90 14.48
C ILE G 31 34.23 -18.58 15.98
N GLU G 32 33.52 -19.42 16.73
CA GLU G 32 33.39 -19.22 18.16
C GLU G 32 34.75 -19.28 18.84
N GLN G 33 35.51 -20.32 18.52
CA GLN G 33 36.84 -20.50 19.11
C GLN G 33 37.80 -19.38 18.72
N HIS G 34 37.76 -18.98 17.45
CA HIS G 34 38.62 -17.91 16.96
C HIS G 34 38.35 -16.59 17.67
N LEU G 35 37.08 -16.24 17.82
CA LEU G 35 36.73 -15.00 18.51
C LEU G 35 37.09 -15.03 19.99
N GLN G 36 36.84 -16.16 20.65
CA GLN G 36 37.15 -16.27 22.06
C GLN G 36 38.64 -16.14 22.29
N GLN G 37 39.43 -16.83 21.47
CA GLN G 37 40.89 -16.76 21.60
C GLN G 37 41.39 -15.34 21.38
N SER G 38 40.89 -14.69 20.34
CA SER G 38 41.29 -13.32 20.02
C SER G 38 40.96 -12.35 21.14
N ALA G 39 39.79 -12.52 21.74
CA ALA G 39 39.37 -11.64 22.83
C ALA G 39 40.23 -11.83 24.07
N GLN G 40 40.45 -13.09 24.44
CA GLN G 40 41.24 -13.41 25.62
C GLN G 40 42.68 -12.93 25.46
N ALA G 41 43.21 -13.00 24.25
CA ALA G 41 44.57 -12.57 23.98
C ALA G 41 44.68 -11.06 24.22
N GLN G 42 43.58 -10.35 24.06
CA GLN G 42 43.55 -8.90 24.25
C GLN G 42 43.14 -8.49 25.65
N GLY G 43 43.03 -9.46 26.55
CA GLY G 43 42.67 -9.16 27.92
C GLY G 43 41.18 -9.06 28.18
N TYR G 44 40.38 -9.69 27.32
CA TYR G 44 38.94 -9.66 27.46
C TYR G 44 38.35 -11.06 27.59
N GLU G 45 37.20 -11.15 28.24
CA GLU G 45 36.53 -12.43 28.41
C GLU G 45 35.43 -12.48 27.37
N LEU G 46 35.22 -13.64 26.76
CA LEU G 46 34.18 -13.77 25.76
C LEU G 46 33.48 -15.11 25.87
N ASP G 47 32.16 -15.06 26.00
CA ASP G 47 31.34 -16.25 26.08
C ASP G 47 30.62 -16.35 24.74
N TYR G 48 30.21 -17.55 24.37
CA TYR G 48 29.48 -17.73 23.12
C TYR G 48 28.34 -18.71 23.33
N PHE G 49 27.31 -18.59 22.50
CA PHE G 49 26.14 -19.44 22.61
C PHE G 49 25.39 -19.44 21.28
N GLN G 50 24.75 -20.56 20.95
CA GLN G 50 23.97 -20.69 19.73
C GLN G 50 22.76 -21.58 20.03
N ALA G 51 21.62 -21.26 19.42
CA ALA G 51 20.41 -22.05 19.63
C ALA G 51 19.45 -21.78 18.49
N ASN G 52 18.51 -22.68 18.29
CA ASN G 52 17.55 -22.54 17.21
C ASN G 52 16.16 -22.08 17.63
N GLY G 53 16.05 -21.53 18.82
CA GLY G 53 14.77 -21.07 19.31
C GLY G 53 14.82 -19.79 20.11
N GLU G 54 13.70 -19.07 20.15
CA GLU G 54 13.63 -17.82 20.90
C GLU G 54 13.80 -18.01 22.41
N GLU G 55 13.19 -19.03 22.98
CA GLU G 55 13.32 -19.22 24.43
C GLU G 55 14.78 -19.38 24.84
N SER G 56 15.51 -20.25 24.16
CA SER G 56 16.92 -20.47 24.50
C SER G 56 17.75 -19.20 24.36
N LEU G 57 17.56 -18.48 23.26
CA LEU G 57 18.31 -17.25 23.04
C LEU G 57 17.94 -16.16 24.04
N ILE G 58 16.64 -15.98 24.29
CA ILE G 58 16.19 -14.96 25.23
C ILE G 58 16.69 -15.27 26.65
N ASN G 59 16.66 -16.53 27.05
CA ASN G 59 17.15 -16.87 28.39
C ASN G 59 18.64 -16.56 28.51
N ARG G 60 19.42 -16.84 27.47
CA ARG G 60 20.85 -16.54 27.53
C ARG G 60 21.06 -15.03 27.61
N ILE G 61 20.23 -14.27 26.91
CA ILE G 61 20.35 -12.81 26.95
C ILE G 61 20.04 -12.29 28.36
N HIS G 62 18.98 -12.80 28.98
CA HIS G 62 18.61 -12.38 30.31
C HIS G 62 19.73 -12.72 31.30
N GLN G 63 20.38 -13.86 31.08
CA GLN G 63 21.47 -14.29 31.97
C GLN G 63 22.67 -13.37 31.91
N ALA G 64 22.77 -12.57 30.85
CA ALA G 64 23.89 -11.64 30.68
C ALA G 64 23.65 -10.29 31.35
N PHE G 65 22.43 -10.05 31.81
CA PHE G 65 22.07 -8.79 32.46
C PHE G 65 23.00 -8.39 33.60
N GLN G 66 23.58 -7.20 33.50
CA GLN G 66 24.47 -6.65 34.53
C GLN G 66 25.83 -7.32 34.68
N ASN G 67 26.19 -8.23 33.78
CA ASN G 67 27.49 -8.88 33.87
C ASN G 67 28.22 -8.96 32.53
N THR G 68 27.53 -8.56 31.46
CA THR G 68 28.11 -8.58 30.12
C THR G 68 28.11 -7.14 29.61
N ASP G 69 29.23 -6.72 29.02
CA ASP G 69 29.36 -5.33 28.55
C ASP G 69 29.05 -5.06 27.08
N PHE G 70 29.06 -6.10 26.25
CA PHE G 70 28.79 -5.92 24.83
C PHE G 70 28.37 -7.24 24.21
N ILE G 71 27.46 -7.15 23.24
CA ILE G 71 26.97 -8.34 22.56
C ILE G 71 27.20 -8.26 21.07
N ILE G 72 27.60 -9.39 20.49
CA ILE G 72 27.81 -9.51 19.06
C ILE G 72 26.79 -10.59 18.71
N ILE G 73 25.81 -10.25 17.88
CA ILE G 73 24.78 -11.22 17.55
C ILE G 73 24.42 -11.38 16.08
N ASN G 74 24.36 -12.64 15.65
CA ASN G 74 23.91 -12.96 14.31
C ASN G 74 22.64 -13.75 14.61
N PRO G 75 21.48 -13.07 14.58
CA PRO G 75 20.21 -13.74 14.87
C PRO G 75 19.64 -14.64 13.80
N GLY G 76 20.34 -14.77 12.68
CA GLY G 76 19.85 -15.62 11.61
C GLY G 76 18.46 -15.14 11.19
N ALA G 77 17.58 -16.06 10.87
CA ALA G 77 16.22 -15.73 10.43
C ALA G 77 15.41 -14.92 11.45
N PHE G 78 15.75 -14.98 12.73
CA PHE G 78 15.00 -14.24 13.73
C PHE G 78 15.15 -12.72 13.59
N THR G 79 16.11 -12.26 12.78
CA THR G 79 16.29 -10.82 12.60
C THR G 79 15.00 -10.28 11.97
N HIS G 80 14.39 -11.09 11.11
CA HIS G 80 13.18 -10.68 10.40
C HIS G 80 11.87 -10.97 11.12
N THR G 81 11.89 -11.83 12.13
CA THR G 81 10.66 -12.22 12.79
C THR G 81 10.56 -12.02 14.31
N SER G 82 11.70 -11.90 15.00
CA SER G 82 11.64 -11.83 16.45
C SER G 82 11.59 -10.51 17.21
N VAL G 83 10.38 -10.06 17.50
CA VAL G 83 10.21 -8.87 18.29
C VAL G 83 10.61 -9.25 19.72
N ALA G 84 10.44 -10.53 20.05
CA ALA G 84 10.77 -11.03 21.38
C ALA G 84 12.25 -10.85 21.72
N ILE G 85 13.13 -11.18 20.77
CA ILE G 85 14.56 -11.04 20.99
C ILE G 85 14.92 -9.55 21.03
N ARG G 86 14.26 -8.75 20.21
CA ARG G 86 14.49 -7.31 20.24
C ARG G 86 14.23 -6.81 21.65
N ASP G 87 13.09 -7.19 22.20
CA ASP G 87 12.69 -6.77 23.53
C ASP G 87 13.60 -7.32 24.63
N ALA G 88 14.21 -8.47 24.38
CA ALA G 88 15.13 -9.07 25.38
C ALA G 88 16.39 -8.21 25.42
N LEU G 89 16.90 -7.84 24.25
CA LEU G 89 18.10 -7.01 24.19
C LEU G 89 17.83 -5.63 24.79
N LEU G 90 16.63 -5.09 24.56
CA LEU G 90 16.29 -3.79 25.13
C LEU G 90 16.16 -3.89 26.64
N ALA G 91 15.63 -5.02 27.12
CA ALA G 91 15.46 -5.25 28.55
C ALA G 91 16.77 -5.23 29.34
N VAL G 92 17.83 -5.80 28.77
CA VAL G 92 19.11 -5.86 29.47
C VAL G 92 20.03 -4.66 29.24
N SER G 93 19.64 -3.77 28.33
CA SER G 93 20.42 -2.57 28.05
C SER G 93 21.91 -2.79 27.78
N ILE G 94 22.23 -3.79 26.96
CA ILE G 94 23.61 -4.05 26.60
C ILE G 94 23.77 -3.71 25.12
N PRO G 95 24.73 -2.82 24.80
CA PRO G 95 24.96 -2.42 23.40
C PRO G 95 25.32 -3.63 22.56
N PHE G 96 24.82 -3.70 21.33
CA PHE G 96 25.14 -4.82 20.47
C PHE G 96 25.34 -4.46 19.02
N ILE G 97 26.03 -5.34 18.31
CA ILE G 97 26.26 -5.19 16.88
C ILE G 97 25.63 -6.38 16.21
N GLU G 98 24.85 -6.13 15.15
CA GLU G 98 24.20 -7.19 14.42
C GLU G 98 25.10 -7.60 13.26
N VAL G 99 25.34 -8.89 13.13
CA VAL G 99 26.19 -9.42 12.07
C VAL G 99 25.50 -10.49 11.22
N HIS G 100 25.73 -10.43 9.91
CA HIS G 100 25.19 -11.41 8.98
C HIS G 100 26.30 -11.78 8.00
N LEU G 101 26.47 -13.07 7.77
CA LEU G 101 27.50 -13.56 6.86
C LEU G 101 27.23 -13.12 5.43
N SER G 102 26.00 -13.35 4.98
CA SER G 102 25.60 -12.98 3.62
C SER G 102 24.99 -11.60 3.60
N ASN G 103 24.83 -11.04 2.40
CA ASN G 103 24.23 -9.71 2.21
C ASN G 103 22.71 -9.86 2.19
N VAL G 104 22.06 -9.53 3.30
CA VAL G 104 20.60 -9.69 3.40
C VAL G 104 19.82 -8.84 2.39
N HIS G 105 20.39 -7.71 2.00
CA HIS G 105 19.73 -6.80 1.06
C HIS G 105 19.71 -7.35 -0.37
N ALA G 106 20.54 -8.35 -0.63
CA ALA G 106 20.61 -8.95 -1.96
C ALA G 106 19.72 -10.18 -2.08
N ARG G 107 18.98 -10.48 -1.02
CA ARG G 107 18.11 -11.65 -1.01
C ARG G 107 16.64 -11.27 -1.16
N GLU G 108 15.74 -12.14 -0.71
CA GLU G 108 14.31 -11.86 -0.81
C GLU G 108 13.91 -10.59 -0.08
N PRO G 109 12.87 -9.89 -0.57
CA PRO G 109 12.40 -8.66 0.06
C PRO G 109 12.08 -8.78 1.54
N PHE G 110 11.58 -9.93 1.97
CA PHE G 110 11.25 -10.08 3.39
C PHE G 110 12.47 -10.06 4.29
N ARG G 111 13.66 -10.23 3.71
CA ARG G 111 14.88 -10.21 4.50
C ARG G 111 15.44 -8.79 4.59
N HIS G 112 14.75 -7.84 3.98
CA HIS G 112 15.19 -6.45 4.01
C HIS G 112 14.75 -5.73 5.28
N HIS G 113 13.88 -6.37 6.05
CA HIS G 113 13.39 -5.78 7.30
C HIS G 113 14.00 -6.49 8.52
N SER G 114 14.33 -5.70 9.53
CA SER G 114 14.92 -6.23 10.75
C SER G 114 14.32 -5.62 12.02
N TYR G 115 14.04 -6.46 13.01
CA TYR G 115 13.48 -5.99 14.27
C TYR G 115 14.60 -5.62 15.23
N LEU G 116 15.85 -5.75 14.76
CA LEU G 116 17.01 -5.44 15.59
C LEU G 116 17.86 -4.28 15.08
N SER G 117 18.00 -4.17 13.77
CA SER G 117 18.84 -3.12 13.20
C SER G 117 18.67 -1.71 13.73
N ASP G 118 17.43 -1.26 13.94
CA ASP G 118 17.23 0.11 14.41
C ASP G 118 17.66 0.39 15.86
N VAL G 119 17.84 -0.67 16.66
CA VAL G 119 18.27 -0.48 18.04
C VAL G 119 19.70 -0.96 18.26
N ALA G 120 20.32 -1.48 17.20
CA ALA G 120 21.71 -1.95 17.29
C ALA G 120 22.66 -0.76 17.22
N LYS G 121 23.87 -0.91 17.77
CA LYS G 121 24.85 0.16 17.72
C LYS G 121 25.25 0.27 16.24
N GLY G 122 25.35 -0.88 15.60
CA GLY G 122 25.72 -0.94 14.19
C GLY G 122 25.39 -2.28 13.58
N VAL G 123 25.51 -2.37 12.27
CA VAL G 123 25.21 -3.61 11.56
C VAL G 123 26.28 -3.86 10.50
N ILE G 124 26.70 -5.12 10.38
CA ILE G 124 27.71 -5.52 9.41
C ILE G 124 27.12 -6.68 8.62
N CYS G 125 27.01 -6.54 7.31
CA CYS G 125 26.35 -7.58 6.54
C CYS G 125 26.99 -7.88 5.20
N GLY G 126 27.20 -9.17 4.95
CA GLY G 126 27.76 -9.62 3.68
C GLY G 126 29.26 -9.85 3.62
N LEU G 127 29.95 -9.64 4.74
CA LEU G 127 31.40 -9.81 4.76
C LEU G 127 31.89 -11.18 5.27
N GLY G 128 30.97 -12.14 5.32
CA GLY G 128 31.34 -13.47 5.77
C GLY G 128 31.80 -13.48 7.22
N ALA G 129 32.59 -14.50 7.57
CA ALA G 129 33.10 -14.65 8.93
C ALA G 129 33.87 -13.44 9.44
N LYS G 130 34.52 -12.71 8.52
CA LYS G 130 35.29 -11.54 8.91
C LYS G 130 34.41 -10.49 9.59
N GLY G 131 33.11 -10.56 9.33
CA GLY G 131 32.20 -9.61 9.95
C GLY G 131 32.27 -9.70 11.47
N TYR G 132 32.41 -10.92 11.97
CA TYR G 132 32.50 -11.15 13.41
C TYR G 132 33.80 -10.55 13.96
N ASP G 133 34.87 -10.61 13.17
CA ASP G 133 36.14 -10.05 13.62
C ASP G 133 36.03 -8.54 13.78
N TYR G 134 35.39 -7.89 12.82
CA TYR G 134 35.23 -6.44 12.89
C TYR G 134 34.34 -6.05 14.07
N ALA G 135 33.30 -6.83 14.31
CA ALA G 135 32.40 -6.57 15.42
C ALA G 135 33.16 -6.66 16.73
N LEU G 136 34.03 -7.66 16.84
CA LEU G 136 34.83 -7.84 18.06
C LEU G 136 35.77 -6.65 18.24
N ASP G 137 36.39 -6.21 17.15
CA ASP G 137 37.29 -5.07 17.21
C ASP G 137 36.56 -3.84 17.71
N PHE G 138 35.36 -3.59 17.17
CA PHE G 138 34.60 -2.43 17.59
C PHE G 138 34.18 -2.53 19.05
N ALA G 139 33.70 -3.70 19.46
CA ALA G 139 33.27 -3.91 20.83
C ALA G 139 34.40 -3.57 21.81
N ILE G 140 35.60 -4.05 21.49
CA ILE G 140 36.75 -3.80 22.35
C ILE G 140 37.08 -2.30 22.41
N SER G 141 37.02 -1.63 21.27
CA SER G 141 37.31 -0.20 21.25
C SER G 141 36.30 0.55 22.12
N GLU G 142 35.05 0.06 22.11
CA GLU G 142 34.00 0.67 22.91
C GLU G 142 34.24 0.44 24.39
N LEU G 143 34.66 -0.77 24.75
CA LEU G 143 34.92 -1.11 26.14
C LEU G 143 36.16 -0.39 26.67
N GLN G 144 37.03 0.01 25.75
CA GLN G 144 38.26 0.70 26.12
C GLN G 144 38.00 2.13 26.57
N LYS G 145 37.06 2.80 25.89
CA LYS G 145 36.73 4.18 26.24
C LYS G 145 35.83 4.26 27.46
N ILE G 146 35.65 3.12 28.13
CA ILE G 146 34.81 3.07 29.31
C ILE G 146 35.51 2.37 30.47
N MET H 1 17.97 -48.41 1.66
CA MET H 1 16.55 -48.18 2.04
C MET H 1 16.28 -46.69 2.22
N LYS H 2 15.28 -46.18 1.50
CA LYS H 2 14.93 -44.77 1.56
C LYS H 2 14.10 -44.43 2.79
N LYS H 3 14.23 -43.20 3.26
CA LYS H 3 13.50 -42.76 4.45
C LYS H 3 12.75 -41.45 4.22
N ILE H 4 11.53 -41.40 4.74
CA ILE H 4 10.69 -40.22 4.64
C ILE H 4 10.41 -39.73 6.06
N LEU H 5 10.44 -38.42 6.26
CA LEU H 5 10.18 -37.85 7.58
C LEU H 5 8.91 -37.03 7.55
N LEU H 6 7.97 -37.37 8.43
CA LEU H 6 6.70 -36.66 8.55
C LEU H 6 6.84 -35.67 9.71
N LEU H 7 6.64 -34.39 9.43
CA LEU H 7 6.75 -33.36 10.45
C LEU H 7 5.44 -32.61 10.61
N ASN H 8 5.03 -32.42 11.86
CA ASN H 8 3.80 -31.68 12.14
C ASN H 8 4.12 -30.57 13.12
N GLY H 9 3.60 -29.38 12.84
CA GLY H 9 3.88 -28.24 13.68
C GLY H 9 2.96 -27.98 14.86
N PRO H 10 2.99 -26.76 15.39
CA PRO H 10 2.16 -26.39 16.53
C PRO H 10 0.68 -26.68 16.42
N ASN H 11 0.14 -27.14 17.55
CA ASN H 11 -1.28 -27.46 17.72
C ASN H 11 -1.86 -28.68 17.02
N LEU H 12 -1.07 -29.32 16.15
CA LEU H 12 -1.59 -30.49 15.44
C LEU H 12 -1.86 -31.65 16.42
N ASN H 13 -1.23 -31.60 17.59
CA ASN H 13 -1.44 -32.64 18.60
C ASN H 13 -2.86 -32.56 19.16
N MET H 14 -3.56 -31.47 18.88
CA MET H 14 -4.92 -31.29 19.38
C MET H 14 -5.99 -31.93 18.48
N LEU H 15 -5.57 -32.48 17.34
CA LEU H 15 -6.51 -33.11 16.42
C LEU H 15 -7.35 -34.18 17.11
N GLY H 16 -8.66 -34.16 16.85
CA GLY H 16 -9.56 -35.14 17.43
C GLY H 16 -9.86 -34.97 18.90
N LYS H 17 -9.20 -34.04 19.57
CA LYS H 17 -9.41 -33.81 20.99
C LYS H 17 -10.54 -32.84 21.27
N ARG H 18 -10.75 -31.91 20.34
CA ARG H 18 -11.80 -30.90 20.47
C ARG H 18 -13.17 -31.54 20.32
N SER H 25 -13.06 -37.88 14.70
CA SER H 25 -12.47 -38.44 15.89
C SER H 25 -11.00 -38.77 15.67
N GLN H 26 -10.54 -38.66 14.42
CA GLN H 26 -9.15 -38.97 14.10
C GLN H 26 -8.17 -38.05 14.82
N THR H 27 -7.13 -38.65 15.38
CA THR H 27 -6.10 -37.92 16.12
C THR H 27 -4.81 -37.84 15.31
N LEU H 28 -3.85 -37.10 15.83
CA LEU H 28 -2.55 -36.97 15.17
C LEU H 28 -1.88 -38.33 15.16
N SER H 29 -2.03 -39.06 16.26
CA SER H 29 -1.43 -40.40 16.37
C SER H 29 -2.00 -41.32 15.30
N ASP H 30 -3.30 -41.24 15.05
CA ASP H 30 -3.93 -42.07 14.04
C ASP H 30 -3.28 -41.83 12.68
N ILE H 31 -3.08 -40.56 12.34
CA ILE H 31 -2.47 -40.19 11.08
C ILE H 31 -1.01 -40.65 11.01
N GLU H 32 -0.27 -40.41 12.07
CA GLU H 32 1.14 -40.80 12.13
C GLU H 32 1.30 -42.30 11.90
N GLN H 33 0.51 -43.09 12.64
CA GLN H 33 0.58 -44.55 12.52
C GLN H 33 0.13 -45.03 11.15
N HIS H 34 -0.94 -44.42 10.63
CA HIS H 34 -1.44 -44.79 9.32
C HIS H 34 -0.38 -44.58 8.26
N LEU H 35 0.24 -43.41 8.27
CA LEU H 35 1.26 -43.09 7.27
C LEU H 35 2.49 -43.98 7.41
N GLN H 36 2.92 -44.23 8.64
CA GLN H 36 4.10 -45.06 8.85
C GLN H 36 3.84 -46.48 8.33
N GLN H 37 2.67 -47.01 8.65
CA GLN H 37 2.30 -48.35 8.20
C GLN H 37 2.19 -48.41 6.69
N SER H 38 1.68 -47.35 6.09
CA SER H 38 1.54 -47.30 4.63
C SER H 38 2.89 -47.29 3.94
N ALA H 39 3.81 -46.46 4.43
CA ALA H 39 5.14 -46.37 3.84
C ALA H 39 5.91 -47.68 4.01
N GLN H 40 5.89 -48.22 5.22
CA GLN H 40 6.59 -49.47 5.51
C GLN H 40 6.11 -50.62 4.64
N ALA H 41 4.79 -50.68 4.42
CA ALA H 41 4.23 -51.74 3.60
C ALA H 41 4.72 -51.64 2.16
N GLN H 42 5.22 -50.47 1.78
CA GLN H 42 5.73 -50.25 0.44
C GLN H 42 7.25 -50.32 0.38
N GLY H 43 7.87 -50.65 1.53
CA GLY H 43 9.31 -50.76 1.57
C GLY H 43 10.07 -49.50 1.89
N TYR H 44 9.37 -48.49 2.42
CA TYR H 44 10.01 -47.23 2.78
C TYR H 44 9.93 -46.97 4.28
N GLU H 45 11.04 -46.54 4.86
CA GLU H 45 11.06 -46.25 6.28
C GLU H 45 10.48 -44.85 6.47
N LEU H 46 9.73 -44.66 7.54
CA LEU H 46 9.14 -43.36 7.80
C LEU H 46 9.18 -43.02 9.29
N ASP H 47 9.76 -41.88 9.59
CA ASP H 47 9.82 -41.40 10.96
C ASP H 47 8.83 -40.25 11.03
N TYR H 48 8.33 -39.97 12.22
CA TYR H 48 7.39 -38.86 12.39
C TYR H 48 7.74 -38.10 13.65
N PHE H 49 7.38 -36.81 13.67
CA PHE H 49 7.69 -35.96 14.80
C PHE H 49 6.73 -34.77 14.79
N GLN H 50 6.39 -34.29 15.97
CA GLN H 50 5.51 -33.13 16.12
C GLN H 50 5.97 -32.32 17.33
N ALA H 51 5.92 -31.00 17.22
CA ALA H 51 6.33 -30.14 18.32
C ALA H 51 5.65 -28.79 18.14
N ASN H 52 5.57 -28.03 19.23
CA ASN H 52 4.92 -26.72 19.21
C ASN H 52 5.88 -25.54 19.22
N GLY H 53 7.15 -25.80 18.91
CA GLY H 53 8.13 -24.74 18.90
C GLY H 53 9.13 -24.84 17.77
N GLU H 54 9.71 -23.71 17.38
CA GLU H 54 10.68 -23.70 16.31
C GLU H 54 11.97 -24.46 16.65
N GLU H 55 12.47 -24.31 17.88
CA GLU H 55 13.71 -25.01 18.22
C GLU H 55 13.57 -26.51 18.04
N SER H 56 12.52 -27.10 18.60
CA SER H 56 12.30 -28.54 18.48
C SER H 56 12.18 -29.01 17.03
N LEU H 57 11.40 -28.28 16.23
CA LEU H 57 11.22 -28.63 14.83
C LEU H 57 12.51 -28.46 14.03
N ILE H 58 13.21 -27.36 14.25
CA ILE H 58 14.45 -27.10 13.53
C ILE H 58 15.50 -28.16 13.90
N ASN H 59 15.58 -28.52 15.17
CA ASN H 59 16.55 -29.54 15.56
C ASN H 59 16.24 -30.87 14.88
N ARG H 60 14.96 -31.22 14.77
CA ARG H 60 14.58 -32.47 14.14
C ARG H 60 14.93 -32.43 12.65
N ILE H 61 14.74 -31.26 12.03
CA ILE H 61 15.06 -31.13 10.62
C ILE H 61 16.56 -31.31 10.40
N HIS H 62 17.38 -30.68 11.25
CA HIS H 62 18.83 -30.79 11.14
C HIS H 62 19.26 -32.25 11.33
N GLN H 63 18.59 -32.94 12.24
CA GLN H 63 18.88 -34.34 12.52
C GLN H 63 18.62 -35.25 11.32
N ALA H 64 17.78 -34.78 10.40
CA ALA H 64 17.45 -35.56 9.20
C ALA H 64 18.49 -35.40 8.10
N PHE H 65 19.37 -34.41 8.24
CA PHE H 65 20.40 -34.14 7.26
C PHE H 65 21.20 -35.40 6.92
N GLN H 66 21.31 -35.69 5.62
CA GLN H 66 22.06 -36.84 5.11
C GLN H 66 21.52 -38.24 5.36
N ASN H 67 20.35 -38.37 5.99
CA ASN H 67 19.79 -39.69 6.22
C ASN H 67 18.32 -39.79 5.83
N THR H 68 17.72 -38.66 5.48
CA THR H 68 16.31 -38.61 5.08
C THR H 68 16.22 -38.15 3.63
N ASP H 69 15.36 -38.79 2.86
CA ASP H 69 15.23 -38.49 1.44
C ASP H 69 14.06 -37.61 1.00
N PHE H 70 13.08 -37.45 1.87
CA PHE H 70 11.92 -36.61 1.53
C PHE H 70 11.19 -36.23 2.81
N ILE H 71 10.66 -35.02 2.83
CA ILE H 71 9.92 -34.54 4.00
C ILE H 71 8.50 -34.15 3.66
N ILE H 72 7.58 -34.54 4.52
CA ILE H 72 6.17 -34.18 4.39
C ILE H 72 5.94 -33.33 5.63
N ILE H 73 5.59 -32.05 5.44
CA ILE H 73 5.41 -31.20 6.59
C ILE H 73 4.15 -30.35 6.62
N ASN H 74 3.47 -30.40 7.77
CA ASN H 74 2.30 -29.54 8.00
C ASN H 74 2.82 -28.66 9.13
N PRO H 75 3.33 -27.47 8.78
CA PRO H 75 3.89 -26.48 9.72
C PRO H 75 2.87 -25.80 10.64
N GLY H 76 1.59 -26.05 10.42
CA GLY H 76 0.58 -25.41 11.24
C GLY H 76 0.75 -23.90 11.11
N ALA H 77 0.57 -23.17 12.19
CA ALA H 77 0.69 -21.71 12.19
C ALA H 77 2.06 -21.20 11.75
N PHE H 78 3.11 -22.00 11.92
CA PHE H 78 4.43 -21.56 11.51
C PHE H 78 4.61 -21.32 10.00
N THR H 79 3.67 -21.79 9.19
CA THR H 79 3.80 -21.57 7.75
C THR H 79 3.75 -20.07 7.49
N HIS H 80 3.01 -19.35 8.32
CA HIS H 80 2.85 -17.90 8.13
C HIS H 80 3.88 -17.04 8.85
N THR H 81 4.61 -17.62 9.79
CA THR H 81 5.55 -16.84 10.58
C THR H 81 7.01 -17.27 10.62
N SER H 82 7.29 -18.54 10.34
CA SER H 82 8.66 -19.04 10.49
C SER H 82 9.66 -19.02 9.34
N VAL H 83 10.45 -17.96 9.30
CA VAL H 83 11.48 -17.85 8.30
C VAL H 83 12.58 -18.83 8.75
N ALA H 84 12.66 -19.05 10.06
CA ALA H 84 13.66 -19.97 10.62
C ALA H 84 13.51 -21.41 10.12
N ILE H 85 12.28 -21.91 10.09
CA ILE H 85 12.02 -23.26 9.60
C ILE H 85 12.29 -23.33 8.10
N ARG H 86 11.92 -22.27 7.38
CA ARG H 86 12.19 -22.22 5.95
C ARG H 86 13.69 -22.44 5.74
N ASP H 87 14.49 -21.68 6.47
CA ASP H 87 15.94 -21.76 6.35
C ASP H 87 16.52 -23.10 6.80
N ALA H 88 15.85 -23.76 7.75
CA ALA H 88 16.31 -25.08 8.21
C ALA H 88 16.09 -26.10 7.08
N LEU H 89 14.92 -26.05 6.45
CA LEU H 89 14.63 -26.96 5.35
C LEU H 89 15.58 -26.72 4.18
N LEU H 90 15.93 -25.47 3.93
CA LEU H 90 16.83 -25.16 2.83
C LEU H 90 18.25 -25.63 3.18
N ALA H 91 18.62 -25.49 4.45
CA ALA H 91 19.95 -25.87 4.90
C ALA H 91 20.25 -27.37 4.72
N VAL H 92 19.24 -28.21 4.89
CA VAL H 92 19.46 -29.66 4.75
C VAL H 92 19.22 -30.22 3.36
N SER H 93 18.81 -29.36 2.43
CA SER H 93 18.58 -29.77 1.05
C SER H 93 17.76 -31.04 0.84
N ILE H 94 16.64 -31.14 1.54
CA ILE H 94 15.76 -32.30 1.39
C ILE H 94 14.46 -31.77 0.80
N PRO H 95 13.98 -32.36 -0.31
CA PRO H 95 12.74 -31.93 -0.96
C PRO H 95 11.56 -32.14 -0.01
N PHE H 96 10.60 -31.22 -0.03
CA PHE H 96 9.46 -31.39 0.86
C PHE H 96 8.14 -30.94 0.25
N ILE H 97 7.05 -31.48 0.79
CA ILE H 97 5.72 -31.11 0.37
C ILE H 97 5.03 -30.53 1.59
N GLU H 98 4.36 -29.39 1.39
CA GLU H 98 3.66 -28.72 2.47
C GLU H 98 2.21 -29.19 2.43
N VAL H 99 1.69 -29.55 3.60
CA VAL H 99 0.32 -30.05 3.71
C VAL H 99 -0.47 -29.29 4.77
N HIS H 100 -1.74 -29.00 4.47
CA HIS H 100 -2.63 -28.34 5.41
C HIS H 100 -3.97 -29.04 5.32
N LEU H 101 -4.55 -29.37 6.47
CA LEU H 101 -5.84 -30.06 6.52
C LEU H 101 -6.97 -29.18 5.98
N SER H 102 -7.04 -27.96 6.48
CA SER H 102 -8.06 -26.97 6.10
C SER H 102 -7.57 -26.16 4.92
N ASN H 103 -8.47 -25.44 4.25
CA ASN H 103 -8.10 -24.60 3.10
C ASN H 103 -7.66 -23.23 3.65
N VAL H 104 -6.36 -22.96 3.67
CA VAL H 104 -5.86 -21.69 4.20
C VAL H 104 -6.35 -20.46 3.43
N HIS H 105 -6.68 -20.65 2.17
CA HIS H 105 -7.14 -19.54 1.32
C HIS H 105 -8.57 -19.11 1.63
N ALA H 106 -9.29 -19.93 2.39
CA ALA H 106 -10.67 -19.62 2.74
C ALA H 106 -10.77 -19.04 4.14
N ARG H 107 -9.62 -18.81 4.77
CA ARG H 107 -9.59 -18.27 6.13
C ARG H 107 -9.13 -16.81 6.16
N GLU H 108 -8.61 -16.34 7.29
CA GLU H 108 -8.15 -14.96 7.40
C GLU H 108 -7.08 -14.62 6.36
N PRO H 109 -7.04 -13.35 5.93
CA PRO H 109 -6.04 -12.95 4.93
C PRO H 109 -4.60 -13.24 5.35
N PHE H 110 -4.29 -13.14 6.64
CA PHE H 110 -2.92 -13.39 7.08
C PHE H 110 -2.48 -14.83 6.86
N ARG H 111 -3.44 -15.74 6.63
CA ARG H 111 -3.11 -17.15 6.40
C ARG H 111 -2.86 -17.41 4.91
N HIS H 112 -2.95 -16.35 4.10
CA HIS H 112 -2.75 -16.48 2.67
C HIS H 112 -1.26 -16.42 2.28
N HIS H 113 -0.41 -16.08 3.24
CA HIS H 113 1.02 -15.98 2.99
C HIS H 113 1.77 -17.10 3.69
N SER H 114 2.74 -17.69 3.00
CA SER H 114 3.55 -18.77 3.56
C SER H 114 5.04 -18.58 3.28
N TYR H 115 5.86 -18.83 4.30
CA TYR H 115 7.30 -18.71 4.15
C TYR H 115 7.90 -20.02 3.65
N LEU H 116 7.04 -21.00 3.38
CA LEU H 116 7.51 -22.30 2.90
C LEU H 116 7.03 -22.67 1.50
N SER H 117 5.81 -22.26 1.16
CA SER H 117 5.23 -22.60 -0.13
C SER H 117 6.10 -22.39 -1.35
N ASP H 118 6.79 -21.25 -1.45
CA ASP H 118 7.61 -20.99 -2.63
C ASP H 118 8.85 -21.86 -2.80
N VAL H 119 9.29 -22.52 -1.73
CA VAL H 119 10.46 -23.39 -1.83
C VAL H 119 10.11 -24.87 -1.67
N ALA H 120 8.83 -25.15 -1.48
CA ALA H 120 8.36 -26.52 -1.36
C ALA H 120 8.24 -27.13 -2.77
N LYS H 121 8.32 -28.44 -2.86
CA LYS H 121 8.19 -29.11 -4.14
C LYS H 121 6.74 -28.87 -4.59
N GLY H 122 5.83 -28.95 -3.63
CA GLY H 122 4.41 -28.74 -3.90
C GLY H 122 3.64 -28.47 -2.62
N VAL H 123 2.39 -28.06 -2.76
CA VAL H 123 1.55 -27.77 -1.61
C VAL H 123 0.16 -28.37 -1.82
N ILE H 124 -0.39 -28.94 -0.75
CA ILE H 124 -1.70 -29.54 -0.76
C ILE H 124 -2.50 -28.92 0.39
N CYS H 125 -3.61 -28.27 0.09
CA CYS H 125 -4.36 -27.58 1.16
C CYS H 125 -5.86 -27.87 1.05
N GLY H 126 -6.47 -28.07 2.22
CA GLY H 126 -7.91 -28.29 2.29
C GLY H 126 -8.50 -29.66 2.04
N LEU H 127 -7.65 -30.69 1.88
CA LEU H 127 -8.16 -32.03 1.61
C LEU H 127 -8.19 -32.93 2.84
N GLY H 128 -8.04 -32.34 4.02
CA GLY H 128 -8.07 -33.13 5.25
C GLY H 128 -6.88 -34.07 5.34
N ALA H 129 -7.02 -35.13 6.13
CA ALA H 129 -5.95 -36.11 6.32
C ALA H 129 -5.47 -36.77 5.03
N LYS H 130 -6.34 -36.89 4.04
CA LYS H 130 -5.98 -37.48 2.76
C LYS H 130 -4.81 -36.74 2.13
N GLY H 131 -4.64 -35.47 2.51
CA GLY H 131 -3.54 -34.68 1.97
C GLY H 131 -2.20 -35.33 2.27
N TYR H 132 -2.08 -35.91 3.46
CA TYR H 132 -0.84 -36.58 3.86
C TYR H 132 -0.61 -37.82 3.00
N ASP H 133 -1.70 -38.53 2.68
CA ASP H 133 -1.60 -39.72 1.85
C ASP H 133 -1.10 -39.36 0.47
N TYR H 134 -1.62 -38.27 -0.10
CA TYR H 134 -1.17 -37.85 -1.42
C TYR H 134 0.29 -37.44 -1.38
N ALA H 135 0.68 -36.74 -0.32
CA ALA H 135 2.06 -36.29 -0.17
C ALA H 135 2.99 -37.51 -0.12
N LEU H 136 2.58 -38.52 0.63
CA LEU H 136 3.39 -39.74 0.74
C LEU H 136 3.49 -40.42 -0.62
N ASP H 137 2.36 -40.53 -1.32
CA ASP H 137 2.35 -41.16 -2.63
C ASP H 137 3.31 -40.45 -3.57
N PHE H 138 3.31 -39.12 -3.54
CA PHE H 138 4.20 -38.37 -4.41
C PHE H 138 5.66 -38.63 -4.05
N ALA H 139 5.96 -38.59 -2.76
CA ALA H 139 7.33 -38.82 -2.28
C ALA H 139 7.82 -40.19 -2.78
N ILE H 140 6.99 -41.22 -2.60
CA ILE H 140 7.36 -42.56 -3.04
C ILE H 140 7.49 -42.66 -4.56
N SER H 141 6.54 -42.04 -5.28
CA SER H 141 6.58 -42.08 -6.73
C SER H 141 7.89 -41.47 -7.22
N GLU H 142 8.32 -40.39 -6.56
CA GLU H 142 9.57 -39.72 -6.92
C GLU H 142 10.75 -40.63 -6.66
N LEU H 143 10.78 -41.24 -5.47
CA LEU H 143 11.87 -42.14 -5.09
C LEU H 143 11.93 -43.37 -5.98
N GLN H 144 10.77 -43.85 -6.44
CA GLN H 144 10.75 -45.01 -7.31
C GLN H 144 11.38 -44.70 -8.67
N LYS H 145 11.20 -43.47 -9.15
CA LYS H 145 11.79 -43.07 -10.41
C LYS H 145 13.31 -43.01 -10.24
N ILE H 146 13.73 -42.45 -9.11
CA ILE H 146 15.16 -42.34 -8.83
C ILE H 146 15.78 -43.73 -8.76
N GLN H 147 15.11 -44.63 -8.07
CA GLN H 147 15.60 -46.01 -7.93
C GLN H 147 15.75 -46.72 -9.26
N LEU H 148 14.72 -46.65 -10.10
CA LEU H 148 14.78 -47.30 -11.41
C LEU H 148 15.88 -46.65 -12.25
N GLY H 149 16.06 -45.34 -12.09
CA GLY H 149 17.09 -44.65 -12.83
C GLY H 149 18.46 -45.16 -12.45
N GLU H 150 18.66 -45.42 -11.15
CA GLU H 150 19.94 -45.92 -10.68
C GLU H 150 20.23 -47.32 -11.21
N MET H 151 19.17 -48.12 -11.36
CA MET H 151 19.36 -49.48 -11.89
C MET H 151 19.82 -49.38 -13.33
N MET H 152 19.15 -48.55 -14.12
CA MET H 152 19.48 -48.40 -15.52
C MET H 152 20.74 -47.59 -15.81
N ASN H 153 21.29 -46.94 -14.77
CA ASN H 153 22.52 -46.17 -14.95
C ASN H 153 23.72 -47.09 -14.81
N GLY H 154 24.52 -47.19 -15.77
N MET I 1 -15.29 -25.09 42.42
CA MET I 1 -14.01 -24.36 42.43
C MET I 1 -13.48 -24.16 41.01
N LYS I 2 -13.89 -23.06 40.38
CA LYS I 2 -13.44 -22.77 39.02
C LYS I 2 -11.98 -22.37 39.02
N LYS I 3 -11.32 -22.53 37.86
CA LYS I 3 -9.92 -22.21 37.75
C LYS I 3 -9.59 -21.18 36.68
N ILE I 4 -8.70 -20.26 37.02
CA ILE I 4 -8.26 -19.22 36.10
C ILE I 4 -6.75 -19.40 35.91
N LEU I 5 -6.28 -19.23 34.67
CA LEU I 5 -4.86 -19.37 34.39
C LEU I 5 -4.29 -18.06 33.92
N LEU I 6 -3.26 -17.57 34.60
CA LEU I 6 -2.57 -16.33 34.24
C LEU I 6 -1.33 -16.72 33.42
N LEU I 7 -1.22 -16.17 32.22
CA LEU I 7 -0.08 -16.45 31.35
C LEU I 7 0.67 -15.18 30.99
N ASN I 8 1.99 -15.21 31.13
CA ASN I 8 2.82 -14.07 30.76
C ASN I 8 3.89 -14.54 29.79
N GLY I 9 4.02 -13.78 28.69
CA GLY I 9 4.97 -14.11 27.65
C GLY I 9 6.41 -13.66 27.82
N PRO I 10 7.20 -13.68 26.73
CA PRO I 10 8.60 -13.27 26.77
C PRO I 10 8.93 -11.95 27.43
N ASN I 11 10.04 -11.96 28.17
CA ASN I 11 10.57 -10.80 28.87
C ASN I 11 9.84 -10.27 30.09
N LEU I 12 8.62 -10.73 30.34
CA LEU I 12 7.87 -10.25 31.48
C LEU I 12 8.48 -10.71 32.80
N ASN I 13 9.33 -11.73 32.73
CA ASN I 13 10.01 -12.22 33.93
C ASN I 13 11.01 -11.16 34.40
N MET I 14 11.39 -10.26 33.50
CA MET I 14 12.37 -9.23 33.85
C MET I 14 11.79 -7.94 34.45
N LEU I 15 10.49 -7.91 34.68
CA LEU I 15 9.85 -6.71 35.26
C LEU I 15 10.56 -6.24 36.52
N GLY I 16 10.83 -4.95 36.59
CA GLY I 16 11.52 -4.37 37.73
C GLY I 16 12.51 -3.33 37.23
N LYS I 17 13.50 -3.78 36.48
CA LYS I 17 14.51 -2.89 35.92
C LYS I 17 14.39 -2.81 34.40
N ARG I 18 13.41 -3.51 33.85
CA ARG I 18 13.18 -3.51 32.41
C ARG I 18 12.50 -2.21 32.01
N GLU I 19 13.03 -1.57 30.97
CA GLU I 19 12.49 -0.30 30.45
C GLU I 19 11.35 0.29 31.26
N SER I 25 9.37 -0.90 38.92
CA SER I 25 9.44 -1.39 40.29
C SER I 25 8.61 -2.70 40.26
N GLN I 26 7.85 -3.02 41.16
CA GLN I 26 7.17 -4.31 41.28
C GLN I 26 7.45 -5.36 40.19
N THR I 27 7.89 -6.52 40.69
CA THR I 27 8.28 -7.66 39.88
C THR I 27 7.11 -8.54 39.42
N LEU I 28 7.39 -9.45 38.50
CA LEU I 28 6.36 -10.35 38.03
C LEU I 28 5.92 -11.22 39.22
N SER I 29 6.87 -11.58 40.07
CA SER I 29 6.54 -12.38 41.24
C SER I 29 5.53 -11.66 42.13
N ASP I 30 5.68 -10.35 42.28
CA ASP I 30 4.74 -9.57 43.09
C ASP I 30 3.34 -9.65 42.49
N ILE I 31 3.24 -9.46 41.18
CA ILE I 31 1.97 -9.49 40.48
C ILE I 31 1.32 -10.87 40.56
N GLU I 32 2.11 -11.90 40.35
CA GLU I 32 1.61 -13.27 40.41
C GLU I 32 1.06 -13.59 41.81
N GLN I 33 1.77 -13.22 42.86
CA GLN I 33 1.31 -13.48 44.23
C GLN I 33 0.01 -12.73 44.51
N HIS I 34 0.01 -11.45 44.17
CA HIS I 34 -1.15 -10.58 44.37
C HIS I 34 -2.40 -11.16 43.72
N LEU I 35 -2.28 -11.54 42.46
CA LEU I 35 -3.42 -12.09 41.71
C LEU I 35 -3.87 -13.44 42.27
N GLN I 36 -2.93 -14.31 42.60
CA GLN I 36 -3.30 -15.62 43.11
C GLN I 36 -4.03 -15.46 44.43
N GLN I 37 -3.50 -14.64 45.33
CA GLN I 37 -4.11 -14.44 46.63
C GLN I 37 -5.49 -13.78 46.50
N SER I 38 -5.62 -12.84 45.58
CA SER I 38 -6.90 -12.16 45.38
C SER I 38 -7.95 -13.12 44.84
N ALA I 39 -7.55 -13.98 43.91
CA ALA I 39 -8.48 -14.94 43.34
C ALA I 39 -8.93 -15.92 44.41
N GLN I 40 -7.99 -16.37 45.24
CA GLN I 40 -8.30 -17.30 46.31
C GLN I 40 -9.28 -16.72 47.32
N ALA I 41 -9.12 -15.43 47.61
CA ALA I 41 -10.01 -14.76 48.57
C ALA I 41 -11.45 -14.77 48.06
N GLN I 42 -11.63 -14.88 46.75
CA GLN I 42 -12.97 -14.91 46.16
C GLN I 42 -13.48 -16.32 45.95
N GLY I 43 -12.69 -17.32 46.35
CA GLY I 43 -13.11 -18.69 46.18
C GLY I 43 -12.73 -19.31 44.85
N TYR I 44 -11.73 -18.72 44.19
CA TYR I 44 -11.28 -19.24 42.89
C TYR I 44 -9.82 -19.67 42.95
N GLU I 45 -9.47 -20.66 42.13
CA GLU I 45 -8.10 -21.10 42.10
C GLU I 45 -7.45 -20.46 40.89
N LEU I 46 -6.26 -19.90 41.08
CA LEU I 46 -5.56 -19.26 39.97
C LEU I 46 -4.13 -19.78 39.85
N ASP I 47 -3.81 -20.35 38.70
CA ASP I 47 -2.47 -20.84 38.46
C ASP I 47 -1.83 -19.78 37.58
N TYR I 48 -0.51 -19.76 37.53
CA TYR I 48 0.20 -18.79 36.72
C TYR I 48 1.43 -19.43 36.10
N PHE I 49 1.88 -18.87 34.98
CA PHE I 49 3.01 -19.42 34.26
C PHE I 49 3.61 -18.33 33.39
N GLN I 50 4.93 -18.37 33.22
CA GLN I 50 5.64 -17.41 32.37
C GLN I 50 6.72 -18.17 31.61
N ALA I 51 6.93 -17.81 30.35
CA ALA I 51 7.96 -18.44 29.53
C ALA I 51 8.35 -17.52 28.40
N ASN I 52 9.55 -17.72 27.87
CA ASN I 52 10.07 -16.89 26.79
C ASN I 52 10.00 -17.50 25.40
N GLY I 53 9.24 -18.60 25.27
CA GLY I 53 9.13 -19.25 23.98
C GLY I 53 7.73 -19.79 23.69
N GLU I 54 7.41 -19.94 22.41
CA GLU I 54 6.10 -20.44 22.01
C GLU I 54 5.84 -21.88 22.45
N GLU I 55 6.83 -22.76 22.35
CA GLU I 55 6.57 -24.14 22.74
C GLU I 55 6.14 -24.24 24.20
N SER I 56 6.86 -23.56 25.09
CA SER I 56 6.52 -23.61 26.51
C SER I 56 5.12 -23.04 26.78
N LEU I 57 4.81 -21.90 26.16
CA LEU I 57 3.50 -21.29 26.36
C LEU I 57 2.37 -22.13 25.77
N ILE I 58 2.55 -22.61 24.55
CA ILE I 58 1.54 -23.43 23.88
C ILE I 58 1.33 -24.73 24.67
N ASN I 59 2.40 -25.34 25.16
CA ASN I 59 2.23 -26.56 25.93
C ASN I 59 1.40 -26.29 27.19
N ARG I 60 1.65 -25.15 27.85
CA ARG I 60 0.90 -24.81 29.05
C ARG I 60 -0.57 -24.59 28.70
N ILE I 61 -0.83 -23.97 27.56
CA ILE I 61 -2.20 -23.73 27.13
C ILE I 61 -2.91 -25.08 26.86
N HIS I 62 -2.24 -25.99 26.18
CA HIS I 62 -2.83 -27.30 25.89
C HIS I 62 -3.12 -28.03 27.20
N GLN I 63 -2.22 -27.88 28.16
CA GLN I 63 -2.38 -28.53 29.46
C GLN I 63 -3.60 -28.02 30.22
N ALA I 64 -4.00 -26.78 29.92
CA ALA I 64 -5.16 -26.16 30.57
C ALA I 64 -6.49 -26.67 30.01
N PHE I 65 -6.44 -27.34 28.88
CA PHE I 65 -7.63 -27.87 28.22
C PHE I 65 -8.46 -28.77 29.14
N GLN I 66 -9.76 -28.45 29.23
CA GLN I 66 -10.72 -29.20 30.04
C GLN I 66 -10.63 -29.10 31.57
N ASN I 67 -9.73 -28.25 32.08
CA ASN I 67 -9.61 -28.08 33.52
C ASN I 67 -9.52 -26.61 33.92
N THR I 68 -9.38 -25.75 32.92
CA THR I 68 -9.25 -24.32 33.16
C THR I 68 -10.46 -23.60 32.54
N ASP I 69 -11.04 -22.67 33.29
CA ASP I 69 -12.24 -21.96 32.85
C ASP I 69 -12.07 -20.59 32.21
N PHE I 70 -10.93 -19.94 32.46
CA PHE I 70 -10.70 -18.62 31.89
C PHE I 70 -9.21 -18.31 31.91
N ILE I 71 -8.74 -17.61 30.89
CA ILE I 71 -7.33 -17.26 30.81
C ILE I 71 -7.10 -15.75 30.75
N ILE I 72 -6.09 -15.29 31.47
CA ILE I 72 -5.70 -13.89 31.46
C ILE I 72 -4.29 -13.95 30.90
N ILE I 73 -4.09 -13.36 29.73
CA ILE I 73 -2.77 -13.43 29.11
C ILE I 73 -2.16 -12.14 28.61
N ASN I 74 -0.89 -11.95 28.97
CA ASN I 74 -0.12 -10.83 28.45
C ASN I 74 0.97 -11.57 27.68
N PRO I 75 0.78 -11.73 26.37
CA PRO I 75 1.74 -12.44 25.51
C PRO I 75 3.05 -11.72 25.20
N GLY I 76 3.23 -10.52 25.73
CA GLY I 76 4.45 -9.79 25.47
C GLY I 76 4.62 -9.60 23.97
N ALA I 77 5.86 -9.64 23.49
CA ALA I 77 6.14 -9.48 22.06
C ALA I 77 5.38 -10.45 21.15
N PHE I 78 4.96 -11.59 21.69
CA PHE I 78 4.26 -12.56 20.86
C PHE I 78 2.86 -12.10 20.41
N THR I 79 2.34 -11.03 21.01
CA THR I 79 1.02 -10.57 20.57
C THR I 79 1.12 -10.16 19.11
N HIS I 80 2.28 -9.62 18.73
CA HIS I 80 2.50 -9.14 17.37
C HIS I 80 3.03 -10.16 16.38
N THR I 81 3.53 -11.29 16.88
CA THR I 81 4.13 -12.27 15.99
C THR I 81 3.58 -13.70 16.03
N SER I 82 2.92 -14.07 17.13
CA SER I 82 2.48 -15.46 17.27
C SER I 82 1.11 -15.94 16.84
N VAL I 83 1.02 -16.42 15.61
CA VAL I 83 -0.22 -16.99 15.11
C VAL I 83 -0.38 -18.33 15.84
N ALA I 84 0.76 -18.94 16.19
CA ALA I 84 0.73 -20.23 16.87
C ALA I 84 0.02 -20.19 18.23
N ILE I 85 0.26 -19.15 19.02
CA ILE I 85 -0.39 -19.01 20.32
C ILE I 85 -1.88 -18.69 20.08
N ARG I 86 -2.18 -17.90 19.06
CA ARG I 86 -3.58 -17.62 18.74
C ARG I 86 -4.30 -18.94 18.52
N ASP I 87 -3.72 -19.79 17.68
CA ASP I 87 -4.33 -21.07 17.36
C ASP I 87 -4.39 -22.04 18.55
N ALA I 88 -3.47 -21.89 19.50
CA ALA I 88 -3.50 -22.75 20.68
C ALA I 88 -4.69 -22.35 21.53
N LEU I 89 -4.87 -21.05 21.72
CA LEU I 89 -5.99 -20.55 22.51
C LEU I 89 -7.32 -20.94 21.86
N LEU I 90 -7.39 -20.88 20.54
CA LEU I 90 -8.62 -21.24 19.84
C LEU I 90 -8.87 -22.75 19.94
N ALA I 91 -7.80 -23.53 19.87
CA ALA I 91 -7.92 -24.98 19.95
C ALA I 91 -8.49 -25.49 21.27
N VAL I 92 -8.14 -24.84 22.37
CA VAL I 92 -8.64 -25.28 23.68
C VAL I 92 -9.97 -24.65 24.07
N SER I 93 -10.44 -23.71 23.26
CA SER I 93 -11.72 -23.05 23.49
C SER I 93 -11.95 -22.48 24.89
N ILE I 94 -10.94 -21.80 25.45
CA ILE I 94 -11.08 -21.20 26.76
C ILE I 94 -11.09 -19.68 26.54
N PRO I 95 -12.14 -19.00 27.03
CA PRO I 95 -12.21 -17.55 26.85
C PRO I 95 -11.04 -16.84 27.52
N PHE I 96 -10.52 -15.80 26.90
CA PHE I 96 -9.41 -15.09 27.50
C PHE I 96 -9.46 -13.58 27.30
N ILE I 97 -8.75 -12.88 28.17
CA ILE I 97 -8.62 -11.43 28.09
C ILE I 97 -7.14 -11.13 27.89
N GLU I 98 -6.85 -10.26 26.93
CA GLU I 98 -5.49 -9.88 26.63
C GLU I 98 -5.11 -8.62 27.40
N VAL I 99 -3.96 -8.66 28.07
CA VAL I 99 -3.50 -7.54 28.88
C VAL I 99 -2.10 -7.08 28.48
N HIS I 100 -1.92 -5.76 28.45
CA HIS I 100 -0.62 -5.16 28.15
C HIS I 100 -0.38 -4.05 29.17
N LEU I 101 0.80 -4.05 29.77
CA LEU I 101 1.15 -3.05 30.77
C LEU I 101 1.26 -1.67 30.12
N SER I 102 1.97 -1.60 29.00
CA SER I 102 2.18 -0.35 28.29
C SER I 102 1.09 -0.15 27.26
N ASN I 103 1.00 1.06 26.71
CA ASN I 103 0.01 1.36 25.67
C ASN I 103 0.65 1.02 24.33
N VAL I 104 0.32 -0.14 23.78
CA VAL I 104 0.91 -0.58 22.52
C VAL I 104 0.66 0.36 21.36
N HIS I 105 -0.43 1.12 21.42
CA HIS I 105 -0.77 2.04 20.34
C HIS I 105 0.12 3.29 20.34
N ALA I 106 0.77 3.55 21.47
CA ALA I 106 1.63 4.72 21.60
C ALA I 106 3.10 4.42 21.25
N ARG I 107 3.37 3.18 20.87
CA ARG I 107 4.72 2.78 20.53
C ARG I 107 4.94 2.60 19.02
N GLU I 108 5.90 1.76 18.63
CA GLU I 108 6.17 1.55 17.20
C GLU I 108 4.98 1.00 16.43
N PRO I 109 4.86 1.35 15.14
CA PRO I 109 3.74 0.85 14.34
C PRO I 109 3.57 -0.68 14.36
N PHE I 110 4.67 -1.43 14.43
CA PHE I 110 4.52 -2.88 14.44
C PHE I 110 3.83 -3.42 15.69
N ARG I 111 3.74 -2.60 16.74
CA ARG I 111 3.08 -3.04 17.96
C ARG I 111 1.58 -2.74 17.91
N HIS I 112 1.14 -2.12 16.82
CA HIS I 112 -0.28 -1.77 16.67
C HIS I 112 -1.14 -2.94 16.22
N HIS I 113 -0.49 -4.03 15.80
CA HIS I 113 -1.23 -5.21 15.35
C HIS I 113 -1.09 -6.37 16.33
N SER I 114 -2.17 -7.09 16.54
CA SER I 114 -2.19 -8.24 17.46
C SER I 114 -2.87 -9.44 16.83
N TYR I 115 -2.30 -10.62 17.03
CA TYR I 115 -2.87 -11.85 16.52
C TYR I 115 -3.83 -12.46 17.52
N LEU I 116 -4.04 -11.78 18.63
CA LEU I 116 -4.96 -12.25 19.68
C LEU I 116 -6.18 -11.35 19.91
N SER I 117 -6.00 -10.04 19.77
CA SER I 117 -7.09 -9.10 20.03
C SER I 117 -8.45 -9.39 19.41
N ASP I 118 -8.49 -9.76 18.14
CA ASP I 118 -9.78 -10.02 17.49
C ASP I 118 -10.52 -11.25 18.01
N VAL I 119 -9.82 -12.17 18.68
CA VAL I 119 -10.49 -13.36 19.22
C VAL I 119 -10.55 -13.35 20.75
N ALA I 120 -10.00 -12.32 21.37
CA ALA I 120 -10.06 -12.19 22.83
C ALA I 120 -11.44 -11.69 23.22
N LYS I 121 -11.87 -11.99 24.44
CA LYS I 121 -13.15 -11.51 24.94
C LYS I 121 -13.02 -9.99 25.04
N GLY I 122 -11.84 -9.54 25.47
CA GLY I 122 -11.57 -8.12 25.60
C GLY I 122 -10.09 -7.85 25.72
N VAL I 123 -9.70 -6.58 25.65
CA VAL I 123 -8.30 -6.20 25.75
C VAL I 123 -8.14 -4.97 26.63
N ILE I 124 -7.10 -4.97 27.46
CA ILE I 124 -6.80 -3.85 28.36
C ILE I 124 -5.35 -3.47 28.10
N CYS I 125 -5.12 -2.24 27.66
CA CYS I 125 -3.77 -1.81 27.30
C CYS I 125 -3.40 -0.45 27.92
N GLY I 126 -2.19 -0.38 28.49
CA GLY I 126 -1.71 0.87 29.05
C GLY I 126 -1.97 1.22 30.50
N LEU I 127 -2.64 0.35 31.25
CA LEU I 127 -2.95 0.65 32.65
C LEU I 127 -2.03 -0.03 33.66
N GLY I 128 -0.85 -0.43 33.19
CA GLY I 128 0.10 -1.07 34.09
C GLY I 128 -0.44 -2.35 34.70
N ALA I 129 0.10 -2.72 35.87
CA ALA I 129 -0.30 -3.93 36.57
C ALA I 129 -1.78 -3.99 36.95
N LYS I 130 -2.39 -2.82 37.12
CA LYS I 130 -3.81 -2.79 37.46
C LYS I 130 -4.63 -3.46 36.37
N GLY I 131 -4.09 -3.49 35.15
CA GLY I 131 -4.79 -4.15 34.06
C GLY I 131 -5.09 -5.60 34.40
N TYR I 132 -4.18 -6.25 35.10
CA TYR I 132 -4.38 -7.65 35.49
C TYR I 132 -5.52 -7.76 36.51
N ASP I 133 -5.61 -6.79 37.40
CA ASP I 133 -6.66 -6.79 38.43
C ASP I 133 -8.04 -6.72 37.76
N TYR I 134 -8.17 -5.81 36.80
CA TYR I 134 -9.44 -5.66 36.09
C TYR I 134 -9.76 -6.95 35.33
N ALA I 135 -8.76 -7.55 34.72
CA ALA I 135 -8.96 -8.79 33.97
C ALA I 135 -9.46 -9.89 34.90
N LEU I 136 -8.92 -9.94 36.11
CA LEU I 136 -9.33 -10.96 37.08
C LEU I 136 -10.79 -10.73 37.50
N ASP I 137 -11.12 -9.48 37.77
CA ASP I 137 -12.49 -9.13 38.16
C ASP I 137 -13.45 -9.56 37.06
N PHE I 138 -13.10 -9.29 35.81
CA PHE I 138 -13.97 -9.65 34.70
C PHE I 138 -14.08 -11.17 34.57
N ALA I 139 -12.94 -11.86 34.69
CA ALA I 139 -12.92 -13.31 34.57
C ALA I 139 -13.88 -13.93 35.59
N ILE I 140 -13.79 -13.46 36.83
CA ILE I 140 -14.66 -13.97 37.87
C ILE I 140 -16.12 -13.66 37.59
N SER I 141 -16.40 -12.46 37.08
CA SER I 141 -17.78 -12.09 36.77
C SER I 141 -18.35 -13.01 35.70
N GLU I 142 -17.52 -13.36 34.71
CA GLU I 142 -17.95 -14.25 33.63
C GLU I 142 -18.22 -15.65 34.17
N LEU I 143 -17.39 -16.10 35.09
CA LEU I 143 -17.56 -17.43 35.66
C LEU I 143 -18.79 -17.50 36.56
N GLN I 144 -19.13 -16.39 37.21
CA GLN I 144 -20.29 -16.35 38.09
C GLN I 144 -21.55 -16.55 37.25
N LYS I 145 -21.48 -16.15 35.98
CA LYS I 145 -22.60 -16.29 35.06
C LYS I 145 -22.78 -17.75 34.68
N ILE I 146 -21.67 -18.41 34.40
CA ILE I 146 -21.70 -19.82 34.02
C ILE I 146 -22.21 -20.66 35.19
N MET J 1 50.26 -2.95 -8.43
CA MET J 1 50.11 -3.52 -7.06
C MET J 1 48.66 -3.41 -6.58
N LYS J 2 47.75 -3.40 -7.49
CA LYS J 2 46.30 -3.48 -7.21
C LYS J 2 45.95 -2.34 -6.24
N LYS J 3 44.98 -1.41 -6.86
CA LYS J 3 44.51 -0.10 -6.29
C LYS J 3 43.10 -0.16 -5.72
N ILE J 4 42.90 0.66 -4.69
CA ILE J 4 41.62 0.77 -4.02
C ILE J 4 41.20 2.23 -4.11
N LEU J 5 39.91 2.45 -4.40
CA LEU J 5 39.39 3.82 -4.49
C LEU J 5 38.40 4.06 -3.37
N LEU J 6 38.66 5.12 -2.61
CA LEU J 6 37.78 5.51 -1.51
C LEU J 6 36.90 6.65 -2.02
N LEU J 7 35.59 6.44 -2.00
CA LEU J 7 34.65 7.44 -2.47
C LEU J 7 33.72 7.89 -1.35
N ASN J 8 33.54 9.20 -1.22
CA ASN J 8 32.64 9.74 -0.22
C ASN J 8 31.67 10.68 -0.92
N GLY J 9 30.39 10.55 -0.58
CA GLY J 9 29.35 11.35 -1.20
C GLY J 9 28.98 12.68 -0.57
N PRO J 10 27.79 13.19 -0.90
CA PRO J 10 27.31 14.47 -0.37
C PRO J 10 27.35 14.64 1.14
N ASN J 11 27.77 15.83 1.56
CA ASN J 11 27.86 16.23 2.96
C ASN J 11 28.95 15.58 3.82
N LEU J 12 29.66 14.60 3.29
CA LEU J 12 30.72 13.97 4.09
C LEU J 12 31.84 14.95 4.43
N ASN J 13 31.97 16.00 3.62
CA ASN J 13 33.01 17.00 3.86
C ASN J 13 32.74 17.79 5.14
N MET J 14 31.52 17.69 5.66
CA MET J 14 31.14 18.39 6.89
C MET J 14 31.60 17.68 8.15
N LEU J 15 32.14 16.48 7.99
CA LEU J 15 32.62 15.70 9.12
C LEU J 15 33.61 16.48 9.98
N GLY J 16 33.31 16.57 11.28
CA GLY J 16 34.20 17.27 12.20
C GLY J 16 34.11 18.78 12.18
N LYS J 17 33.12 19.32 11.47
CA LYS J 17 32.96 20.76 11.37
C LYS J 17 31.87 21.34 12.27
N ARG J 18 30.86 20.55 12.57
CA ARG J 18 29.76 21.01 13.42
C ARG J 18 30.20 20.98 14.87
N GLU J 19 30.17 22.12 15.55
CA GLU J 19 30.61 22.14 16.94
C GLU J 19 29.76 21.27 17.85
N PRO J 20 28.43 21.43 17.84
CA PRO J 20 27.80 20.48 18.75
C PRO J 20 28.20 19.17 18.07
N HIS J 21 29.28 18.58 18.56
CA HIS J 21 29.87 17.39 17.97
C HIS J 21 29.08 16.09 18.01
N ILE J 22 29.20 15.37 16.91
CA ILE J 22 28.52 14.09 16.72
C ILE J 22 29.50 12.92 16.70
N TYR J 23 30.56 13.03 15.90
CA TYR J 23 31.55 11.96 15.83
C TYR J 23 32.86 12.32 16.51
N GLY J 24 33.26 13.58 16.40
CA GLY J 24 34.50 14.01 17.02
C GLY J 24 35.26 15.02 16.17
N SER J 25 36.41 15.46 16.67
CA SER J 25 37.24 16.42 15.98
C SER J 25 37.75 15.92 14.62
N GLN J 26 37.73 14.61 14.44
CA GLN J 26 38.20 14.01 13.19
C GLN J 26 37.43 14.50 11.96
N THR J 27 38.17 14.81 10.91
CA THR J 27 37.58 15.31 9.67
C THR J 27 37.65 14.27 8.55
N LEU J 28 36.99 14.57 7.43
CA LEU J 28 37.00 13.67 6.29
C LEU J 28 38.44 13.51 5.81
N SER J 29 39.17 14.61 5.81
CA SER J 29 40.58 14.59 5.37
C SER J 29 41.40 13.63 6.22
N ASP J 30 41.16 13.63 7.54
CA ASP J 30 41.90 12.74 8.42
C ASP J 30 41.66 11.29 8.04
N ILE J 31 40.41 10.94 7.75
CA ILE J 31 40.07 9.58 7.37
C ILE J 31 40.73 9.20 6.05
N GLU J 32 40.70 10.13 5.09
CA GLU J 32 41.31 9.90 3.79
C GLU J 32 42.80 9.61 3.93
N GLN J 33 43.50 10.47 4.66
CA GLN J 33 44.93 10.29 4.87
C GLN J 33 45.23 9.01 5.61
N HIS J 34 44.45 8.74 6.66
CA HIS J 34 44.62 7.53 7.45
C HIS J 34 44.46 6.26 6.64
N LEU J 35 43.41 6.20 5.82
CA LEU J 35 43.18 5.01 5.01
C LEU J 35 44.24 4.85 3.92
N GLN J 36 44.65 5.95 3.32
CA GLN J 36 45.67 5.88 2.27
C GLN J 36 47.01 5.43 2.83
N GLN J 37 47.37 5.95 3.99
CA GLN J 37 48.64 5.59 4.62
C GLN J 37 48.65 4.11 4.97
N SER J 38 47.52 3.62 5.47
CA SER J 38 47.38 2.22 5.84
C SER J 38 47.47 1.29 4.63
N ALA J 39 46.80 1.66 3.54
CA ALA J 39 46.82 0.84 2.34
C ALA J 39 48.24 0.74 1.79
N GLN J 40 48.93 1.88 1.72
CA GLN J 40 50.29 1.92 1.21
C GLN J 40 51.25 1.11 2.08
N ALA J 41 51.07 1.22 3.40
CA ALA J 41 51.92 0.48 4.33
C ALA J 41 51.79 -1.02 4.09
N GLN J 42 50.66 -1.43 3.55
CA GLN J 42 50.41 -2.83 3.27
C GLN J 42 50.75 -3.23 1.84
N GLY J 43 51.38 -2.32 1.11
CA GLY J 43 51.76 -2.59 -0.27
C GLY J 43 50.66 -2.39 -1.29
N TYR J 44 49.74 -1.49 -1.00
CA TYR J 44 48.61 -1.21 -1.89
C TYR J 44 48.53 0.27 -2.21
N GLU J 45 47.91 0.58 -3.33
CA GLU J 45 47.72 1.96 -3.74
C GLU J 45 46.27 2.33 -3.41
N LEU J 46 46.06 3.56 -2.97
CA LEU J 46 44.70 4.01 -2.65
C LEU J 46 44.47 5.46 -3.02
N ASP J 47 43.44 5.69 -3.81
CA ASP J 47 43.03 7.01 -4.25
C ASP J 47 41.77 7.34 -3.45
N TYR J 48 41.50 8.63 -3.26
CA TYR J 48 40.31 9.05 -2.54
C TYR J 48 39.67 10.24 -3.26
N PHE J 49 38.36 10.37 -3.12
CA PHE J 49 37.62 11.44 -3.78
C PHE J 49 36.30 11.67 -3.04
N GLN J 50 35.87 12.93 -2.98
CA GLN J 50 34.62 13.30 -2.34
C GLN J 50 33.95 14.40 -3.16
N ALA J 51 32.63 14.34 -3.28
CA ALA J 51 31.88 15.36 -4.03
C ALA J 51 30.43 15.34 -3.60
N ASN J 52 29.74 16.44 -3.83
CA ASN J 52 28.34 16.56 -3.44
C ASN J 52 27.32 16.38 -4.55
N GLY J 53 27.74 15.84 -5.69
CA GLY J 53 26.82 15.63 -6.79
C GLY J 53 27.04 14.34 -7.55
N GLU J 54 25.99 13.86 -8.22
CA GLU J 54 26.09 12.64 -8.99
C GLU J 54 27.05 12.72 -10.17
N GLU J 55 27.05 13.82 -10.90
CA GLU J 55 27.95 13.92 -12.04
C GLU J 55 29.42 13.77 -11.63
N SER J 56 29.82 14.47 -10.58
CA SER J 56 31.19 14.40 -10.11
C SER J 56 31.56 12.99 -9.68
N LEU J 57 30.70 12.36 -8.89
CA LEU J 57 30.94 11.00 -8.41
C LEU J 57 30.94 9.98 -9.54
N ILE J 58 29.96 10.06 -10.43
CA ILE J 58 29.87 9.13 -11.56
C ILE J 58 31.10 9.26 -12.48
N ASN J 59 31.56 10.49 -12.71
CA ASN J 59 32.72 10.67 -13.56
C ASN J 59 33.96 10.05 -12.93
N ARG J 60 34.10 10.15 -11.60
CA ARG J 60 35.25 9.56 -10.91
C ARG J 60 35.17 8.04 -10.99
N ILE J 61 33.96 7.50 -10.90
CA ILE J 61 33.76 6.04 -10.98
C ILE J 61 34.15 5.55 -12.37
N HIS J 62 33.71 6.28 -13.39
CA HIS J 62 34.04 5.90 -14.77
C HIS J 62 35.55 5.95 -15.00
N GLN J 63 36.21 6.92 -14.38
CA GLN J 63 37.66 7.07 -14.52
C GLN J 63 38.43 5.92 -13.87
N ALA J 64 37.79 5.26 -12.91
CA ALA J 64 38.43 4.14 -12.21
C ALA J 64 38.38 2.86 -13.02
N PHE J 65 37.56 2.86 -14.06
CA PHE J 65 37.39 1.69 -14.93
C PHE J 65 38.74 1.18 -15.44
N GLN J 66 38.96 -0.12 -15.29
CA GLN J 66 40.17 -0.81 -15.75
C GLN J 66 41.48 -0.47 -15.04
N ASN J 67 41.44 0.33 -13.98
CA ASN J 67 42.67 0.64 -13.25
C ASN J 67 42.49 0.53 -11.74
N THR J 68 41.24 0.37 -11.30
CA THR J 68 40.94 0.24 -9.89
C THR J 68 40.37 -1.16 -9.61
N ASP J 69 40.82 -1.78 -8.52
CA ASP J 69 40.39 -3.14 -8.21
C ASP J 69 39.30 -3.30 -7.15
N PHE J 70 39.14 -2.30 -6.29
CA PHE J 70 38.11 -2.37 -5.26
C PHE J 70 37.70 -0.98 -4.84
N ILE J 71 36.43 -0.81 -4.52
CA ILE J 71 35.91 0.48 -4.10
C ILE J 71 35.28 0.44 -2.71
N ILE J 72 35.58 1.45 -1.92
CA ILE J 72 35.02 1.62 -0.58
C ILE J 72 34.23 2.91 -0.74
N ILE J 73 32.91 2.83 -0.61
CA ILE J 73 32.11 4.03 -0.79
C ILE J 73 31.07 4.33 0.27
N ASN J 74 31.04 5.59 0.70
CA ASN J 74 30.03 6.07 1.63
C ASN J 74 29.30 7.08 0.76
N PRO J 75 28.19 6.66 0.14
CA PRO J 75 27.39 7.51 -0.74
C PRO J 75 26.55 8.58 -0.06
N GLY J 76 26.56 8.59 1.28
CA GLY J 76 25.75 9.56 1.99
C GLY J 76 24.30 9.37 1.57
N ALA J 77 23.56 10.47 1.47
CA ALA J 77 22.15 10.43 1.10
C ALA J 77 21.85 9.79 -0.26
N PHE J 78 22.87 9.74 -1.13
CA PHE J 78 22.66 9.16 -2.45
C PHE J 78 22.36 7.66 -2.40
N THR J 79 22.60 7.02 -1.26
CA THR J 79 22.30 5.60 -1.20
C THR J 79 20.80 5.41 -1.33
N HIS J 80 20.03 6.42 -0.89
CA HIS J 80 18.57 6.36 -0.93
C HIS J 80 17.95 6.87 -2.23
N THR J 81 18.69 7.68 -2.97
CA THR J 81 18.15 8.27 -4.18
C THR J 81 18.82 8.01 -5.53
N SER J 82 20.11 7.66 -5.52
CA SER J 82 20.84 7.51 -6.77
C SER J 82 20.92 6.19 -7.54
N VAL J 83 19.98 6.00 -8.45
CA VAL J 83 19.99 4.83 -9.31
C VAL J 83 21.17 5.07 -10.27
N ALA J 84 21.47 6.34 -10.53
CA ALA J 84 22.56 6.70 -11.43
C ALA J 84 23.92 6.20 -10.93
N ILE J 85 24.18 6.34 -9.63
CA ILE J 85 25.45 5.87 -9.07
C ILE J 85 25.47 4.35 -9.04
N ARG J 86 24.33 3.73 -8.75
CA ARG J 86 24.23 2.28 -8.76
C ARG J 86 24.65 1.79 -10.15
N ASP J 87 24.09 2.41 -11.18
CA ASP J 87 24.42 1.99 -12.54
C ASP J 87 25.86 2.27 -12.95
N ALA J 88 26.47 3.30 -12.36
CA ALA J 88 27.86 3.63 -12.68
C ALA J 88 28.76 2.52 -12.11
N LEU J 89 28.48 2.12 -10.89
CA LEU J 89 29.27 1.07 -10.24
C LEU J 89 29.12 -0.26 -10.99
N LEU J 90 27.91 -0.57 -11.42
CA LEU J 90 27.65 -1.80 -12.16
C LEU J 90 28.34 -1.76 -13.53
N ALA J 91 28.37 -0.57 -14.14
CA ALA J 91 28.98 -0.40 -15.46
C ALA J 91 30.48 -0.65 -15.48
N VAL J 92 31.17 -0.30 -14.40
CA VAL J 92 32.63 -0.49 -14.34
C VAL J 92 33.04 -1.86 -13.79
N SER J 93 32.08 -2.64 -13.33
CA SER J 93 32.35 -3.97 -12.79
C SER J 93 33.44 -4.01 -11.73
N ILE J 94 33.40 -3.08 -10.79
CA ILE J 94 34.37 -3.04 -9.71
C ILE J 94 33.64 -3.36 -8.40
N PRO J 95 34.09 -4.40 -7.69
CA PRO J 95 33.47 -4.78 -6.42
C PRO J 95 33.56 -3.64 -5.42
N PHE J 96 32.51 -3.45 -4.62
CA PHE J 96 32.56 -2.39 -3.63
C PHE J 96 31.86 -2.75 -2.33
N ILE J 97 32.21 -2.03 -1.28
CA ILE J 97 31.61 -2.20 0.03
C ILE J 97 31.02 -0.83 0.40
N GLU J 98 29.80 -0.84 0.91
CA GLU J 98 29.14 0.40 1.30
C GLU J 98 29.34 0.68 2.78
N VAL J 99 29.70 1.91 3.11
CA VAL J 99 29.94 2.30 4.49
C VAL J 99 29.18 3.55 4.90
N HIS J 100 28.66 3.56 6.12
CA HIS J 100 27.95 4.72 6.66
C HIS J 100 28.37 4.90 8.12
N LEU J 101 28.65 6.13 8.50
CA LEU J 101 29.07 6.46 9.87
C LEU J 101 27.97 6.20 10.90
N SER J 102 26.77 6.70 10.60
CA SER J 102 25.61 6.59 11.49
C SER J 102 24.84 5.32 11.15
N ASN J 103 23.90 4.91 12.01
CA ASN J 103 23.11 3.71 11.74
C ASN J 103 21.90 4.18 10.93
N VAL J 104 21.91 3.93 9.63
CA VAL J 104 20.82 4.37 8.75
C VAL J 104 19.45 3.77 9.07
N HIS J 105 19.44 2.67 9.83
CA HIS J 105 18.19 2.01 10.17
C HIS J 105 17.52 2.58 11.41
N ALA J 106 18.27 3.41 12.15
CA ALA J 106 17.75 4.00 13.38
C ALA J 106 17.19 5.40 13.16
N ARG J 107 16.94 5.76 11.91
CA ARG J 107 16.43 7.10 11.59
C ARG J 107 15.05 7.04 10.91
N GLU J 108 14.80 7.96 9.98
CA GLU J 108 13.52 7.98 9.29
C GLU J 108 13.31 6.74 8.42
N PRO J 109 12.05 6.33 8.22
CA PRO J 109 11.73 5.16 7.41
C PRO J 109 12.30 5.19 5.99
N PHE J 110 12.34 6.37 5.37
CA PHE J 110 12.85 6.45 4.02
C PHE J 110 14.33 6.08 3.91
N ARG J 111 15.05 6.09 5.03
CA ARG J 111 16.47 5.74 5.00
C ARG J 111 16.70 4.23 5.05
N HIS J 112 15.62 3.46 5.13
CA HIS J 112 15.70 2.01 5.17
C HIS J 112 15.92 1.43 3.78
N HIS J 113 15.63 2.22 2.75
CA HIS J 113 15.78 1.76 1.38
C HIS J 113 17.06 2.25 0.73
N SER J 114 17.68 1.39 -0.08
CA SER J 114 18.92 1.73 -0.76
C SER J 114 18.97 1.20 -2.18
N TYR J 115 19.61 1.96 -3.06
CA TYR J 115 19.77 1.56 -4.45
C TYR J 115 21.18 0.99 -4.64
N LEU J 116 21.93 0.88 -3.55
CA LEU J 116 23.30 0.38 -3.63
C LEU J 116 23.56 -0.89 -2.82
N SER J 117 22.96 -0.97 -1.63
CA SER J 117 23.19 -2.12 -0.75
C SER J 117 23.01 -3.50 -1.37
N ASP J 118 21.99 -3.69 -2.20
CA ASP J 118 21.78 -5.00 -2.79
C ASP J 118 22.83 -5.45 -3.81
N VAL J 119 23.62 -4.53 -4.34
CA VAL J 119 24.65 -4.90 -5.31
C VAL J 119 26.06 -4.77 -4.74
N ALA J 120 26.15 -4.33 -3.49
CA ALA J 120 27.44 -4.20 -2.82
C ALA J 120 27.87 -5.57 -2.33
N LYS J 121 29.17 -5.75 -2.10
CA LYS J 121 29.65 -7.03 -1.60
C LYS J 121 29.13 -7.14 -0.17
N GLY J 122 29.15 -6.00 0.53
CA GLY J 122 28.67 -5.95 1.90
C GLY J 122 28.43 -4.51 2.35
N VAL J 123 27.86 -4.36 3.54
CA VAL J 123 27.58 -3.03 4.07
C VAL J 123 27.94 -2.96 5.55
N ILE J 124 28.47 -1.82 5.98
CA ILE J 124 28.85 -1.57 7.37
C ILE J 124 28.22 -0.24 7.77
N CYS J 125 27.32 -0.25 8.74
CA CYS J 125 26.62 0.98 9.11
C CYS J 125 26.57 1.16 10.63
N GLY J 126 26.84 2.39 11.08
CA GLY J 126 26.77 2.71 12.49
C GLY J 126 28.05 2.66 13.33
N LEU J 127 29.16 2.24 12.74
CA LEU J 127 30.41 2.13 13.50
C LEU J 127 31.35 3.33 13.37
N GLY J 128 30.82 4.45 12.90
CA GLY J 128 31.64 5.63 12.74
C GLY J 128 32.83 5.43 11.81
N ALA J 129 33.88 6.22 12.03
CA ALA J 129 35.09 6.14 11.20
C ALA J 129 35.72 4.75 11.16
N LYS J 130 35.54 3.97 12.22
CA LYS J 130 36.09 2.62 12.27
C LYS J 130 35.58 1.78 11.11
N GLY J 131 34.37 2.08 10.64
CA GLY J 131 33.80 1.33 9.54
C GLY J 131 34.70 1.35 8.31
N TYR J 132 35.37 2.49 8.08
CA TYR J 132 36.26 2.63 6.93
C TYR J 132 37.46 1.69 7.10
N ASP J 133 37.96 1.58 8.33
CA ASP J 133 39.10 0.70 8.58
C ASP J 133 38.73 -0.74 8.28
N TYR J 134 37.54 -1.16 8.69
CA TYR J 134 37.10 -2.52 8.45
C TYR J 134 36.92 -2.74 6.95
N ALA J 135 36.38 -1.74 6.27
CA ALA J 135 36.16 -1.83 4.83
C ALA J 135 37.49 -2.04 4.10
N LEU J 136 38.52 -1.32 4.55
CA LEU J 136 39.84 -1.44 3.94
C LEU J 136 40.40 -2.85 4.19
N ASP J 137 40.24 -3.33 5.41
CA ASP J 137 40.72 -4.67 5.76
C ASP J 137 40.06 -5.69 4.85
N PHE J 138 38.76 -5.53 4.65
CA PHE J 138 38.00 -6.45 3.80
C PHE J 138 38.43 -6.34 2.34
N ALA J 139 38.61 -5.12 1.86
CA ALA J 139 39.01 -4.88 0.47
C ALA J 139 40.33 -5.62 0.20
N ILE J 140 41.28 -5.46 1.10
CA ILE J 140 42.58 -6.11 0.94
C ILE J 140 42.46 -7.62 0.97
N SER J 141 41.63 -8.15 1.87
CA SER J 141 41.45 -9.59 1.96
C SER J 141 40.89 -10.14 0.66
N GLU J 142 39.98 -9.38 0.04
CA GLU J 142 39.37 -9.80 -1.22
C GLU J 142 40.40 -9.75 -2.35
N LEU J 143 41.26 -8.75 -2.32
CA LEU J 143 42.29 -8.61 -3.35
C LEU J 143 43.31 -9.73 -3.22
N GLN J 144 43.64 -10.10 -1.99
CA GLN J 144 44.59 -11.18 -1.74
C GLN J 144 44.08 -12.48 -2.36
N LYS J 145 42.77 -12.60 -2.46
CA LYS J 145 42.15 -13.78 -3.04
C LYS J 145 42.55 -13.91 -4.50
N ILE J 146 43.06 -12.82 -5.05
CA ILE J 146 43.50 -12.78 -6.45
C ILE J 146 45.02 -12.75 -6.48
N MET K 1 25.39 41.95 12.92
CA MET K 1 24.65 41.81 11.62
C MET K 1 24.14 40.38 11.45
N LYS K 2 23.05 40.23 10.72
CA LYS K 2 22.49 38.91 10.46
C LYS K 2 22.33 38.79 8.95
N LYS K 3 22.42 37.56 8.44
CA LYS K 3 22.32 37.35 7.01
C LYS K 3 21.32 36.30 6.60
N ILE K 4 20.65 36.56 5.49
CA ILE K 4 19.66 35.65 4.92
C ILE K 4 20.19 35.18 3.57
N LEU K 5 20.02 33.89 3.29
CA LEU K 5 20.46 33.36 2.01
C LEU K 5 19.22 32.90 1.24
N LEU K 6 19.02 33.46 0.06
CA LEU K 6 17.89 33.08 -0.80
C LEU K 6 18.40 32.04 -1.79
N LEU K 7 17.79 30.86 -1.77
CA LEU K 7 18.19 29.79 -2.67
C LEU K 7 17.05 29.39 -3.60
N ASN K 8 17.38 29.24 -4.88
CA ASN K 8 16.39 28.82 -5.86
C ASN K 8 16.94 27.62 -6.60
N GLY K 9 16.09 26.61 -6.74
CA GLY K 9 16.49 25.37 -7.38
C GLY K 9 16.34 25.26 -8.87
N PRO K 10 16.35 24.02 -9.40
CA PRO K 10 16.22 23.79 -10.83
C PRO K 10 15.01 24.43 -11.50
N ASN K 11 15.27 24.93 -12.70
CA ASN K 11 14.26 25.56 -13.55
C ASN K 11 13.71 26.91 -13.11
N LEU K 12 14.10 27.39 -11.94
CA LEU K 12 13.59 28.69 -11.49
C LEU K 12 14.11 29.82 -12.38
N ASN K 13 15.19 29.57 -13.10
CA ASN K 13 15.75 30.60 -13.99
C ASN K 13 14.86 30.84 -15.21
N MET K 14 13.86 29.97 -15.40
CA MET K 14 12.93 30.11 -16.52
C MET K 14 11.77 31.05 -16.21
N LEU K 15 11.73 31.59 -15.00
CA LEU K 15 10.66 32.51 -14.61
C LEU K 15 10.58 33.73 -15.52
N GLY K 16 9.38 34.00 -16.02
CA GLY K 16 9.16 35.15 -16.89
C GLY K 16 9.74 35.02 -18.29
N LYS K 17 10.12 33.80 -18.68
CA LYS K 17 10.72 33.59 -20.00
C LYS K 17 9.81 32.82 -20.96
N ARG K 18 8.81 32.13 -20.41
CA ARG K 18 7.88 31.36 -21.24
C ARG K 18 6.94 32.29 -21.99
N GLU K 19 6.84 32.11 -23.32
CA GLU K 19 5.96 32.96 -24.13
C GLU K 19 4.62 33.08 -23.41
N PRO K 20 3.76 32.04 -23.45
CA PRO K 20 2.53 32.28 -22.72
C PRO K 20 2.92 32.32 -21.24
N HIS K 21 2.74 33.48 -20.61
CA HIS K 21 3.11 33.63 -19.20
C HIS K 21 2.24 32.86 -18.21
N ILE K 22 2.88 32.40 -17.14
CA ILE K 22 2.20 31.66 -16.08
C ILE K 22 2.07 32.53 -14.84
N TYR K 23 3.12 33.30 -14.55
CA TYR K 23 3.11 34.17 -13.37
C TYR K 23 3.23 35.64 -13.76
N GLY K 24 3.83 35.91 -14.91
CA GLY K 24 3.99 37.28 -15.35
C GLY K 24 5.36 37.58 -15.91
N SER K 25 5.59 38.84 -16.27
CA SER K 25 6.87 39.27 -16.83
C SER K 25 8.00 39.16 -15.81
N GLN K 26 7.64 39.01 -14.53
CA GLN K 26 8.63 38.92 -13.47
C GLN K 26 9.60 37.74 -13.67
N THR K 27 10.89 38.05 -13.63
CA THR K 27 11.93 37.04 -13.82
C THR K 27 12.58 36.69 -12.48
N LEU K 28 13.42 35.67 -12.48
CA LEU K 28 14.10 35.26 -11.26
C LEU K 28 14.94 36.44 -10.75
N SER K 29 15.65 37.09 -11.67
CA SER K 29 16.49 38.23 -11.32
C SER K 29 15.69 39.33 -10.64
N ASP K 30 14.47 39.56 -11.12
CA ASP K 30 13.61 40.59 -10.53
C ASP K 30 13.34 40.27 -9.06
N ILE K 31 12.97 39.02 -8.79
CA ILE K 31 12.70 38.58 -7.43
C ILE K 31 13.95 38.67 -6.57
N GLU K 32 15.08 38.22 -7.10
CA GLU K 32 16.34 38.26 -6.37
C GLU K 32 16.70 39.68 -5.97
N GLN K 33 16.61 40.61 -6.93
CA GLN K 33 16.92 42.00 -6.67
C GLN K 33 15.94 42.63 -5.69
N HIS K 34 14.66 42.34 -5.86
CA HIS K 34 13.63 42.85 -4.99
C HIS K 34 13.86 42.45 -3.54
N LEU K 35 14.12 41.16 -3.30
CA LEU K 35 14.35 40.71 -1.94
C LEU K 35 15.65 41.25 -1.36
N GLN K 36 16.72 41.27 -2.15
CA GLN K 36 17.99 41.77 -1.65
C GLN K 36 17.86 43.25 -1.28
N GLN K 37 17.20 44.03 -2.13
CA GLN K 37 17.01 45.45 -1.85
C GLN K 37 16.17 45.67 -0.61
N SER K 38 15.12 44.86 -0.45
CA SER K 38 14.24 44.98 0.69
C SER K 38 14.96 44.65 2.00
N ALA K 39 15.74 43.57 1.98
CA ALA K 39 16.49 43.16 3.16
C ALA K 39 17.50 44.23 3.53
N GLN K 40 18.25 44.71 2.53
CA GLN K 40 19.26 45.73 2.77
C GLN K 40 18.68 47.01 3.35
N ALA K 41 17.52 47.41 2.85
CA ALA K 41 16.87 48.63 3.33
C ALA K 41 16.48 48.49 4.80
N GLN K 42 16.27 47.26 5.25
CA GLN K 42 15.89 47.02 6.63
C GLN K 42 17.10 46.77 7.54
N GLY K 43 18.30 46.86 6.95
CA GLY K 43 19.52 46.67 7.72
C GLY K 43 20.08 45.27 7.78
N TYR K 44 19.67 44.40 6.86
CA TYR K 44 20.15 43.02 6.84
C TYR K 44 20.87 42.64 5.56
N GLU K 45 21.75 41.64 5.67
CA GLU K 45 22.49 41.17 4.50
C GLU K 45 21.65 40.06 3.88
N LEU K 46 21.72 39.95 2.56
CA LEU K 46 21.00 38.90 1.86
C LEU K 46 21.75 38.52 0.60
N ASP K 47 22.13 37.25 0.52
CA ASP K 47 22.81 36.71 -0.65
C ASP K 47 21.76 35.90 -1.36
N TYR K 48 21.96 35.67 -2.66
CA TYR K 48 21.04 34.86 -3.43
C TYR K 48 21.82 33.99 -4.40
N PHE K 49 21.26 32.83 -4.72
CA PHE K 49 21.92 31.88 -5.61
C PHE K 49 20.86 30.97 -6.22
N GLN K 50 21.11 30.54 -7.44
CA GLN K 50 20.20 29.63 -8.14
C GLN K 50 21.05 28.68 -8.97
N ALA K 51 20.66 27.42 -9.01
CA ALA K 51 21.37 26.42 -9.79
C ALA K 51 20.45 25.26 -10.10
N ASN K 52 20.78 24.48 -11.11
CA ASN K 52 19.95 23.35 -11.53
C ASN K 52 20.45 21.99 -11.11
N GLY K 53 21.40 21.96 -10.18
CA GLY K 53 21.93 20.69 -9.72
C GLY K 53 22.19 20.64 -8.23
N GLU K 54 22.18 19.44 -7.66
CA GLU K 54 22.42 19.26 -6.24
C GLU K 54 23.81 19.69 -5.78
N GLU K 55 24.84 19.37 -6.56
CA GLU K 55 26.20 19.75 -6.15
C GLU K 55 26.32 21.25 -5.98
N SER K 56 25.87 22.01 -6.97
CA SER K 56 25.96 23.47 -6.87
C SER K 56 25.19 24.01 -5.67
N LEU K 57 23.98 23.50 -5.46
CA LEU K 57 23.15 23.94 -4.35
C LEU K 57 23.74 23.53 -3.01
N ILE K 58 24.19 22.28 -2.92
CA ILE K 58 24.77 21.81 -1.66
C ILE K 58 26.04 22.57 -1.32
N ASN K 59 26.90 22.82 -2.32
CA ASN K 59 28.12 23.56 -2.07
C ASN K 59 27.79 24.96 -1.54
N ARG K 60 26.76 25.60 -2.09
CA ARG K 60 26.39 26.93 -1.63
C ARG K 60 25.88 26.88 -0.20
N ILE K 61 25.18 25.80 0.14
CA ILE K 61 24.65 25.63 1.49
C ILE K 61 25.82 25.47 2.47
N HIS K 62 26.80 24.66 2.11
CA HIS K 62 27.97 24.45 2.96
C HIS K 62 28.70 25.78 3.14
N GLN K 63 28.79 26.55 2.06
CA GLN K 63 29.46 27.84 2.10
C GLN K 63 28.80 28.78 3.10
N ALA K 64 27.50 28.60 3.32
CA ALA K 64 26.74 29.45 4.23
C ALA K 64 26.96 29.09 5.71
N PHE K 65 27.52 27.92 5.95
CA PHE K 65 27.78 27.45 7.31
C PHE K 65 28.53 28.46 8.17
N GLN K 66 27.99 28.73 9.36
CA GLN K 66 28.58 29.64 10.32
C GLN K 66 28.61 31.12 9.96
N ASN K 67 28.00 31.51 8.84
CA ASN K 67 27.97 32.92 8.48
C ASN K 67 26.57 33.37 8.04
N THR K 68 25.68 32.42 7.81
CA THR K 68 24.31 32.71 7.39
C THR K 68 23.36 32.32 8.52
N ASP K 69 22.34 33.14 8.77
CA ASP K 69 21.41 32.90 9.87
C ASP K 69 20.01 32.40 9.53
N PHE K 70 19.61 32.53 8.27
CA PHE K 70 18.29 32.05 7.86
C PHE K 70 18.32 31.82 6.36
N ILE K 71 17.57 30.82 5.92
CA ILE K 71 17.52 30.50 4.51
C ILE K 71 16.09 30.49 3.99
N ILE K 72 15.89 31.09 2.82
CA ILE K 72 14.60 31.10 2.15
C ILE K 72 14.91 30.26 0.93
N ILE K 73 14.23 29.13 0.78
CA ILE K 73 14.52 28.28 -0.36
C ILE K 73 13.33 27.77 -1.15
N ASN K 74 13.43 27.90 -2.47
CA ASN K 74 12.43 27.33 -3.36
C ASN K 74 13.26 26.26 -4.04
N PRO K 75 13.18 25.02 -3.55
CA PRO K 75 13.96 23.92 -4.12
C PRO K 75 13.48 23.40 -5.48
N GLY K 76 12.36 23.94 -5.97
CA GLY K 76 11.86 23.46 -7.24
C GLY K 76 11.56 21.98 -7.12
N ALA K 77 11.83 21.22 -8.17
CA ALA K 77 11.57 19.78 -8.19
C ALA K 77 12.34 18.99 -7.14
N PHE K 78 13.46 19.53 -6.67
CA PHE K 78 14.27 18.83 -5.67
C PHE K 78 13.56 18.63 -4.33
N THR K 79 12.46 19.34 -4.09
CA THR K 79 11.77 19.14 -2.82
C THR K 79 11.23 17.71 -2.76
N HIS K 80 10.92 17.14 -3.92
CA HIS K 80 10.37 15.78 -4.00
C HIS K 80 11.42 14.68 -4.12
N THR K 81 12.66 15.05 -4.44
CA THR K 81 13.70 14.05 -4.69
C THR K 81 15.01 14.14 -3.92
N SER K 82 15.35 15.32 -3.41
CA SER K 82 16.65 15.49 -2.78
C SER K 82 16.86 15.28 -1.29
N VAL K 83 17.23 14.06 -0.92
CA VAL K 83 17.53 13.79 0.48
C VAL K 83 18.89 14.46 0.75
N ALA K 84 19.72 14.56 -0.29
CA ALA K 84 21.04 15.18 -0.15
C ALA K 84 20.94 16.66 0.27
N ILE K 85 19.99 17.40 -0.30
CA ILE K 85 19.84 18.79 0.09
C ILE K 85 19.25 18.88 1.50
N ARG K 86 18.36 17.95 1.83
CA ARG K 86 17.77 17.93 3.17
C ARG K 86 18.92 17.79 4.17
N ASP K 87 19.79 16.82 3.92
CA ASP K 87 20.91 16.57 4.83
C ASP K 87 21.92 17.72 4.87
N ALA K 88 22.04 18.46 3.77
CA ALA K 88 22.95 19.60 3.74
C ALA K 88 22.39 20.70 4.66
N LEU K 89 21.10 20.95 4.55
CA LEU K 89 20.47 21.96 5.39
C LEU K 89 20.54 21.56 6.86
N LEU K 90 20.37 20.28 7.15
CA LEU K 90 20.44 19.82 8.52
C LEU K 90 21.88 19.87 9.05
N ALA K 91 22.83 19.57 8.17
CA ALA K 91 24.24 19.60 8.57
C ALA K 91 24.73 20.99 8.98
N VAL K 92 24.21 22.04 8.33
CA VAL K 92 24.65 23.39 8.67
C VAL K 92 23.82 24.06 9.77
N SER K 93 22.73 23.41 10.17
CA SER K 93 21.87 23.91 11.23
C SER K 93 21.39 25.34 11.04
N ILE K 94 20.87 25.64 9.86
CA ILE K 94 20.34 26.98 9.58
C ILE K 94 18.83 26.81 9.32
N PRO K 95 17.99 27.50 10.11
CA PRO K 95 16.54 27.39 9.91
C PRO K 95 16.14 27.91 8.52
N PHE K 96 15.10 27.33 7.95
CA PHE K 96 14.66 27.77 6.62
C PHE K 96 13.17 27.70 6.40
N ILE K 97 12.71 28.46 5.41
CA ILE K 97 11.30 28.45 5.01
C ILE K 97 11.31 27.98 3.57
N GLU K 98 10.42 27.04 3.26
CA GLU K 98 10.33 26.51 1.90
C GLU K 98 9.23 27.29 1.18
N VAL K 99 9.56 27.75 -0.02
CA VAL K 99 8.61 28.52 -0.83
C VAL K 99 8.39 27.91 -2.22
N HIS K 100 7.14 27.92 -2.67
CA HIS K 100 6.79 27.44 -4.00
C HIS K 100 5.79 28.43 -4.60
N LEU K 101 6.02 28.79 -5.85
CA LEU K 101 5.14 29.73 -6.55
C LEU K 101 3.75 29.16 -6.77
N SER K 102 3.71 27.93 -7.31
CA SER K 102 2.46 27.25 -7.59
C SER K 102 2.05 26.44 -6.38
N ASN K 103 0.80 25.95 -6.38
CA ASN K 103 0.24 25.14 -5.29
C ASN K 103 0.59 23.67 -5.58
N VAL K 104 1.62 23.16 -4.91
CA VAL K 104 2.09 21.79 -5.11
C VAL K 104 1.04 20.73 -4.80
N HIS K 105 0.07 21.07 -3.95
CA HIS K 105 -0.98 20.13 -3.58
C HIS K 105 -2.06 20.00 -4.66
N ALA K 106 -2.08 20.94 -5.60
CA ALA K 106 -3.07 20.92 -6.66
C ALA K 106 -2.57 20.26 -7.95
N ARG K 107 -1.38 19.66 -7.89
CA ARG K 107 -0.80 19.01 -9.07
C ARG K 107 -0.77 17.49 -8.93
N GLU K 108 0.16 16.84 -9.60
CA GLU K 108 0.26 15.38 -9.55
C GLU K 108 0.51 14.88 -8.13
N PRO K 109 0.04 13.66 -7.82
CA PRO K 109 0.22 13.10 -6.48
C PRO K 109 1.68 13.01 -6.01
N PHE K 110 2.61 12.78 -6.94
CA PHE K 110 4.01 12.67 -6.52
C PHE K 110 4.57 13.98 -5.96
N ARG K 111 3.90 15.09 -6.25
CA ARG K 111 4.36 16.38 -5.73
C ARG K 111 3.84 16.63 -4.33
N HIS K 112 3.09 15.69 -3.78
CA HIS K 112 2.55 15.84 -2.43
C HIS K 112 3.58 15.47 -1.37
N HIS K 113 4.64 14.79 -1.79
CA HIS K 113 5.69 14.38 -0.85
C HIS K 113 6.91 15.27 -0.96
N SER K 114 7.48 15.60 0.19
CA SER K 114 8.66 16.44 0.25
C SER K 114 9.68 15.94 1.26
N TYR K 115 10.96 16.10 0.92
CA TYR K 115 12.04 15.71 1.82
C TYR K 115 12.53 16.93 2.61
N LEU K 116 11.83 18.05 2.45
CA LEU K 116 12.21 19.28 3.15
C LEU K 116 11.14 19.87 4.05
N SER K 117 9.88 19.77 3.64
CA SER K 117 8.79 20.36 4.42
C SER K 117 8.75 19.99 5.90
N ASP K 118 9.04 18.73 6.25
CA ASP K 118 8.97 18.35 7.65
C ASP K 118 10.06 18.95 8.54
N VAL K 119 11.17 19.39 7.95
CA VAL K 119 12.24 19.99 8.75
C VAL K 119 12.35 21.50 8.56
N ALA K 120 11.44 22.07 7.77
CA ALA K 120 11.43 23.51 7.55
C ALA K 120 10.71 24.20 8.70
N LYS K 121 11.05 25.46 8.94
CA LYS K 121 10.39 26.23 9.98
C LYS K 121 8.94 26.38 9.53
N GLY K 122 8.77 26.66 8.24
CA GLY K 122 7.44 26.82 7.68
C GLY K 122 7.43 26.65 6.17
N VAL K 123 6.25 26.60 5.58
CA VAL K 123 6.13 26.42 4.14
C VAL K 123 5.05 27.35 3.58
N ILE K 124 5.33 27.95 2.43
CA ILE K 124 4.40 28.84 1.74
C ILE K 124 4.29 28.36 0.32
N CYS K 125 3.09 27.96 -0.09
CA CYS K 125 2.92 27.39 -1.40
C CYS K 125 1.69 27.94 -2.15
N GLY K 126 1.89 28.32 -3.40
CA GLY K 126 0.78 28.81 -4.22
C GLY K 126 0.48 30.30 -4.27
N LEU K 127 1.28 31.13 -3.62
CA LEU K 127 1.03 32.58 -3.62
C LEU K 127 1.91 33.38 -4.57
N GLY K 128 2.49 32.68 -5.55
CA GLY K 128 3.36 33.35 -6.51
C GLY K 128 4.57 34.00 -5.87
N ALA K 129 5.08 35.04 -6.53
CA ALA K 129 6.25 35.76 -6.04
C ALA K 129 6.09 36.38 -4.66
N LYS K 130 4.85 36.67 -4.26
CA LYS K 130 4.61 37.26 -2.96
C LYS K 130 5.03 36.31 -1.84
N GLY K 131 5.06 35.01 -2.12
CA GLY K 131 5.46 34.04 -1.13
C GLY K 131 6.85 34.34 -0.60
N TYR K 132 7.73 34.82 -1.47
CA TYR K 132 9.09 35.16 -1.09
C TYR K 132 9.08 36.38 -0.17
N ASP K 133 8.19 37.33 -0.44
CA ASP K 133 8.10 38.52 0.39
C ASP K 133 7.69 38.15 1.82
N TYR K 134 6.75 37.23 1.94
CA TYR K 134 6.30 36.81 3.26
C TYR K 134 7.41 36.05 3.98
N ALA K 135 8.13 35.22 3.24
CA ALA K 135 9.23 34.46 3.82
C ALA K 135 10.30 35.43 4.35
N LEU K 136 10.59 36.48 3.59
CA LEU K 136 11.58 37.47 4.02
C LEU K 136 11.12 38.17 5.28
N ASP K 137 9.84 38.55 5.32
CA ASP K 137 9.28 39.22 6.47
C ASP K 137 9.43 38.35 7.72
N PHE K 138 9.11 37.06 7.60
CA PHE K 138 9.22 36.17 8.74
C PHE K 138 10.68 36.01 9.16
N ALA K 139 11.55 35.78 8.19
CA ALA K 139 12.97 35.61 8.49
C ALA K 139 13.52 36.79 9.28
N ILE K 140 13.21 38.00 8.83
CA ILE K 140 13.69 39.19 9.54
C ILE K 140 13.13 39.25 10.96
N SER K 141 11.87 38.86 11.14
CA SER K 141 11.28 38.89 12.48
C SER K 141 11.99 37.88 13.39
N GLU K 142 12.40 36.77 12.82
CA GLU K 142 13.11 35.74 13.59
C GLU K 142 14.50 36.24 13.97
N LEU K 143 15.15 36.91 13.02
CA LEU K 143 16.48 37.45 13.27
C LEU K 143 16.43 38.56 14.30
N GLN K 144 15.33 39.31 14.31
CA GLN K 144 15.17 40.39 15.28
C GLN K 144 15.06 39.81 16.69
N LYS K 145 14.37 38.68 16.80
CA LYS K 145 14.20 38.03 18.10
C LYS K 145 15.57 37.63 18.64
N ILE K 146 16.41 37.10 17.76
CA ILE K 146 17.76 36.68 18.13
C ILE K 146 18.57 37.88 18.60
N GLN K 147 18.56 38.95 17.80
CA GLN K 147 19.31 40.15 18.15
C GLN K 147 18.83 40.73 19.48
N LEU K 148 17.52 40.69 19.70
CA LEU K 148 16.92 41.20 20.92
C LEU K 148 17.45 40.40 22.11
N GLY K 149 17.49 39.09 21.94
CA GLY K 149 17.97 38.22 23.00
C GLY K 149 19.45 38.43 23.24
N GLU K 150 20.16 38.94 22.25
CA GLU K 150 21.58 39.19 22.41
C GLU K 150 21.74 40.30 23.46
N MET K 151 20.60 40.71 24.01
CA MET K 151 20.47 41.68 25.10
C MET K 151 20.66 43.18 24.92
N MET K 152 21.82 43.62 24.92
N MET L 1 16.19 26.22 -40.47
CA MET L 1 15.36 24.98 -40.62
C MET L 1 15.05 24.30 -39.29
N LYS L 2 14.45 23.12 -39.38
CA LYS L 2 14.07 22.33 -38.22
C LYS L 2 15.28 21.70 -37.53
N LYS L 3 15.30 21.82 -36.22
CA LYS L 3 16.40 21.29 -35.42
C LYS L 3 15.90 20.28 -34.41
N ILE L 4 16.61 19.16 -34.33
CA ILE L 4 16.26 18.10 -33.39
C ILE L 4 17.46 17.94 -32.45
N LEU L 5 17.18 17.73 -31.16
CA LEU L 5 18.24 17.56 -30.18
C LEU L 5 18.16 16.17 -29.54
N LEU L 6 19.27 15.44 -29.59
CA LEU L 6 19.37 14.10 -29.00
C LEU L 6 20.06 14.25 -27.64
N LEU L 7 19.42 13.75 -26.59
CA LEU L 7 19.97 13.84 -25.24
C LEU L 7 20.11 12.46 -24.63
N ASN L 8 21.27 12.21 -24.03
CA ASN L 8 21.53 10.94 -23.36
C ASN L 8 21.99 11.22 -21.95
N GLY L 9 21.43 10.48 -21.01
CA GLY L 9 21.76 10.68 -19.61
C GLY L 9 22.95 9.91 -19.06
N PRO L 10 23.02 9.78 -17.73
CA PRO L 10 24.12 9.08 -17.05
C PRO L 10 24.47 7.68 -17.51
N ASN L 11 25.77 7.41 -17.51
CA ASN L 11 26.33 6.10 -17.87
C ASN L 11 26.23 5.66 -19.33
N LEU L 12 25.43 6.35 -20.14
CA LEU L 12 25.30 5.97 -21.53
C LEU L 12 26.61 6.08 -22.29
N ASN L 13 27.55 6.85 -21.75
CA ASN L 13 28.86 7.02 -22.37
C ASN L 13 29.67 5.73 -22.24
N MET L 14 29.23 4.84 -21.35
CA MET L 14 29.93 3.58 -21.13
C MET L 14 29.52 2.47 -22.11
N LEU L 15 28.61 2.79 -23.03
CA LEU L 15 28.16 1.80 -24.00
C LEU L 15 29.32 1.18 -24.79
N GLY L 16 29.34 -0.15 -24.84
CA GLY L 16 30.37 -0.87 -25.58
C GLY L 16 31.76 -0.78 -25.00
N LYS L 17 31.89 -0.30 -23.77
CA LYS L 17 33.20 -0.17 -23.14
C LYS L 17 33.49 -1.33 -22.18
N GLN L 26 27.43 -1.56 -29.77
CA GLN L 26 27.80 -0.28 -30.37
C GLN L 26 28.15 0.69 -29.24
N THR L 27 28.72 1.83 -29.59
CA THR L 27 29.07 2.84 -28.61
C THR L 27 28.08 4.00 -28.68
N LEU L 28 28.15 4.90 -27.71
CA LEU L 28 27.26 6.05 -27.69
C LEU L 28 27.53 6.90 -28.93
N SER L 29 28.80 7.04 -29.28
CA SER L 29 29.17 7.82 -30.46
C SER L 29 28.56 7.23 -31.73
N ASP L 30 28.52 5.90 -31.83
CA ASP L 30 27.93 5.26 -33.01
C ASP L 30 26.48 5.73 -33.19
N ILE L 31 25.75 5.78 -32.08
CA ILE L 31 24.36 6.20 -32.10
C ILE L 31 24.19 7.68 -32.44
N GLU L 32 24.97 8.54 -31.77
CA GLU L 32 24.91 9.98 -32.00
C GLU L 32 25.20 10.30 -33.46
N GLN L 33 26.26 9.73 -34.01
CA GLN L 33 26.64 9.97 -35.40
C GLN L 33 25.60 9.41 -36.38
N HIS L 34 25.00 8.27 -36.06
CA HIS L 34 23.99 7.70 -36.94
C HIS L 34 22.73 8.56 -37.02
N LEU L 35 22.29 9.08 -35.88
CA LEU L 35 21.10 9.92 -35.91
C LEU L 35 21.38 11.24 -36.62
N GLN L 36 22.58 11.77 -36.45
CA GLN L 36 22.94 13.02 -37.11
C GLN L 36 22.93 12.77 -38.62
N GLN L 37 23.51 11.63 -39.03
CA GLN L 37 23.56 11.24 -40.44
C GLN L 37 22.16 11.08 -41.02
N SER L 38 21.29 10.37 -40.31
CA SER L 38 19.94 10.15 -40.80
C SER L 38 19.11 11.44 -40.82
N ALA L 39 19.37 12.34 -39.88
CA ALA L 39 18.63 13.60 -39.81
C ALA L 39 19.01 14.45 -41.02
N GLN L 40 20.31 14.55 -41.30
CA GLN L 40 20.80 15.33 -42.43
C GLN L 40 20.33 14.73 -43.75
N ALA L 41 20.10 13.41 -43.77
CA ALA L 41 19.64 12.74 -44.98
C ALA L 41 18.26 13.25 -45.39
N GLN L 42 17.58 13.93 -44.48
CA GLN L 42 16.26 14.46 -44.79
C GLN L 42 16.23 15.97 -44.67
N GLY L 43 17.41 16.58 -44.69
CA GLY L 43 17.50 18.03 -44.61
C GLY L 43 17.27 18.65 -43.24
N TYR L 44 17.35 17.84 -42.19
CA TYR L 44 17.14 18.35 -40.84
C TYR L 44 18.50 18.51 -40.15
N GLU L 45 18.54 19.34 -39.11
CA GLU L 45 19.77 19.52 -38.36
C GLU L 45 19.58 18.79 -37.04
N LEU L 46 20.63 18.15 -36.53
CA LEU L 46 20.53 17.45 -35.26
C LEU L 46 21.78 17.66 -34.41
N ASP L 47 21.54 18.07 -33.16
CA ASP L 47 22.62 18.29 -32.20
C ASP L 47 22.49 17.14 -31.21
N TYR L 48 23.58 16.82 -30.52
CA TYR L 48 23.55 15.74 -29.52
C TYR L 48 24.38 16.14 -28.30
N PHE L 49 24.00 15.60 -27.15
CA PHE L 49 24.68 15.91 -25.91
C PHE L 49 24.47 14.77 -24.92
N GLN L 50 25.46 14.51 -24.08
CA GLN L 50 25.39 13.47 -23.06
C GLN L 50 26.07 13.98 -21.81
N ALA L 51 25.52 13.68 -20.64
CA ALA L 51 26.10 14.10 -19.38
C ALA L 51 25.62 13.17 -18.27
N ASN L 52 26.38 13.15 -17.17
CA ASN L 52 26.05 12.27 -16.05
C ASN L 52 25.41 12.97 -14.85
N GLY L 53 24.93 14.20 -15.05
CA GLY L 53 24.33 14.93 -13.96
C GLY L 53 23.13 15.77 -14.40
N GLU L 54 22.24 16.04 -13.46
CA GLU L 54 21.04 16.82 -13.76
C GLU L 54 21.33 18.27 -14.17
N GLU L 55 22.26 18.93 -13.49
CA GLU L 55 22.57 20.31 -13.84
C GLU L 55 23.02 20.43 -15.30
N SER L 56 23.93 19.56 -15.73
CA SER L 56 24.43 19.60 -17.10
C SER L 56 23.32 19.35 -18.12
N LEU L 57 22.48 18.36 -17.86
CA LEU L 57 21.39 18.02 -18.76
C LEU L 57 20.32 19.11 -18.79
N ILE L 58 19.99 19.65 -17.63
CA ILE L 58 18.96 20.69 -17.54
C ILE L 58 19.44 21.97 -18.22
N ASN L 59 20.71 22.30 -18.05
CA ASN L 59 21.24 23.51 -18.70
C ASN L 59 21.17 23.36 -20.21
N ARG L 60 21.44 22.17 -20.72
CA ARG L 60 21.38 21.95 -22.17
C ARG L 60 19.94 22.05 -22.67
N ILE L 61 19.00 21.58 -21.87
CA ILE L 61 17.59 21.64 -22.25
C ILE L 61 17.15 23.10 -22.30
N HIS L 62 17.57 23.89 -21.32
CA HIS L 62 17.22 25.31 -21.28
C HIS L 62 17.83 26.03 -22.48
N GLN L 63 19.04 25.62 -22.85
CA GLN L 63 19.73 26.22 -23.99
C GLN L 63 19.00 25.96 -25.31
N ALA L 64 18.21 24.91 -25.35
CA ALA L 64 17.45 24.55 -26.55
C ALA L 64 16.17 25.37 -26.71
N PHE L 65 15.78 26.08 -25.66
CA PHE L 65 14.56 26.89 -25.67
C PHE L 65 14.49 27.85 -26.86
N GLN L 66 13.37 27.78 -27.59
CA GLN L 66 13.10 28.62 -28.75
C GLN L 66 13.96 28.41 -30.01
N ASN L 67 14.86 27.45 -29.99
CA ASN L 67 15.69 27.19 -31.18
C ASN L 67 15.67 25.72 -31.58
N THR L 68 15.09 24.89 -30.74
CA THR L 68 15.00 23.45 -30.98
C THR L 68 13.54 23.05 -31.12
N ASP L 69 13.25 22.23 -32.12
CA ASP L 69 11.88 21.82 -32.41
C ASP L 69 11.40 20.46 -31.87
N PHE L 70 12.33 19.57 -31.56
CA PHE L 70 11.94 18.26 -31.05
C PHE L 70 13.13 17.65 -30.31
N ILE L 71 12.84 16.89 -29.25
CA ILE L 71 13.90 16.25 -28.47
C ILE L 71 13.72 14.73 -28.41
N ILE L 72 14.84 14.03 -28.52
CA ILE L 72 14.85 12.56 -28.41
C ILE L 72 15.71 12.38 -27.17
N ILE L 73 15.17 11.74 -26.13
CA ILE L 73 15.94 11.60 -24.91
C ILE L 73 15.90 10.24 -24.23
N ASN L 74 17.08 9.77 -23.85
CA ASN L 74 17.23 8.53 -23.09
C ASN L 74 17.84 9.07 -21.80
N PRO L 75 17.02 9.29 -20.77
CA PRO L 75 17.49 9.82 -19.48
C PRO L 75 18.34 8.87 -18.65
N GLY L 76 18.49 7.63 -19.10
CA GLY L 76 19.26 6.67 -18.32
C GLY L 76 18.58 6.49 -16.98
N ALA L 77 19.36 6.35 -15.91
CA ALA L 77 18.81 6.16 -14.57
C ALA L 77 17.88 7.31 -14.14
N PHE L 78 18.12 8.52 -14.66
CA PHE L 78 17.31 9.66 -14.29
C PHE L 78 15.84 9.53 -14.69
N THR L 79 15.54 8.54 -15.52
CA THR L 79 14.16 8.29 -15.95
C THR L 79 13.32 8.00 -14.71
N HIS L 80 13.94 7.26 -13.78
CA HIS L 80 13.24 6.86 -12.56
C HIS L 80 13.37 7.79 -11.36
N THR L 81 14.28 8.75 -11.43
CA THR L 81 14.50 9.63 -10.29
C THR L 81 14.38 11.12 -10.51
N SER L 82 14.54 11.59 -11.75
CA SER L 82 14.54 13.03 -11.99
C SER L 82 13.27 13.81 -12.34
N VAL L 83 12.66 14.40 -11.33
CA VAL L 83 11.47 15.22 -11.52
C VAL L 83 12.00 16.54 -12.12
N ALA L 84 13.24 16.90 -11.78
CA ALA L 84 13.84 18.14 -12.29
C ALA L 84 13.97 18.16 -13.81
N ILE L 85 14.38 17.05 -14.40
CA ILE L 85 14.51 16.98 -15.86
C ILE L 85 13.12 17.03 -16.49
N ARG L 86 12.16 16.37 -15.86
CA ARG L 86 10.78 16.40 -16.35
C ARG L 86 10.35 17.86 -16.44
N ASP L 87 10.55 18.59 -15.36
CA ASP L 87 10.13 20.00 -15.31
C ASP L 87 10.90 20.90 -16.26
N ALA L 88 12.14 20.54 -16.60
CA ALA L 88 12.92 21.33 -17.53
C ALA L 88 12.31 21.15 -18.94
N LEU L 89 11.97 19.92 -19.28
CA LEU L 89 11.38 19.64 -20.58
C LEU L 89 10.04 20.35 -20.71
N LEU L 90 9.27 20.37 -19.63
CA LEU L 90 7.97 21.04 -19.64
C LEU L 90 8.15 22.55 -19.72
N ALA L 91 9.18 23.07 -19.04
CA ALA L 91 9.43 24.51 -19.02
C ALA L 91 9.77 25.11 -20.40
N VAL L 92 10.44 24.34 -21.25
CA VAL L 92 10.82 24.83 -22.58
C VAL L 92 9.82 24.53 -23.69
N SER L 93 8.75 23.80 -23.34
CA SER L 93 7.69 23.45 -24.29
C SER L 93 8.16 22.84 -25.61
N ILE L 94 9.07 21.88 -25.54
CA ILE L 94 9.56 21.20 -26.74
C ILE L 94 9.09 19.75 -26.64
N PRO L 95 8.34 19.28 -27.62
CA PRO L 95 7.84 17.89 -27.59
C PRO L 95 9.02 16.91 -27.62
N PHE L 96 8.87 15.77 -26.95
CA PHE L 96 9.95 14.80 -26.95
C PHE L 96 9.49 13.35 -26.95
N ILE L 97 10.41 12.48 -27.31
CA ILE L 97 10.15 11.05 -27.32
C ILE L 97 11.22 10.44 -26.41
N GLU L 98 10.78 9.53 -25.54
CA GLU L 98 11.67 8.85 -24.60
C GLU L 98 12.14 7.53 -25.20
N VAL L 99 13.43 7.24 -25.05
CA VAL L 99 14.00 6.00 -25.60
C VAL L 99 14.89 5.28 -24.59
N HIS L 100 14.84 3.95 -24.62
CA HIS L 100 15.68 3.12 -23.75
C HIS L 100 16.18 1.94 -24.57
N LEU L 101 17.47 1.65 -24.46
CA LEU L 101 18.08 0.52 -25.18
C LEU L 101 17.50 -0.81 -24.70
N SER L 102 17.48 -0.99 -23.39
CA SER L 102 16.98 -2.23 -22.79
C SER L 102 15.50 -2.11 -22.47
N ASN L 103 14.86 -3.24 -22.19
CA ASN L 103 13.44 -3.27 -21.83
C ASN L 103 13.34 -3.00 -20.32
N VAL L 104 13.00 -1.77 -19.96
CA VAL L 104 12.90 -1.39 -18.54
C VAL L 104 11.89 -2.20 -17.75
N HIS L 105 10.87 -2.70 -18.43
CA HIS L 105 9.81 -3.47 -17.78
C HIS L 105 10.27 -4.86 -17.37
N ALA L 106 11.37 -5.32 -17.95
CA ALA L 106 11.90 -6.65 -17.66
C ALA L 106 12.97 -6.63 -16.59
N ARG L 107 13.26 -5.44 -16.06
CA ARG L 107 14.29 -5.29 -15.03
C ARG L 107 13.69 -5.11 -13.64
N GLU L 108 14.46 -4.56 -12.70
CA GLU L 108 13.94 -4.36 -11.34
C GLU L 108 12.69 -3.50 -11.31
N PRO L 109 11.80 -3.73 -10.34
CA PRO L 109 10.56 -2.96 -10.19
C PRO L 109 10.75 -1.44 -10.15
N PHE L 110 11.85 -0.97 -9.57
CA PHE L 110 12.06 0.47 -9.49
C PHE L 110 12.28 1.11 -10.87
N ARG L 111 12.56 0.30 -11.88
CA ARG L 111 12.76 0.83 -13.23
C ARG L 111 11.45 0.85 -14.01
N HIS L 112 10.37 0.39 -13.37
CA HIS L 112 9.06 0.34 -14.02
C HIS L 112 8.36 1.70 -14.06
N HIS L 113 8.90 2.67 -13.32
CA HIS L 113 8.30 4.00 -13.29
C HIS L 113 9.21 5.04 -13.93
N SER L 114 8.59 5.92 -14.72
CA SER L 114 9.30 6.99 -15.41
C SER L 114 8.66 8.35 -15.13
N TYR L 115 9.48 9.36 -14.85
CA TYR L 115 8.95 10.70 -14.60
C TYR L 115 8.79 11.46 -15.91
N LEU L 116 9.03 10.78 -17.02
CA LEU L 116 8.89 11.40 -18.34
C LEU L 116 7.82 10.80 -19.23
N SER L 117 7.61 9.50 -19.09
CA SER L 117 6.65 8.79 -19.93
C SER L 117 5.26 9.39 -20.10
N ASP L 118 4.67 9.87 -19.02
CA ASP L 118 3.32 10.43 -19.12
C ASP L 118 3.24 11.77 -19.86
N VAL L 119 4.36 12.47 -19.98
CA VAL L 119 4.36 13.75 -20.68
C VAL L 119 5.09 13.71 -22.03
N ALA L 120 5.65 12.56 -22.35
CA ALA L 120 6.35 12.37 -23.61
C ALA L 120 5.31 12.14 -24.71
N LYS L 121 5.68 12.39 -25.96
CA LYS L 121 4.77 12.14 -27.06
C LYS L 121 4.65 10.63 -27.20
N GLY L 122 5.78 9.94 -26.98
CA GLY L 122 5.79 8.50 -27.08
C GLY L 122 7.02 7.92 -26.39
N VAL L 123 7.08 6.60 -26.30
CA VAL L 123 8.21 5.93 -25.66
C VAL L 123 8.54 4.66 -26.45
N ILE L 124 9.84 4.40 -26.62
CA ILE L 124 10.31 3.22 -27.32
C ILE L 124 11.32 2.56 -26.40
N CYS L 125 11.12 1.28 -26.09
CA CYS L 125 12.00 0.66 -25.12
C CYS L 125 12.32 -0.80 -25.45
N GLY L 126 13.59 -1.17 -25.36
CA GLY L 126 13.99 -2.56 -25.58
C GLY L 126 14.50 -2.96 -26.94
N LEU L 127 14.53 -2.01 -27.87
CA LEU L 127 14.97 -2.29 -29.22
C LEU L 127 16.42 -1.90 -29.51
N GLY L 128 17.19 -1.68 -28.45
CA GLY L 128 18.59 -1.33 -28.62
C GLY L 128 18.76 -0.03 -29.38
N ALA L 129 19.87 0.05 -30.12
CA ALA L 129 20.18 1.24 -30.90
C ALA L 129 19.13 1.62 -31.95
N LYS L 130 18.43 0.62 -32.49
CA LYS L 130 17.41 0.89 -33.49
C LYS L 130 16.26 1.73 -32.93
N GLY L 131 16.06 1.66 -31.62
CA GLY L 131 15.01 2.45 -31.01
C GLY L 131 15.23 3.93 -31.28
N TYR L 132 16.50 4.34 -31.27
CA TYR L 132 16.86 5.74 -31.53
C TYR L 132 16.53 6.10 -32.98
N ASP L 133 16.76 5.15 -33.89
CA ASP L 133 16.48 5.37 -35.31
C ASP L 133 14.99 5.65 -35.50
N TYR L 134 14.16 4.85 -34.85
CA TYR L 134 12.72 5.03 -34.97
C TYR L 134 12.25 6.33 -34.33
N ALA L 135 12.86 6.69 -33.21
CA ALA L 135 12.50 7.91 -32.50
C ALA L 135 12.76 9.12 -33.41
N LEU L 136 13.84 9.06 -34.17
CA LEU L 136 14.17 10.15 -35.08
C LEU L 136 13.13 10.20 -36.20
N ASP L 137 12.76 9.04 -36.75
CA ASP L 137 11.76 8.97 -37.80
C ASP L 137 10.50 9.68 -37.33
N PHE L 138 10.08 9.35 -36.11
CA PHE L 138 8.89 9.93 -35.52
C PHE L 138 9.01 11.45 -35.40
N ALA L 139 10.13 11.91 -34.85
CA ALA L 139 10.36 13.34 -34.67
C ALA L 139 10.18 14.09 -35.99
N ILE L 140 10.80 13.57 -37.05
CA ILE L 140 10.70 14.20 -38.36
C ILE L 140 9.24 14.16 -38.83
N SER L 141 8.57 13.03 -38.57
CA SER L 141 7.17 12.86 -38.95
C SER L 141 6.31 13.93 -38.29
N GLU L 142 6.56 14.17 -37.00
CA GLU L 142 5.80 15.16 -36.23
C GLU L 142 6.05 16.58 -36.72
N LEU L 143 7.29 16.87 -37.12
CA LEU L 143 7.64 18.19 -37.59
C LEU L 143 7.12 18.48 -39.00
N GLN L 144 6.47 17.49 -39.60
CA GLN L 144 5.93 17.66 -40.94
C GLN L 144 4.41 17.83 -40.95
N LYS L 145 3.71 17.14 -40.07
CA LYS L 145 2.26 17.31 -40.04
C LYS L 145 2.00 18.78 -39.73
N ILE L 146 3.09 19.52 -39.57
CA ILE L 146 3.06 20.94 -39.26
C ILE L 146 3.68 21.78 -40.38
S SO4 M . -13.67 -15.00 -25.05
O1 SO4 M . -14.29 -15.46 -23.81
O2 SO4 M . -12.21 -15.23 -25.03
O3 SO4 M . -14.26 -15.73 -26.18
O4 SO4 M . -13.94 -13.53 -25.21
S SO4 N . -25.17 -8.91 -10.17
O1 SO4 N . -25.06 -10.37 -10.28
O2 SO4 N . -25.50 -8.52 -8.78
O3 SO4 N . -26.22 -8.43 -11.08
O4 SO4 N . -23.87 -8.32 -10.52
S SO4 O . 0.25 -24.89 -14.52
O1 SO4 O . 1.35 -25.16 -15.45
O2 SO4 O . 0.77 -24.61 -13.18
O3 SO4 O . -0.63 -26.07 -14.47
O4 SO4 O . -0.52 -23.72 -15.00
S SO4 P . -1.50 -35.93 -28.24
O1 SO4 P . -0.91 -36.61 -27.07
O2 SO4 P . -2.82 -36.51 -28.53
O3 SO4 P . -0.63 -36.10 -29.41
O4 SO4 P . -1.65 -34.49 -27.95
C TRS Q . -10.17 -11.02 -18.49
C1 TRS Q . -10.54 -11.72 -17.12
C2 TRS Q . -8.59 -11.04 -18.49
C3 TRS Q . -10.59 -9.55 -18.50
N TRS Q . -10.80 -11.82 -19.47
O1 TRS Q . -10.13 -13.10 -17.33
O2 TRS Q . -8.16 -10.56 -19.79
O3 TRS Q . -12.05 -9.40 -18.45
S SO4 R . -4.01 1.69 -28.36
O1 SO4 R . -5.43 2.05 -28.52
O2 SO4 R . -3.25 2.82 -27.82
O3 SO4 R . -3.47 1.31 -29.67
O4 SO4 R . -3.90 0.54 -27.44
S SO4 S . -12.26 -0.45 -44.52
O1 SO4 S . -10.88 0.00 -44.77
O2 SO4 S . -12.49 -1.77 -45.14
O3 SO4 S . -13.21 0.53 -45.07
O4 SO4 S . -12.49 -0.56 -43.05
S SO4 T . -10.30 7.31 -35.34
O1 SO4 T . -9.28 8.18 -35.95
O2 SO4 T . -10.64 7.81 -33.99
O3 SO4 T . -9.76 5.94 -35.24
O4 SO4 T . -11.51 7.32 -36.18
S SO4 U . -24.35 14.67 -4.89
O1 SO4 U . -23.93 16.08 -4.88
O2 SO4 U . -23.87 14.00 -6.11
O3 SO4 U . -25.82 14.57 -4.83
O4 SO4 U . -23.78 13.99 -3.71
S SO4 V . -36.69 27.61 -2.87
O1 SO4 V . -37.25 26.65 -3.84
O2 SO4 V . -37.55 27.66 -1.68
O3 SO4 V . -36.63 28.95 -3.49
O4 SO4 V . -35.33 27.19 -2.48
S SO4 W . -27.31 23.86 -9.58
O1 SO4 W . -27.96 23.40 -10.83
O2 SO4 W . -25.84 23.73 -9.71
O3 SO4 W . -27.78 23.04 -8.45
O4 SO4 W . -27.64 25.27 -9.36
S SO4 X . -2.85 24.79 13.55
O1 SO4 X . -3.76 23.99 12.70
O2 SO4 X . -3.01 24.37 14.95
O3 SO4 X . -3.17 26.22 13.41
O4 SO4 X . -1.46 24.55 13.11
S SO4 Y . -9.66 37.04 25.14
O1 SO4 Y . -8.60 37.76 24.39
O2 SO4 Y . -10.96 37.68 24.88
O3 SO4 Y . -9.35 37.09 26.58
O4 SO4 Y . -9.70 35.63 24.69
S SO4 Z . -0.88 28.92 23.41
O1 SO4 Z . 0.24 29.82 23.08
O2 SO4 Z . -0.38 27.54 23.46
O3 SO4 Z . -1.94 29.02 22.39
O4 SO4 Z . -1.43 29.28 24.73
C TRS AA . -16.00 13.97 10.39
C1 TRS AA . -15.45 14.63 9.07
C2 TRS AA . -14.71 13.64 11.20
C3 TRS AA . -16.69 12.63 10.12
N TRS AA . -16.85 14.98 10.95
O1 TRS AA . -14.92 15.91 9.51
O2 TRS AA . -15.14 13.14 12.51
O3 TRS AA . -17.80 12.70 9.16
S SO4 BA . -21.58 18.99 14.13
O1 SO4 BA . -22.54 19.87 14.81
O2 SO4 BA . -22.15 17.63 14.03
O3 SO4 BA . -20.33 18.98 14.90
O4 SO4 BA . -21.31 19.48 12.77
S SO4 CA . -19.01 0.49 21.41
O1 SO4 CA . -20.40 0.26 20.98
O2 SO4 CA . -18.25 -0.78 21.34
O3 SO4 CA . -18.98 1.01 22.78
O4 SO4 CA . -18.37 1.46 20.50
S SO4 DA . -33.54 5.44 30.46
O1 SO4 DA . -32.78 4.49 31.29
O2 SO4 DA . -33.45 6.79 31.03
O3 SO4 DA . -34.95 5.00 30.39
O4 SO4 DA . -32.99 5.48 29.09
S SO4 EA . -28.75 -3.09 23.21
O1 SO4 EA . -28.53 -4.11 24.26
O2 SO4 EA . -28.31 -3.61 21.90
O3 SO4 EA . -27.98 -1.88 23.54
O4 SO4 EA . -30.19 -2.77 23.14
S SO4 FA . 23.47 -15.16 7.58
O1 SO4 FA . 23.29 -16.57 7.19
O2 SO4 FA . 23.74 -14.36 6.38
O3 SO4 FA . 24.61 -15.03 8.51
O4 SO4 FA . 22.25 -14.68 8.25
S SO4 GA . 10.85 -22.06 21.07
O1 SO4 GA . 11.36 -23.07 22.04
O2 SO4 GA . 11.41 -22.33 19.75
O3 SO4 GA . 11.26 -20.73 21.53
O4 SO4 GA . 9.38 -22.17 21.02
S SO4 HA . -4.18 -27.05 9.26
O1 SO4 HA . -4.95 -26.97 10.51
O2 SO4 HA . -5.04 -26.64 8.12
O3 SO4 HA . -3.71 -28.43 9.03
O4 SO4 HA . -3.02 -26.14 9.34
S SO4 IA . -4.47 -41.02 20.70
O1 SO4 IA . -4.73 -41.50 19.33
O2 SO4 IA . -3.35 -41.78 21.29
O3 SO4 IA . -5.68 -41.23 21.53
O4 SO4 IA . -4.13 -39.59 20.68
S SO4 JA . -11.16 -32.17 15.58
O1 SO4 JA . -11.89 -32.90 14.53
O2 SO4 JA . -11.58 -30.76 15.59
O3 SO4 JA . -9.71 -32.25 15.33
O4 SO4 JA . -11.47 -32.78 16.89
C TRS KA . 8.06 -16.34 15.59
C1 TRS KA . 8.35 -16.79 14.11
C2 TRS KA . 6.52 -16.09 15.60
C3 TRS KA . 8.72 -15.00 15.91
N TRS KA . 8.52 -17.43 16.40
O1 TRS KA . 7.69 -18.08 13.99
O2 TRS KA . 6.13 -15.82 16.97
O3 TRS KA . 10.18 -14.99 15.75
S SO4 LA . 3.70 -5.00 27.74
O1 SO4 LA . 5.15 -5.07 27.92
O2 SO4 LA . 3.29 -3.58 27.58
O3 SO4 LA . 3.01 -5.56 28.91
O4 SO4 LA . 3.32 -5.74 26.52
S SO4 MA . 26.48 8.71 7.07
O1 SO4 MA . 26.24 10.12 7.38
O2 SO4 MA . 25.93 7.87 8.14
O3 SO4 MA . 27.94 8.46 6.93
O4 SO4 MA . 25.82 8.35 5.80
S SO4 NA . 40.94 19.51 7.57
O1 SO4 NA . 41.30 18.23 8.22
O2 SO4 NA . 41.88 19.75 6.45
O3 SO4 NA . 41.05 20.61 8.55
O4 SO4 NA . 39.56 19.45 7.06
S SO4 OA . 31.01 16.09 13.66
O1 SO4 OA . 31.58 15.32 14.78
O2 SO4 OA . 29.55 16.22 13.86
O3 SO4 OA . 31.27 15.38 12.40
O4 SO4 OA . 31.62 17.44 13.63
S SO4 PA . 7.31 26.20 -8.06
O1 SO4 PA . 7.39 26.12 -9.53
O2 SO4 PA . 5.91 26.12 -7.64
O3 SO4 PA . 7.90 27.47 -7.60
O4 SO4 PA . 8.07 25.08 -7.48
S SO4 QA . 6.33 32.77 -16.64
O1 SO4 QA . 5.40 33.84 -16.20
O2 SO4 QA . 5.56 31.57 -17.01
O3 SO4 QA . 7.26 32.45 -15.54
O4 SO4 QA . 7.10 33.24 -17.81
S SO4 RA . 28.96 40.92 13.18
O1 SO4 RA . 29.77 39.99 14.01
O2 SO4 RA . 27.76 40.23 12.68
O3 SO4 RA . 29.78 41.38 12.04
O4 SO4 RA . 28.56 42.07 14.00
C TRS SA . 18.30 12.73 -7.61
C1 TRS SA . 17.78 13.18 -6.20
C2 TRS SA . 17.03 12.83 -8.53
C3 TRS SA . 18.71 11.25 -7.60
N TRS SA . 19.36 13.63 -7.92
O1 TRS SA . 17.60 14.60 -6.31
O2 TRS SA . 17.46 12.61 -9.89
O3 TRS SA . 19.84 10.99 -6.70
S SO4 TA . 24.79 17.41 -10.35
O1 SO4 TA . 25.95 18.18 -10.80
O2 SO4 TA . 24.58 17.64 -8.91
O3 SO4 TA . 25.03 15.98 -10.62
O4 SO4 TA . 23.58 17.84 -11.08
S SO4 UA . 19.17 1.74 -21.26
O1 SO4 UA . 20.27 0.77 -21.37
O2 SO4 UA . 17.89 1.02 -21.19
O3 SO4 UA . 19.18 2.61 -22.46
O4 SO4 UA . 19.35 2.56 -20.05
#